data_7KDP
#
_entry.id   7KDP
#
_cell.length_a   1.00
_cell.length_b   1.00
_cell.length_c   1.00
_cell.angle_alpha   90.00
_cell.angle_beta   90.00
_cell.angle_gamma   90.00
#
_symmetry.space_group_name_H-M   'P 1'
#
loop_
_entity.id
_entity.type
_entity.pdbx_description
1 polymer 'Envelope glycoprotein B'
2 non-polymer 2-acetamido-2-deoxy-beta-D-glucopyranose
3 non-polymer N-{4-[({(1S)-1-[3,5-bis(trifluoromethyl)phenyl]ethyl}carbamothioyl)amino]phenyl}-1,3-thiazole-4-carboxamide
4 non-polymer 'CALCIUM ION'
#
_entity_poly.entity_id   1
_entity_poly.type   'polypeptide(L)'
_entity_poly.pdbx_seq_one_letter_code
;MESRIWCLVVCVNLCIVCLGAAVSSSSTRGTSATHSHHSSHTTSAAHSRSGSVSQRVTSSQTVSHGVNETIYNTTLKYGD
VVGVNTTKYPYRVCSMAQGTDLIRFERNIVCTSMKPINEDLDEGIMVVYKRNIVAHTFKVRVYQKVLTFRRSYAYIHTTY
LLGSNTEYVAPPMWEIHHINSHSQCYSSYSRVIAGTVFVAYHRDSYENKTMQLMPDDYSNTHSTRYVTVKDQWHSRGSTW
LYRETCNLNCMVTITTARSKYPYHFFATSTGDVVDISPFYNGTNRNASYFGENADKFFIFPNYTIVSDFGRPNSALETHR
LVAFLERADSVISWDIQDEKNVTCQLTFWEASERTIRSEAEDSYHFSSAKMTATFLSKKQEVNMSDSALDCVRDEAINKL
QQIFNTSYNQTYEKYGNVSVFETTGGLVVFWQGIKQKSLVELERLANRSSLNLTHNRTKRSTDGNNATHLSNMESVHNLV
YAQLQFTYDTLRGYINRALAQIAEAWCVDQRRTLEVFKELSKINPSAILSAIYNKPIAARFMGDVLGLASCVTINQTSVK
VLRDMNVKESPGRCYSRPVVIFNFANSSYVQYGQLGEDNEILLGNHRTEECQLPSLKIFIAGNSAYEYVDYLFKRMIDLS
SISTVDSMIALDIDPLENTDFRVLELYSQKELRSSNVFDLEEIMREFNSYKQRVKYVEDKVVDPLPPYLKGLDDLMSGLG
AAGKAVGVAIGAVGGAVASVVEGVATFLKNPFGAFTIILVAIAVVIIIYLIYTRQRRLCMQPLQNLFPYLVSADGTTVTS
GNTKDTSLQAPPSYEESVYNSGRKGPGPPSSDASTAAPPYTNEQAYQMLLALVRLDAEQRAQQNGTDSLDGQTGTQDKGQ
KPNLLDRLRHRKNGYRHLKDSDEEENV
;
_entity_poly.pdbx_strand_id   A,B,C
#
# COMPACT_ATOMS: atom_id res chain seq x y z
N THR A 86 7.47 -32.90 3.87
CA THR A 86 6.72 -31.66 3.84
C THR A 86 5.59 -31.72 2.83
N THR A 87 4.78 -32.77 2.90
CA THR A 87 3.64 -32.92 2.01
C THR A 87 2.53 -31.92 2.30
N LYS A 88 2.54 -31.31 3.49
CA LYS A 88 1.52 -30.30 3.80
C LYS A 88 1.65 -29.09 2.89
N TYR A 89 2.87 -28.65 2.62
CA TYR A 89 3.13 -27.44 1.83
C TYR A 89 4.11 -27.75 0.72
N PRO A 90 3.63 -28.26 -0.42
CA PRO A 90 4.50 -28.49 -1.57
C PRO A 90 4.78 -27.19 -2.31
N TYR A 91 5.89 -27.19 -3.05
CA TYR A 91 6.25 -26.03 -3.85
C TYR A 91 5.18 -25.73 -4.88
N ARG A 92 4.82 -24.46 -4.99
CA ARG A 92 3.80 -24.06 -5.94
C ARG A 92 4.14 -22.68 -6.47
N VAL A 93 3.75 -22.43 -7.72
CA VAL A 93 4.17 -21.22 -8.42
C VAL A 93 2.93 -20.39 -8.75
N CYS A 94 1.92 -20.48 -7.90
CA CYS A 94 0.63 -19.84 -8.18
C CYS A 94 0.70 -18.36 -7.87
N SER A 95 0.84 -17.55 -8.92
CA SER A 95 0.64 -16.12 -8.84
C SER A 95 -0.17 -15.60 -10.03
N MET A 96 -0.70 -16.51 -10.85
CA MET A 96 -1.41 -16.16 -12.07
C MET A 96 -2.74 -16.91 -12.09
N ALA A 97 -3.80 -16.21 -12.48
CA ALA A 97 -5.15 -16.78 -12.42
C ALA A 97 -6.02 -16.11 -13.47
N GLN A 98 -6.39 -16.86 -14.50
CA GLN A 98 -7.29 -16.40 -15.53
C GLN A 98 -8.74 -16.56 -15.07
N GLY A 99 -9.69 -16.43 -15.99
CA GLY A 99 -11.08 -16.46 -15.64
C GLY A 99 -11.61 -17.84 -15.31
N THR A 100 -12.80 -18.17 -15.81
CA THR A 100 -13.51 -19.43 -15.56
C THR A 100 -14.00 -19.52 -14.12
N ASP A 101 -13.68 -18.52 -13.30
CA ASP A 101 -14.18 -18.43 -11.94
C ASP A 101 -14.26 -16.96 -11.56
N LEU A 102 -15.43 -16.53 -11.11
CA LEU A 102 -15.63 -15.13 -10.73
C LEU A 102 -16.39 -15.06 -9.43
N ILE A 103 -15.89 -14.26 -8.49
CA ILE A 103 -16.54 -14.03 -7.21
C ILE A 103 -16.57 -12.53 -6.94
N ARG A 104 -17.45 -12.13 -6.04
CA ARG A 104 -17.73 -10.71 -5.78
C ARG A 104 -17.92 -10.50 -4.28
N PHE A 105 -17.96 -9.24 -3.88
CA PHE A 105 -18.01 -8.84 -2.48
C PHE A 105 -19.22 -7.95 -2.18
N GLU A 106 -20.42 -8.45 -2.49
CA GLU A 106 -21.68 -7.70 -2.34
C GLU A 106 -21.70 -6.78 -1.13
N ARG A 107 -22.06 -5.52 -1.36
CA ARG A 107 -21.87 -4.47 -0.37
C ARG A 107 -22.91 -4.53 0.74
N ASN A 108 -24.18 -4.38 0.39
CA ASN A 108 -25.24 -4.12 1.36
C ASN A 108 -25.92 -5.41 1.78
N ILE A 109 -25.78 -5.75 3.06
CA ILE A 109 -26.58 -6.79 3.70
C ILE A 109 -27.19 -6.16 4.96
N VAL A 110 -28.49 -6.39 5.16
CA VAL A 110 -29.24 -5.71 6.21
C VAL A 110 -29.66 -6.70 7.27
N CYS A 111 -29.48 -6.31 8.54
CA CYS A 111 -30.00 -7.07 9.66
C CYS A 111 -31.35 -6.51 10.09
N THR A 112 -32.17 -7.37 10.69
CA THR A 112 -33.55 -7.02 10.98
C THR A 112 -33.70 -6.48 12.40
N SER A 113 -34.94 -6.16 12.77
CA SER A 113 -35.29 -5.68 14.10
C SER A 113 -36.37 -6.62 14.63
N MET A 114 -35.97 -7.59 15.43
CA MET A 114 -36.82 -8.73 15.77
C MET A 114 -37.50 -8.54 17.12
N LYS A 115 -38.22 -7.41 17.24
CA LYS A 115 -39.09 -7.24 18.40
C LYS A 115 -40.38 -6.51 18.02
N PRO A 116 -41.08 -6.89 16.92
CA PRO A 116 -42.34 -6.20 16.62
C PRO A 116 -43.47 -6.60 17.57
N ILE A 117 -43.74 -7.91 17.66
CA ILE A 117 -44.91 -8.44 18.36
C ILE A 117 -44.50 -9.80 18.92
N ASN A 118 -45.41 -10.45 19.65
CA ASN A 118 -45.31 -11.88 20.01
C ASN A 118 -44.06 -12.16 20.85
N GLU A 119 -44.09 -11.62 22.07
CA GLU A 119 -43.05 -11.95 23.05
C GLU A 119 -42.98 -13.44 23.32
N ASP A 120 -44.08 -14.18 23.18
CA ASP A 120 -44.04 -15.63 23.24
C ASP A 120 -43.52 -16.20 21.93
N LEU A 121 -42.81 -17.32 22.02
CA LEU A 121 -42.03 -17.79 20.89
C LEU A 121 -41.79 -19.30 21.02
N ASP A 122 -41.49 -19.92 19.88
CA ASP A 122 -41.35 -21.36 19.77
C ASP A 122 -39.89 -21.75 19.57
N GLU A 123 -39.66 -23.03 19.35
CA GLU A 123 -38.32 -23.57 19.13
C GLU A 123 -38.44 -24.99 18.59
N GLY A 124 -37.52 -25.36 17.70
CA GLY A 124 -37.52 -26.68 17.09
C GLY A 124 -36.15 -27.15 16.66
N ILE A 125 -36.09 -28.03 15.67
CA ILE A 125 -34.83 -28.50 15.11
C ILE A 125 -34.93 -28.45 13.58
N MET A 126 -34.03 -27.72 12.94
CA MET A 126 -34.09 -27.51 11.49
C MET A 126 -32.76 -27.87 10.87
N VAL A 127 -32.79 -28.18 9.57
CA VAL A 127 -31.58 -28.36 8.79
C VAL A 127 -31.68 -27.49 7.54
N VAL A 128 -30.55 -26.95 7.11
CA VAL A 128 -30.50 -25.91 6.10
C VAL A 128 -29.59 -26.32 4.95
N TYR A 129 -30.00 -25.97 3.73
CA TYR A 129 -29.17 -26.16 2.56
C TYR A 129 -29.59 -25.19 1.46
N LYS A 130 -28.61 -24.72 0.69
CA LYS A 130 -28.84 -23.74 -0.35
C LYS A 130 -28.95 -24.43 -1.71
N ARG A 131 -28.94 -23.62 -2.77
CA ARG A 131 -29.11 -24.10 -4.14
C ARG A 131 -27.80 -23.92 -4.90
N ASN A 132 -27.35 -24.98 -5.59
CA ASN A 132 -26.14 -24.92 -6.39
C ASN A 132 -26.39 -25.51 -7.77
N ILE A 133 -25.46 -25.23 -8.68
CA ILE A 133 -25.53 -25.74 -10.05
C ILE A 133 -24.17 -26.32 -10.42
N VAL A 134 -24.20 -27.40 -11.19
CA VAL A 134 -22.99 -28.08 -11.63
C VAL A 134 -22.49 -27.45 -12.92
N ALA A 135 -21.17 -27.36 -13.05
CA ALA A 135 -20.52 -26.79 -14.21
C ALA A 135 -20.24 -27.90 -15.23
N HIS A 136 -19.44 -27.58 -16.26
CA HIS A 136 -19.12 -28.53 -17.30
C HIS A 136 -17.72 -28.25 -17.81
N THR A 137 -16.90 -29.31 -17.88
CA THR A 137 -15.53 -29.21 -18.36
C THR A 137 -15.32 -30.18 -19.52
N PHE A 138 -14.84 -29.66 -20.66
CA PHE A 138 -14.87 -30.46 -21.88
C PHE A 138 -13.64 -30.35 -22.80
N LYS A 139 -12.55 -29.74 -22.36
CA LYS A 139 -11.23 -29.91 -23.00
C LYS A 139 -11.24 -29.47 -24.46
N VAL A 140 -11.35 -28.15 -24.66
CA VAL A 140 -11.25 -27.53 -25.98
C VAL A 140 -9.83 -27.63 -26.51
N ARG A 141 -9.64 -27.30 -27.80
CA ARG A 141 -8.32 -27.20 -28.41
C ARG A 141 -8.20 -25.90 -29.17
N VAL A 142 -7.00 -25.36 -29.24
CA VAL A 142 -6.75 -24.07 -29.91
C VAL A 142 -5.53 -24.20 -30.80
N TYR A 143 -5.68 -23.84 -32.07
CA TYR A 143 -4.58 -23.80 -33.02
C TYR A 143 -4.17 -22.36 -33.29
N GLN A 144 -2.86 -22.16 -33.43
CA GLN A 144 -2.32 -20.81 -33.63
C GLN A 144 -0.98 -20.93 -34.33
N LYS A 145 -0.53 -19.82 -34.91
CA LYS A 145 0.74 -19.79 -35.62
C LYS A 145 1.37 -18.43 -35.43
N VAL A 146 2.44 -18.38 -34.63
CA VAL A 146 3.14 -17.15 -34.32
C VAL A 146 4.27 -16.95 -35.33
N LEU A 147 4.31 -15.80 -35.97
CA LEU A 147 5.42 -15.48 -36.87
C LEU A 147 6.00 -14.14 -36.48
N THR A 148 7.32 -14.07 -36.40
CA THR A 148 8.01 -12.87 -35.94
C THR A 148 9.10 -12.49 -36.92
N PHE A 149 9.22 -11.19 -37.19
CA PHE A 149 10.31 -10.67 -37.99
C PHE A 149 11.36 -10.05 -37.08
N ARG A 150 12.63 -10.29 -37.41
CA ARG A 150 13.73 -9.71 -36.65
C ARG A 150 14.82 -9.29 -37.63
N ARG A 151 15.15 -8.01 -37.64
CA ARG A 151 16.17 -7.47 -38.53
C ARG A 151 17.36 -6.98 -37.72
N SER A 152 18.55 -7.21 -38.26
CA SER A 152 19.78 -6.98 -37.51
C SER A 152 20.92 -6.63 -38.44
N TYR A 153 21.96 -6.05 -37.86
CA TYR A 153 23.20 -5.71 -38.53
C TYR A 153 24.35 -6.39 -37.80
N ALA A 154 25.39 -6.77 -38.55
CA ALA A 154 26.46 -7.60 -38.03
C ALA A 154 27.80 -6.87 -38.17
N TYR A 155 28.32 -6.36 -37.06
CA TYR A 155 29.65 -5.77 -37.05
C TYR A 155 30.70 -6.88 -37.06
N ILE A 156 31.98 -6.48 -37.04
CA ILE A 156 33.06 -7.45 -37.10
C ILE A 156 33.15 -8.30 -35.83
N HIS A 157 32.83 -7.73 -34.66
CA HIS A 157 32.93 -8.44 -33.40
C HIS A 157 31.62 -8.58 -32.65
N THR A 158 30.61 -7.78 -32.97
CA THR A 158 29.31 -7.85 -32.31
C THR A 158 28.20 -7.78 -33.34
N THR A 159 27.01 -8.18 -32.93
CA THR A 159 25.83 -8.17 -33.79
C THR A 159 24.73 -7.38 -33.10
N TYR A 160 24.34 -6.26 -33.70
CA TYR A 160 23.27 -5.44 -33.16
C TYR A 160 21.93 -5.87 -33.75
N LEU A 161 20.91 -5.90 -32.91
CA LEU A 161 19.55 -6.17 -33.36
C LEU A 161 18.79 -4.85 -33.41
N LEU A 162 18.26 -4.51 -34.58
CA LEU A 162 17.55 -3.24 -34.76
C LEU A 162 16.05 -3.42 -34.60
N GLY A 163 15.65 -4.02 -33.49
CA GLY A 163 14.25 -4.22 -33.20
C GLY A 163 13.67 -5.47 -33.84
N SER A 164 12.53 -5.91 -33.31
CA SER A 164 11.83 -7.08 -33.81
C SER A 164 10.35 -6.93 -33.50
N ASN A 165 9.52 -7.68 -34.22
CA ASN A 165 8.08 -7.59 -34.03
C ASN A 165 7.44 -8.92 -34.34
N THR A 166 6.60 -9.41 -33.43
CA THR A 166 5.86 -10.65 -33.63
C THR A 166 4.44 -10.34 -34.09
N GLU A 167 3.75 -11.38 -34.54
CA GLU A 167 2.33 -11.28 -34.81
C GLU A 167 1.74 -12.68 -34.93
N TYR A 168 0.49 -12.81 -34.48
CA TYR A 168 -0.21 -14.07 -34.44
C TYR A 168 -1.26 -14.12 -35.54
N VAL A 169 -1.29 -15.21 -36.29
CA VAL A 169 -2.26 -15.39 -37.36
C VAL A 169 -2.80 -16.81 -37.30
N ALA A 170 -4.12 -16.94 -37.45
CA ALA A 170 -4.72 -18.25 -37.46
C ALA A 170 -4.41 -18.97 -38.77
N PRO A 171 -4.18 -20.28 -38.73
CA PRO A 171 -3.84 -21.01 -39.94
C PRO A 171 -5.08 -21.25 -40.80
N PRO A 172 -4.89 -21.54 -42.10
CA PRO A 172 -6.04 -21.91 -42.93
C PRO A 172 -6.60 -23.29 -42.59
N MET A 173 -7.69 -23.69 -43.24
CA MET A 173 -8.36 -24.93 -42.86
C MET A 173 -7.58 -26.17 -43.28
N TRP A 174 -6.97 -26.16 -44.46
CA TRP A 174 -6.24 -27.34 -44.91
C TRP A 174 -5.07 -27.65 -44.00
N GLU A 175 -4.40 -26.62 -43.49
CA GLU A 175 -3.32 -26.84 -42.54
C GLU A 175 -3.83 -27.48 -41.26
N ILE A 176 -5.03 -27.08 -40.80
CA ILE A 176 -5.59 -27.69 -39.61
C ILE A 176 -5.97 -29.14 -39.88
N HIS A 177 -6.50 -29.44 -41.07
CA HIS A 177 -6.78 -30.83 -41.41
C HIS A 177 -5.51 -31.65 -41.39
N HIS A 178 -4.43 -31.11 -41.94
CA HIS A 178 -3.15 -31.82 -41.94
C HIS A 178 -2.63 -32.02 -40.52
N ILE A 179 -2.78 -31.01 -39.67
CA ILE A 179 -2.34 -31.13 -38.28
C ILE A 179 -3.11 -32.22 -37.57
N ASN A 180 -4.43 -32.23 -37.72
CA ASN A 180 -5.26 -33.21 -37.03
C ASN A 180 -5.18 -34.60 -37.65
N SER A 181 -4.66 -34.72 -38.86
CA SER A 181 -4.53 -36.03 -39.48
C SER A 181 -3.16 -36.66 -39.32
N HIS A 182 -2.09 -35.85 -39.22
CA HIS A 182 -0.76 -36.41 -39.16
C HIS A 182 0.15 -35.78 -38.12
N SER A 183 -0.33 -34.81 -37.34
CA SER A 183 0.43 -34.19 -36.27
C SER A 183 1.76 -33.62 -36.77
N GLN A 184 1.71 -32.98 -37.94
CA GLN A 184 2.84 -32.23 -38.44
C GLN A 184 2.31 -31.09 -39.30
N CYS A 185 2.95 -29.94 -39.24
CA CYS A 185 2.43 -28.75 -39.91
C CYS A 185 3.51 -28.10 -40.77
N TYR A 186 3.05 -27.32 -41.75
CA TYR A 186 3.91 -26.80 -42.80
C TYR A 186 4.75 -25.64 -42.28
N SER A 187 5.69 -25.22 -43.13
CA SER A 187 6.61 -24.14 -42.77
C SER A 187 6.59 -23.02 -43.80
N SER A 188 5.39 -22.64 -44.25
CA SER A 188 5.27 -21.59 -45.25
C SER A 188 3.88 -20.97 -45.13
N TYR A 189 3.83 -19.73 -44.62
CA TYR A 189 2.57 -19.02 -44.47
C TYR A 189 2.34 -18.12 -45.68
N SER A 190 1.11 -18.08 -46.16
CA SER A 190 0.82 -17.57 -47.50
C SER A 190 -0.35 -16.58 -47.47
N ARG A 191 -0.28 -15.61 -46.56
CA ARG A 191 -1.33 -14.60 -46.47
C ARG A 191 -1.30 -13.67 -47.68
N VAL A 192 -2.41 -12.97 -47.87
CA VAL A 192 -2.57 -11.96 -48.91
C VAL A 192 -2.95 -10.65 -48.23
N ILE A 193 -2.30 -9.56 -48.64
CA ILE A 193 -2.68 -8.27 -48.08
C ILE A 193 -3.22 -7.36 -49.17
N ALA A 194 -4.51 -7.49 -49.45
CA ALA A 194 -5.34 -6.53 -50.17
C ALA A 194 -4.95 -6.31 -51.63
N GLY A 195 -3.79 -6.79 -52.06
CA GLY A 195 -3.49 -6.70 -53.48
C GLY A 195 -2.59 -7.77 -54.07
N THR A 196 -2.04 -8.65 -53.23
CA THR A 196 -1.06 -9.63 -53.66
C THR A 196 -0.65 -10.46 -52.45
N VAL A 197 -0.01 -11.59 -52.72
CA VAL A 197 0.39 -12.55 -51.70
C VAL A 197 1.87 -12.37 -51.40
N PHE A 198 2.24 -12.57 -50.13
CA PHE A 198 3.61 -12.53 -49.66
C PHE A 198 3.89 -13.87 -48.98
N VAL A 199 4.52 -14.79 -49.70
CA VAL A 199 4.82 -16.11 -49.15
C VAL A 199 5.99 -16.03 -48.19
N ALA A 200 5.70 -16.03 -46.90
CA ALA A 200 6.74 -16.04 -45.89
C ALA A 200 7.38 -17.42 -45.84
N TYR A 201 8.54 -17.51 -45.18
CA TYR A 201 9.23 -18.79 -45.06
C TYR A 201 9.89 -18.86 -43.68
N HIS A 202 10.08 -20.09 -43.20
CA HIS A 202 10.53 -20.30 -41.83
C HIS A 202 11.93 -19.73 -41.61
N ARG A 203 12.83 -19.93 -42.58
CA ARG A 203 14.21 -19.53 -42.39
C ARG A 203 14.77 -18.93 -43.67
N ASP A 204 13.92 -18.31 -44.49
CA ASP A 204 14.28 -17.82 -45.81
C ASP A 204 14.92 -18.91 -46.67
N SER A 205 14.57 -20.17 -46.41
CA SER A 205 15.08 -21.28 -47.19
C SER A 205 14.28 -21.53 -48.46
N TYR A 206 13.10 -20.92 -48.58
CA TYR A 206 12.27 -21.03 -49.78
C TYR A 206 11.93 -22.48 -50.09
N GLU A 207 11.34 -23.16 -49.10
CA GLU A 207 10.91 -24.54 -49.27
C GLU A 207 9.58 -24.75 -48.57
N ASN A 208 8.88 -25.80 -48.98
CA ASN A 208 7.56 -26.13 -48.48
C ASN A 208 7.60 -27.37 -47.58
N LYS A 209 8.63 -27.47 -46.74
CA LYS A 209 8.84 -28.65 -45.92
C LYS A 209 7.74 -28.77 -44.86
N THR A 210 7.80 -29.87 -44.11
CA THR A 210 6.91 -30.14 -43.00
C THR A 210 7.73 -30.26 -41.71
N MET A 211 7.16 -29.81 -40.60
CA MET A 211 7.83 -29.89 -39.32
C MET A 211 6.94 -30.65 -38.33
N GLN A 212 7.58 -31.45 -37.49
CA GLN A 212 6.88 -32.22 -36.47
C GLN A 212 6.50 -31.31 -35.30
N LEU A 213 5.74 -31.86 -34.37
CA LEU A 213 5.37 -31.18 -33.14
C LEU A 213 5.98 -31.91 -31.96
N MET A 214 6.50 -31.16 -31.00
CA MET A 214 7.19 -31.73 -29.85
C MET A 214 6.76 -30.94 -28.62
N PRO A 215 6.81 -31.57 -27.45
CA PRO A 215 6.23 -30.93 -26.26
C PRO A 215 6.98 -29.67 -25.84
N ASP A 216 6.27 -28.78 -25.17
CA ASP A 216 6.81 -27.52 -24.68
C ASP A 216 7.06 -27.59 -23.18
N ASP A 217 7.77 -26.59 -22.67
CA ASP A 217 8.26 -26.58 -21.30
C ASP A 217 7.33 -25.86 -20.34
N TYR A 218 6.02 -25.81 -20.64
CA TYR A 218 5.03 -25.24 -19.72
C TYR A 218 3.84 -26.20 -19.70
N SER A 219 3.88 -27.18 -18.80
CA SER A 219 2.85 -28.19 -18.70
C SER A 219 2.03 -27.98 -17.43
N ASN A 220 0.98 -28.77 -17.30
CA ASN A 220 0.04 -28.67 -16.19
C ASN A 220 -0.80 -29.94 -16.16
N THR A 221 -1.80 -29.95 -15.29
CA THR A 221 -2.84 -30.95 -15.36
C THR A 221 -3.98 -30.53 -16.27
N HIS A 222 -4.05 -29.25 -16.61
CA HIS A 222 -5.12 -28.68 -17.43
C HIS A 222 -4.56 -27.81 -18.53
N SER A 223 -3.42 -28.19 -19.09
CA SER A 223 -2.80 -27.44 -20.19
C SER A 223 -1.70 -28.30 -20.79
N THR A 224 -1.34 -27.96 -22.02
CA THR A 224 -0.27 -28.62 -22.76
C THR A 224 -0.01 -27.76 -24.01
N ARG A 225 1.17 -27.92 -24.58
CA ARG A 225 1.50 -27.26 -25.83
C ARG A 225 2.34 -28.20 -26.67
N TYR A 226 2.32 -27.98 -27.98
CA TYR A 226 3.05 -28.82 -28.92
C TYR A 226 3.77 -27.95 -29.95
N VAL A 227 4.45 -26.92 -29.45
CA VAL A 227 5.18 -26.00 -30.31
C VAL A 227 6.19 -26.76 -31.17
N THR A 228 6.48 -26.22 -32.35
CA THR A 228 7.37 -26.89 -33.30
C THR A 228 8.74 -26.24 -33.43
N VAL A 229 8.93 -25.02 -32.94
CA VAL A 229 10.25 -24.39 -32.93
C VAL A 229 10.50 -23.82 -31.55
N LYS A 230 11.17 -24.58 -30.69
CA LYS A 230 11.35 -24.18 -29.31
C LYS A 230 12.42 -23.09 -29.14
N ASP A 231 13.48 -23.15 -29.93
CA ASP A 231 14.61 -22.26 -29.73
C ASP A 231 14.38 -20.94 -30.45
N GLN A 232 15.38 -20.08 -30.44
CA GLN A 232 15.42 -18.84 -31.21
C GLN A 232 16.67 -18.83 -32.06
N TRP A 233 16.60 -18.15 -33.20
CA TRP A 233 17.68 -18.19 -34.19
C TRP A 233 18.49 -16.91 -34.10
N HIS A 234 19.76 -17.05 -33.71
CA HIS A 234 20.69 -15.94 -33.56
C HIS A 234 21.79 -15.98 -34.61
N SER A 235 21.45 -16.41 -35.83
CA SER A 235 22.42 -16.56 -36.90
C SER A 235 23.12 -15.23 -37.17
N ARG A 236 24.44 -15.22 -36.96
CA ARG A 236 25.20 -13.98 -37.09
C ARG A 236 25.19 -13.48 -38.53
N GLY A 237 25.48 -14.36 -39.49
CA GLY A 237 25.52 -13.97 -40.89
C GLY A 237 26.79 -13.23 -41.24
N SER A 238 26.85 -12.81 -42.50
CA SER A 238 28.02 -12.10 -43.00
C SER A 238 28.10 -10.71 -42.39
N THR A 239 29.34 -10.25 -42.18
CA THR A 239 29.57 -8.94 -41.60
C THR A 239 29.19 -7.84 -42.58
N TRP A 240 28.65 -6.74 -42.05
CA TRP A 240 28.24 -5.58 -42.83
C TRP A 240 27.17 -5.95 -43.86
N LEU A 241 26.08 -6.55 -43.37
CA LEU A 241 24.97 -6.92 -44.24
C LEU A 241 23.70 -6.90 -43.39
N TYR A 242 22.94 -5.81 -43.49
CA TYR A 242 21.67 -5.68 -42.78
C TYR A 242 20.68 -6.70 -43.33
N ARG A 243 20.15 -7.56 -42.46
CA ARG A 243 19.27 -8.61 -42.94
C ARG A 243 18.18 -8.92 -41.91
N GLU A 244 17.04 -9.40 -42.40
CA GLU A 244 15.89 -9.72 -41.58
C GLU A 244 15.50 -11.19 -41.76
N THR A 245 14.98 -11.79 -40.70
CA THR A 245 14.65 -13.20 -40.68
C THR A 245 13.28 -13.39 -40.05
N CYS A 246 12.64 -14.51 -40.40
CA CYS A 246 11.35 -14.91 -39.86
C CYS A 246 11.51 -16.17 -39.03
N ASN A 247 10.55 -16.41 -38.15
CA ASN A 247 10.64 -17.52 -37.18
C ASN A 247 9.28 -18.20 -36.99
N LEU A 248 8.60 -18.54 -38.08
CA LEU A 248 7.30 -19.21 -38.00
C LEU A 248 7.30 -20.34 -36.98
N ASN A 249 6.33 -20.31 -36.08
CA ASN A 249 6.36 -21.13 -34.86
C ASN A 249 5.01 -21.79 -34.60
N CYS A 250 4.51 -22.52 -35.61
CA CYS A 250 3.28 -23.30 -35.54
C CYS A 250 3.07 -23.95 -34.18
N MET A 251 1.88 -23.73 -33.59
CA MET A 251 1.61 -24.29 -32.28
C MET A 251 0.15 -24.74 -32.13
N VAL A 252 -0.04 -25.76 -31.30
CA VAL A 252 -1.35 -26.29 -30.92
C VAL A 252 -1.37 -26.41 -29.41
N THR A 253 -2.51 -26.09 -28.80
CA THR A 253 -2.64 -26.21 -27.36
C THR A 253 -3.97 -26.87 -27.03
N ILE A 254 -4.00 -27.53 -25.87
CA ILE A 254 -5.14 -28.32 -25.43
C ILE A 254 -5.46 -27.92 -24.00
N THR A 255 -6.45 -27.03 -23.84
CA THR A 255 -6.84 -26.55 -22.53
C THR A 255 -8.15 -27.21 -22.11
N THR A 256 -8.70 -26.76 -20.98
CA THR A 256 -9.99 -27.25 -20.49
C THR A 256 -10.85 -26.06 -20.12
N ALA A 257 -12.03 -25.97 -20.70
CA ALA A 257 -12.94 -24.86 -20.46
C ALA A 257 -13.98 -25.23 -19.41
N ARG A 258 -14.67 -24.22 -18.90
CA ARG A 258 -15.72 -24.43 -17.90
C ARG A 258 -16.82 -23.42 -18.13
N SER A 259 -18.05 -23.91 -18.26
CA SER A 259 -19.23 -23.06 -18.45
C SER A 259 -20.25 -23.35 -17.37
N LYS A 260 -21.08 -22.35 -17.07
CA LYS A 260 -22.07 -22.45 -16.01
C LYS A 260 -23.44 -22.05 -16.53
N TYR A 261 -24.45 -22.34 -15.72
CA TYR A 261 -25.83 -22.10 -16.11
C TYR A 261 -26.04 -20.63 -16.45
N PRO A 262 -26.84 -20.31 -17.48
CA PRO A 262 -27.59 -21.24 -18.32
C PRO A 262 -26.85 -21.70 -19.58
N TYR A 263 -25.53 -21.86 -19.48
CA TYR A 263 -24.72 -22.46 -20.54
C TYR A 263 -24.84 -21.68 -21.85
N HIS A 264 -24.39 -20.42 -21.83
CA HIS A 264 -24.36 -19.68 -23.09
C HIS A 264 -23.07 -18.90 -23.30
N PHE A 265 -22.00 -19.23 -22.55
CA PHE A 265 -20.65 -18.81 -22.88
C PHE A 265 -19.67 -19.59 -22.04
N PHE A 266 -18.63 -20.14 -22.65
CA PHE A 266 -17.64 -20.92 -21.92
C PHE A 266 -16.27 -20.28 -22.09
N ALA A 267 -15.55 -20.14 -20.97
CA ALA A 267 -14.24 -19.53 -20.94
C ALA A 267 -13.19 -20.61 -20.75
N THR A 268 -12.16 -20.59 -21.58
CA THR A 268 -11.12 -21.61 -21.53
C THR A 268 -10.10 -21.24 -20.46
N SER A 269 -9.12 -22.13 -20.28
CA SER A 269 -8.12 -21.94 -19.22
C SER A 269 -7.19 -20.78 -19.53
N THR A 270 -6.74 -20.66 -20.79
CA THR A 270 -5.82 -19.59 -21.14
C THR A 270 -6.46 -18.21 -20.97
N GLY A 271 -7.75 -18.09 -21.31
CA GLY A 271 -8.42 -16.82 -21.16
C GLY A 271 -9.38 -16.50 -22.28
N ASP A 272 -9.39 -17.33 -23.32
CA ASP A 272 -10.29 -17.11 -24.44
C ASP A 272 -11.74 -17.32 -24.01
N VAL A 273 -12.61 -16.43 -24.49
CA VAL A 273 -14.04 -16.48 -24.17
C VAL A 273 -14.82 -16.40 -25.47
N VAL A 274 -15.77 -17.32 -25.64
CA VAL A 274 -16.61 -17.36 -26.83
C VAL A 274 -18.07 -17.47 -26.39
N ASP A 275 -18.95 -16.78 -27.11
CA ASP A 275 -20.37 -16.73 -26.76
C ASP A 275 -21.16 -17.75 -27.58
N ILE A 276 -20.90 -19.02 -27.30
CA ILE A 276 -21.61 -20.12 -27.92
C ILE A 276 -21.88 -21.19 -26.87
N SER A 277 -23.08 -21.72 -26.87
CA SER A 277 -23.39 -22.80 -25.93
C SER A 277 -22.66 -24.07 -26.35
N PRO A 278 -22.05 -24.80 -25.40
CA PRO A 278 -21.34 -26.03 -25.75
C PRO A 278 -22.24 -27.10 -26.33
N PHE A 279 -23.55 -27.02 -26.10
CA PHE A 279 -24.49 -28.02 -26.62
C PHE A 279 -25.06 -27.66 -27.97
N TYR A 280 -24.62 -26.56 -28.58
CA TYR A 280 -25.19 -26.12 -29.86
C TYR A 280 -24.62 -26.99 -30.97
N ASN A 281 -25.41 -27.92 -31.46
CA ASN A 281 -25.13 -28.56 -32.73
C ASN A 281 -25.89 -27.78 -33.81
N GLY A 282 -26.04 -28.36 -35.00
CA GLY A 282 -26.58 -27.61 -36.12
C GLY A 282 -27.98 -27.08 -35.92
N THR A 283 -28.84 -27.82 -35.21
CA THR A 283 -30.28 -27.58 -35.20
C THR A 283 -30.81 -27.37 -33.78
N ASN A 284 -30.16 -26.51 -33.01
CA ASN A 284 -30.63 -26.17 -31.66
C ASN A 284 -30.59 -24.67 -31.44
N ARG A 285 -31.00 -23.89 -32.44
CA ARG A 285 -30.87 -22.45 -32.34
C ARG A 285 -31.78 -21.88 -31.24
N ASN A 286 -33.03 -22.33 -31.17
CA ASN A 286 -33.94 -21.80 -30.17
C ASN A 286 -33.68 -22.38 -28.79
N ALA A 287 -33.33 -23.66 -28.71
CA ALA A 287 -33.12 -24.29 -27.42
C ALA A 287 -31.81 -23.87 -26.76
N SER A 288 -30.74 -23.70 -27.54
CA SER A 288 -29.44 -23.33 -27.02
C SER A 288 -28.94 -22.08 -27.73
N TYR A 289 -28.22 -21.24 -26.98
CA TYR A 289 -27.80 -19.94 -27.45
C TYR A 289 -26.75 -20.07 -28.55
N PHE A 290 -26.69 -19.04 -29.40
CA PHE A 290 -25.66 -18.94 -30.43
C PHE A 290 -25.60 -17.50 -30.91
N GLY A 291 -24.46 -16.83 -30.68
CA GLY A 291 -24.35 -15.44 -31.05
C GLY A 291 -23.02 -14.98 -31.60
N GLU A 292 -22.27 -15.85 -32.29
CA GLU A 292 -20.92 -15.48 -32.73
C GLU A 292 -20.89 -14.92 -34.16
N ASN A 293 -21.26 -15.73 -35.15
CA ASN A 293 -21.21 -15.30 -36.55
C ASN A 293 -21.77 -16.43 -37.41
N ALA A 294 -21.92 -16.15 -38.70
CA ALA A 294 -22.48 -17.11 -39.63
C ALA A 294 -21.40 -17.92 -40.35
N ASP A 295 -20.55 -17.25 -41.13
CA ASP A 295 -19.49 -17.95 -41.85
C ASP A 295 -18.17 -17.95 -41.07
N LYS A 296 -18.27 -18.32 -39.80
CA LYS A 296 -17.11 -18.54 -38.94
C LYS A 296 -17.34 -19.76 -38.08
N PHE A 297 -18.04 -20.75 -38.63
CA PHE A 297 -18.47 -21.90 -37.85
C PHE A 297 -18.50 -23.11 -38.77
N PHE A 298 -17.94 -24.22 -38.31
CA PHE A 298 -17.93 -25.45 -39.10
C PHE A 298 -18.18 -26.63 -38.18
N ILE A 299 -19.15 -27.46 -38.54
CA ILE A 299 -19.46 -28.68 -37.82
C ILE A 299 -19.11 -29.86 -38.72
N PHE A 300 -18.25 -30.74 -38.21
CA PHE A 300 -17.79 -31.90 -38.96
C PHE A 300 -18.22 -33.17 -38.26
N PRO A 301 -18.89 -34.09 -38.95
CA PRO A 301 -19.20 -35.40 -38.37
C PRO A 301 -18.14 -36.44 -38.73
N ASN A 302 -17.86 -37.32 -37.77
CA ASN A 302 -16.85 -38.38 -37.93
C ASN A 302 -15.52 -37.80 -38.40
N TYR A 303 -14.95 -36.94 -37.55
CA TYR A 303 -13.68 -36.29 -37.84
C TYR A 303 -12.54 -37.11 -37.27
N THR A 304 -11.71 -37.67 -38.15
CA THR A 304 -10.61 -38.54 -37.75
C THR A 304 -9.52 -37.67 -37.13
N ILE A 305 -9.43 -37.72 -35.80
CA ILE A 305 -8.50 -36.89 -35.05
C ILE A 305 -7.44 -37.79 -34.40
N VAL A 306 -6.18 -37.37 -34.48
CA VAL A 306 -5.09 -38.13 -33.88
C VAL A 306 -5.21 -38.07 -32.37
N SER A 307 -4.80 -39.16 -31.70
CA SER A 307 -5.05 -39.28 -30.27
C SER A 307 -4.11 -38.38 -29.45
N ASP A 308 -2.83 -38.31 -29.84
CA ASP A 308 -1.87 -37.54 -29.05
C ASP A 308 -0.79 -37.01 -29.97
N PHE A 309 -0.62 -35.69 -29.99
CA PHE A 309 0.40 -35.06 -30.81
C PHE A 309 1.78 -35.27 -30.20
N GLY A 310 2.80 -35.21 -31.06
CA GLY A 310 4.16 -35.41 -30.63
C GLY A 310 4.72 -36.73 -31.10
N ARG A 311 3.92 -37.78 -31.00
CA ARG A 311 4.33 -39.06 -31.55
C ARG A 311 4.17 -39.04 -33.06
N PRO A 312 5.20 -39.44 -33.82
CA PRO A 312 5.11 -39.32 -35.29
C PRO A 312 3.91 -40.03 -35.90
N ASN A 313 3.55 -41.20 -35.39
CA ASN A 313 2.41 -41.97 -35.88
C ASN A 313 1.66 -42.51 -34.68
N SER A 314 0.57 -41.83 -34.29
CA SER A 314 -0.27 -42.29 -33.20
C SER A 314 -1.46 -43.06 -33.77
N ALA A 315 -2.42 -43.38 -32.91
CA ALA A 315 -3.62 -44.11 -33.30
C ALA A 315 -4.80 -43.16 -33.38
N LEU A 316 -5.49 -43.16 -34.53
CA LEU A 316 -6.59 -42.24 -34.75
C LEU A 316 -7.81 -42.66 -33.93
N GLU A 317 -8.79 -41.76 -33.87
CA GLU A 317 -10.04 -42.03 -33.16
C GLU A 317 -11.10 -41.06 -33.66
N THR A 318 -12.21 -41.59 -34.17
CA THR A 318 -13.23 -40.78 -34.83
C THR A 318 -14.25 -40.30 -33.81
N HIS A 319 -14.31 -39.00 -33.59
CA HIS A 319 -15.31 -38.42 -32.69
C HIS A 319 -16.63 -38.24 -33.43
N ARG A 320 -17.68 -37.94 -32.65
CA ARG A 320 -19.01 -37.81 -33.23
C ARG A 320 -19.16 -36.50 -34.00
N LEU A 321 -19.03 -35.37 -33.30
CA LEU A 321 -19.12 -34.05 -33.92
C LEU A 321 -18.00 -33.18 -33.39
N VAL A 322 -17.39 -32.40 -34.30
CA VAL A 322 -16.36 -31.46 -33.92
C VAL A 322 -16.71 -30.10 -34.51
N ALA A 323 -16.45 -29.04 -33.74
CA ALA A 323 -16.81 -27.69 -34.12
C ALA A 323 -15.59 -26.80 -34.15
N PHE A 324 -15.47 -26.01 -35.23
CA PHE A 324 -14.44 -25.00 -35.41
C PHE A 324 -15.08 -23.62 -35.49
N LEU A 325 -14.39 -22.63 -34.94
CA LEU A 325 -14.90 -21.28 -34.70
C LEU A 325 -13.87 -20.22 -35.11
N GLU A 326 -13.43 -20.27 -36.36
CA GLU A 326 -12.39 -19.39 -36.89
C GLU A 326 -12.54 -17.97 -36.41
N ARG A 327 -11.53 -17.48 -35.69
CA ARG A 327 -11.45 -16.09 -35.28
C ARG A 327 -10.41 -15.37 -36.14
N ALA A 328 -10.11 -14.13 -35.78
CA ALA A 328 -9.17 -13.34 -36.55
C ALA A 328 -7.72 -13.73 -36.33
N ASP A 329 -7.42 -14.39 -35.20
CA ASP A 329 -6.03 -14.71 -34.88
C ASP A 329 -5.83 -16.10 -34.30
N SER A 330 -6.88 -16.92 -34.20
CA SER A 330 -6.77 -18.25 -33.62
C SER A 330 -7.82 -19.14 -34.25
N VAL A 331 -7.78 -20.43 -33.93
CA VAL A 331 -8.87 -21.33 -34.29
C VAL A 331 -9.22 -22.16 -33.07
N ILE A 332 -10.46 -22.09 -32.63
CA ILE A 332 -10.92 -22.84 -31.47
C ILE A 332 -11.76 -24.03 -31.96
N SER A 333 -11.59 -25.17 -31.31
CA SER A 333 -12.31 -26.38 -31.69
C SER A 333 -12.75 -27.10 -30.43
N TRP A 334 -13.88 -27.80 -30.53
CA TRP A 334 -14.34 -28.58 -29.40
C TRP A 334 -15.28 -29.70 -29.86
N ASP A 335 -15.47 -30.67 -28.98
CA ASP A 335 -16.44 -31.73 -29.23
C ASP A 335 -17.82 -31.28 -28.82
N ILE A 336 -18.81 -31.54 -29.68
CA ILE A 336 -20.19 -31.18 -29.38
C ILE A 336 -20.67 -32.07 -28.24
N GLN A 337 -20.90 -31.48 -27.07
CA GLN A 337 -21.23 -32.24 -25.88
C GLN A 337 -22.61 -32.87 -26.01
N ASP A 338 -22.92 -33.75 -25.06
CA ASP A 338 -24.19 -34.47 -25.03
C ASP A 338 -25.12 -33.84 -23.99
N GLU A 339 -26.39 -34.22 -24.04
CA GLU A 339 -27.40 -33.60 -23.20
C GLU A 339 -27.12 -33.83 -21.72
N LYS A 340 -27.38 -32.79 -20.92
CA LYS A 340 -27.02 -32.79 -19.52
C LYS A 340 -27.94 -33.69 -18.69
N ASN A 341 -27.36 -34.29 -17.66
CA ASN A 341 -28.12 -34.96 -16.61
C ASN A 341 -28.65 -33.96 -15.59
N VAL A 342 -29.82 -34.26 -15.03
CA VAL A 342 -30.43 -33.46 -13.99
C VAL A 342 -30.88 -34.37 -12.87
N THR A 343 -30.44 -34.07 -11.64
CA THR A 343 -30.92 -34.78 -10.46
C THR A 343 -31.69 -33.85 -9.52
N CYS A 344 -31.05 -32.81 -9.01
CA CYS A 344 -31.65 -31.76 -8.19
C CYS A 344 -30.53 -30.80 -7.79
N GLN A 345 -30.91 -29.74 -7.10
CA GLN A 345 -29.98 -28.71 -6.63
C GLN A 345 -30.02 -28.68 -5.10
N LEU A 346 -29.11 -29.42 -4.47
CA LEU A 346 -28.97 -29.45 -3.02
C LEU A 346 -27.51 -29.27 -2.65
N THR A 347 -27.28 -28.76 -1.44
CA THR A 347 -25.93 -28.43 -1.00
C THR A 347 -25.58 -29.01 0.36
N PHE A 348 -26.59 -29.20 1.21
CA PHE A 348 -26.40 -29.60 2.61
C PHE A 348 -25.47 -28.61 3.32
N TRP A 349 -25.98 -27.37 3.46
CA TRP A 349 -25.19 -26.31 4.07
C TRP A 349 -24.71 -26.69 5.47
N GLU A 350 -25.64 -27.11 6.33
CA GLU A 350 -25.35 -27.36 7.73
C GLU A 350 -26.61 -27.95 8.38
N ALA A 351 -26.41 -28.59 9.53
CA ALA A 351 -27.50 -29.15 10.31
C ALA A 351 -27.36 -28.66 11.74
N SER A 352 -28.24 -27.75 12.15
CA SER A 352 -28.20 -27.20 13.49
C SER A 352 -28.93 -28.13 14.46
N GLU A 353 -28.97 -27.73 15.73
CA GLU A 353 -29.63 -28.51 16.77
C GLU A 353 -30.57 -27.71 17.65
N ARG A 354 -30.43 -26.39 17.71
CA ARG A 354 -31.31 -25.54 18.51
C ARG A 354 -31.64 -24.30 17.70
N THR A 355 -32.92 -24.08 17.45
CA THR A 355 -33.38 -22.89 16.74
C THR A 355 -34.40 -22.15 17.59
N ILE A 356 -34.60 -20.88 17.24
CA ILE A 356 -35.53 -19.99 17.93
C ILE A 356 -36.40 -19.31 16.89
N ARG A 357 -37.72 -19.35 17.10
CA ARG A 357 -38.67 -18.83 16.11
C ARG A 357 -39.48 -17.72 16.73
N SER A 358 -39.45 -16.54 16.11
CA SER A 358 -40.19 -15.38 16.56
C SER A 358 -41.18 -14.97 15.47
N GLU A 359 -42.38 -15.55 15.53
CA GLU A 359 -43.42 -15.28 14.54
C GLU A 359 -44.01 -13.90 14.78
N ALA A 360 -43.74 -12.95 13.88
CA ALA A 360 -44.26 -11.60 14.06
C ALA A 360 -45.69 -11.46 13.52
N GLU A 361 -45.84 -11.47 12.19
CA GLU A 361 -47.18 -11.61 11.61
C GLU A 361 -47.20 -12.61 10.45
N ASP A 362 -46.17 -12.55 9.60
CA ASP A 362 -46.06 -13.50 8.49
C ASP A 362 -44.62 -13.86 8.18
N SER A 363 -43.66 -13.54 9.04
CA SER A 363 -42.24 -13.54 8.72
C SER A 363 -41.46 -14.36 9.73
N TYR A 364 -41.88 -15.62 9.91
CA TYR A 364 -41.23 -16.55 10.84
C TYR A 364 -39.72 -16.42 10.76
N HIS A 365 -39.10 -16.10 11.90
CA HIS A 365 -37.67 -15.85 11.98
C HIS A 365 -36.99 -17.05 12.62
N PHE A 366 -36.04 -17.64 11.90
CA PHE A 366 -35.29 -18.79 12.43
C PHE A 366 -34.00 -18.27 13.04
N SER A 367 -34.13 -17.71 14.24
CA SER A 367 -32.99 -17.15 14.96
C SER A 367 -32.15 -18.31 15.51
N SER A 368 -31.38 -18.89 14.60
CA SER A 368 -30.60 -20.08 14.95
C SER A 368 -29.55 -19.73 16.00
N ALA A 369 -29.17 -20.76 16.77
CA ALA A 369 -28.22 -20.61 17.85
C ALA A 369 -26.78 -20.83 17.39
N LYS A 370 -26.56 -21.03 16.11
CA LYS A 370 -25.22 -21.11 15.53
C LYS A 370 -24.52 -19.75 15.50
N MET A 371 -25.25 -18.67 15.82
CA MET A 371 -24.74 -17.30 15.83
C MET A 371 -24.27 -16.84 14.46
N THR A 372 -24.66 -17.53 13.39
CA THR A 372 -24.29 -17.14 12.04
C THR A 372 -25.48 -17.32 11.09
N ALA A 373 -26.62 -17.78 11.60
CA ALA A 373 -27.79 -18.05 10.78
C ALA A 373 -28.95 -17.20 11.28
N THR A 374 -29.51 -16.38 10.39
CA THR A 374 -30.64 -15.50 10.71
C THR A 374 -31.44 -15.33 9.41
N PHE A 375 -32.52 -16.09 9.30
CA PHE A 375 -33.27 -16.19 8.05
C PHE A 375 -34.62 -15.49 8.18
N LEU A 376 -35.44 -15.60 7.14
CA LEU A 376 -36.79 -15.06 7.10
C LEU A 376 -37.55 -15.76 5.99
N SER A 377 -38.84 -16.01 6.22
CA SER A 377 -39.67 -16.67 5.22
C SER A 377 -41.10 -16.14 5.35
N LYS A 378 -41.94 -16.54 4.40
CA LYS A 378 -43.35 -16.18 4.39
C LYS A 378 -44.18 -17.33 4.94
N LYS A 379 -45.26 -16.98 5.65
CA LYS A 379 -46.00 -17.99 6.40
C LYS A 379 -46.81 -18.90 5.49
N GLN A 380 -46.12 -19.69 4.67
CA GLN A 380 -46.79 -20.66 3.81
C GLN A 380 -45.86 -21.83 3.58
N GLU A 381 -46.34 -23.02 3.90
CA GLU A 381 -45.63 -24.25 3.57
C GLU A 381 -45.47 -24.36 2.06
N VAL A 382 -44.34 -24.91 1.64
CA VAL A 382 -43.98 -24.95 0.23
C VAL A 382 -44.43 -26.25 -0.44
N ASN A 383 -45.33 -26.99 0.19
CA ASN A 383 -45.92 -28.21 -0.38
C ASN A 383 -44.85 -29.26 -0.67
N MET A 384 -44.37 -29.85 0.42
CA MET A 384 -43.34 -30.88 0.43
C MET A 384 -43.43 -31.82 -0.76
N SER A 385 -44.64 -32.16 -1.17
CA SER A 385 -44.83 -32.88 -2.43
C SER A 385 -44.76 -31.92 -3.62
N ASP A 386 -43.68 -31.15 -3.70
CA ASP A 386 -43.46 -30.21 -4.79
C ASP A 386 -42.57 -30.84 -5.86
N SER A 387 -42.80 -30.44 -7.10
CA SER A 387 -42.05 -31.03 -8.22
C SER A 387 -40.76 -30.28 -8.49
N ALA A 388 -39.98 -30.00 -7.45
CA ALA A 388 -38.63 -29.50 -7.63
C ALA A 388 -37.62 -30.03 -6.63
N LEU A 389 -38.02 -30.91 -5.71
CA LEU A 389 -37.11 -31.35 -4.66
C LEU A 389 -37.30 -32.82 -4.28
N ASP A 390 -37.86 -33.64 -5.17
CA ASP A 390 -38.23 -35.00 -4.81
C ASP A 390 -37.03 -35.90 -4.53
N CYS A 391 -35.80 -35.49 -4.84
CA CYS A 391 -34.65 -36.31 -4.52
C CYS A 391 -34.41 -36.36 -3.02
N VAL A 392 -34.45 -35.20 -2.36
CA VAL A 392 -34.23 -35.12 -0.92
C VAL A 392 -35.52 -35.31 -0.14
N ARG A 393 -36.62 -35.66 -0.80
CA ARG A 393 -37.91 -35.76 -0.14
C ARG A 393 -37.87 -36.76 1.02
N ASP A 394 -37.41 -37.97 0.75
CA ASP A 394 -37.25 -38.94 1.83
C ASP A 394 -36.10 -38.55 2.75
N GLU A 395 -34.96 -38.19 2.17
CA GLU A 395 -33.78 -37.84 2.94
C GLU A 395 -34.04 -36.63 3.84
N ALA A 396 -35.10 -35.88 3.56
CA ALA A 396 -35.46 -34.76 4.42
C ALA A 396 -35.76 -35.23 5.84
N ILE A 397 -36.48 -36.34 5.98
CA ILE A 397 -37.03 -36.68 7.30
C ILE A 397 -35.96 -37.31 8.19
N ASN A 398 -35.22 -38.29 7.66
CA ASN A 398 -34.47 -39.21 8.52
C ASN A 398 -33.49 -38.47 9.41
N LYS A 399 -32.71 -37.55 8.83
CA LYS A 399 -31.71 -36.83 9.62
C LYS A 399 -32.34 -36.13 10.81
N LEU A 400 -33.46 -35.44 10.61
CA LEU A 400 -34.13 -34.82 11.76
C LEU A 400 -34.37 -35.86 12.84
N GLN A 401 -34.95 -36.99 12.45
CA GLN A 401 -35.21 -38.06 13.41
C GLN A 401 -33.95 -38.41 14.19
N GLN A 402 -32.83 -38.64 13.48
CA GLN A 402 -31.63 -39.09 14.18
C GLN A 402 -31.18 -38.03 15.17
N ILE A 403 -31.24 -36.76 14.77
CA ILE A 403 -30.78 -35.71 15.69
C ILE A 403 -31.68 -35.68 16.92
N PHE A 404 -32.97 -35.99 16.73
CA PHE A 404 -33.85 -36.19 17.87
C PHE A 404 -33.28 -37.26 18.79
N ASN A 405 -33.08 -38.47 18.22
CA ASN A 405 -32.48 -39.55 18.99
C ASN A 405 -31.06 -39.21 19.42
N THR A 406 -30.44 -38.20 18.81
CA THR A 406 -29.14 -37.77 19.27
C THR A 406 -29.21 -37.22 20.69
N SER A 407 -30.22 -36.39 20.97
CA SER A 407 -30.28 -35.73 22.28
C SER A 407 -31.65 -35.74 22.93
N TYR A 408 -32.74 -35.91 22.19
CA TYR A 408 -34.08 -35.86 22.75
C TYR A 408 -34.63 -37.28 22.80
N ASN A 409 -34.32 -37.97 23.89
CA ASN A 409 -34.70 -39.38 24.01
C ASN A 409 -36.15 -39.53 24.45
N GLN A 410 -36.49 -39.08 25.66
CA GLN A 410 -37.86 -39.10 26.15
C GLN A 410 -38.29 -37.83 26.86
N THR A 411 -37.36 -36.98 27.28
CA THR A 411 -37.73 -35.74 27.96
C THR A 411 -38.41 -34.77 26.99
N TYR A 412 -37.91 -34.69 25.76
CA TYR A 412 -38.42 -33.78 24.74
C TYR A 412 -39.31 -34.56 23.79
N GLU A 413 -40.54 -34.12 23.62
CA GLU A 413 -41.53 -34.76 22.76
C GLU A 413 -41.72 -33.93 21.48
N LYS A 414 -41.92 -34.65 20.37
CA LYS A 414 -42.12 -33.99 19.08
C LYS A 414 -43.46 -33.27 19.05
N TYR A 415 -43.57 -32.30 18.14
CA TYR A 415 -44.74 -31.43 18.04
C TYR A 415 -45.12 -31.35 16.56
N GLY A 416 -46.12 -32.13 16.17
CA GLY A 416 -46.61 -32.06 14.81
C GLY A 416 -45.67 -32.70 13.80
N ASN A 417 -46.01 -32.49 12.53
CA ASN A 417 -45.25 -33.04 11.43
C ASN A 417 -44.12 -32.10 11.04
N VAL A 418 -43.29 -32.55 10.09
CA VAL A 418 -42.21 -31.72 9.58
C VAL A 418 -42.78 -30.60 8.72
N SER A 419 -42.11 -29.45 8.72
CA SER A 419 -42.54 -28.30 7.94
C SER A 419 -41.37 -27.79 7.11
N VAL A 420 -41.72 -27.20 5.96
CA VAL A 420 -40.76 -26.75 4.95
C VAL A 420 -41.01 -25.28 4.65
N PHE A 421 -39.99 -24.45 4.79
CA PHE A 421 -40.07 -23.02 4.56
C PHE A 421 -39.06 -22.61 3.50
N GLU A 422 -39.49 -21.77 2.56
CA GLU A 422 -38.59 -21.19 1.57
C GLU A 422 -38.23 -19.77 2.02
N THR A 423 -36.93 -19.51 2.16
CA THR A 423 -36.48 -18.24 2.70
C THR A 423 -36.51 -17.17 1.61
N THR A 424 -36.08 -15.96 1.96
CA THR A 424 -35.99 -14.87 0.99
C THR A 424 -34.78 -15.03 0.08
N GLY A 425 -33.69 -15.61 0.58
CA GLY A 425 -32.50 -15.79 -0.23
C GLY A 425 -32.73 -16.73 -1.40
N GLY A 426 -33.40 -17.86 -1.14
CA GLY A 426 -33.65 -18.83 -2.17
C GLY A 426 -33.35 -20.25 -1.73
N LEU A 427 -33.01 -20.42 -0.46
CA LEU A 427 -32.65 -21.71 0.10
C LEU A 427 -33.81 -22.29 0.91
N VAL A 428 -34.09 -23.56 0.71
CA VAL A 428 -35.19 -24.24 1.40
C VAL A 428 -34.67 -24.80 2.71
N VAL A 429 -35.39 -24.53 3.80
CA VAL A 429 -35.01 -25.00 5.14
C VAL A 429 -36.22 -25.66 5.77
N PHE A 430 -36.03 -26.82 6.36
CA PHE A 430 -37.14 -27.56 6.96
C PHE A 430 -36.80 -28.03 8.36
N TRP A 431 -37.85 -28.12 9.18
CA TRP A 431 -37.73 -28.23 10.62
C TRP A 431 -38.82 -29.13 11.19
N GLN A 432 -38.55 -29.64 12.38
CA GLN A 432 -39.51 -30.41 13.17
C GLN A 432 -39.62 -29.73 14.53
N GLY A 433 -40.85 -29.48 14.98
CA GLY A 433 -41.06 -28.81 16.24
C GLY A 433 -40.88 -29.75 17.42
N ILE A 434 -40.42 -29.18 18.53
CA ILE A 434 -40.18 -29.98 19.73
C ILE A 434 -40.64 -29.18 20.94
N LYS A 435 -41.06 -29.89 21.98
CA LYS A 435 -41.48 -29.29 23.24
C LYS A 435 -41.14 -30.24 24.36
N GLN A 436 -41.45 -29.85 25.59
CA GLN A 436 -41.20 -30.74 26.73
C GLN A 436 -42.51 -31.34 27.22
N GLN A 483 -48.85 -25.47 39.33
CA GLN A 483 -48.65 -24.12 39.82
C GLN A 483 -47.29 -23.58 39.40
N LEU A 484 -46.22 -24.29 39.81
CA LEU A 484 -44.87 -23.88 39.44
C LEU A 484 -44.56 -24.10 37.96
N GLN A 485 -45.43 -24.83 37.24
CA GLN A 485 -45.26 -25.00 35.81
C GLN A 485 -45.27 -23.65 35.10
N PHE A 486 -46.16 -22.75 35.53
CA PHE A 486 -46.21 -21.41 34.97
C PHE A 486 -44.90 -20.67 35.21
N THR A 487 -44.34 -20.80 36.41
CA THR A 487 -43.06 -20.17 36.71
C THR A 487 -41.96 -20.70 35.81
N TYR A 488 -41.91 -22.01 35.62
CA TYR A 488 -40.91 -22.60 34.73
C TYR A 488 -41.07 -22.08 33.31
N ASP A 489 -42.32 -21.99 32.84
CA ASP A 489 -42.56 -21.47 31.50
C ASP A 489 -42.08 -20.03 31.37
N THR A 490 -42.35 -19.20 32.37
CA THR A 490 -41.90 -17.82 32.32
C THR A 490 -40.38 -17.73 32.30
N LEU A 491 -39.70 -18.54 33.11
CA LEU A 491 -38.23 -18.55 33.08
C LEU A 491 -37.71 -18.94 31.71
N ARG A 492 -38.26 -20.01 31.14
CA ARG A 492 -37.79 -20.46 29.83
C ARG A 492 -38.03 -19.39 28.77
N GLY A 493 -39.20 -18.75 28.80
CA GLY A 493 -39.47 -17.71 27.82
C GLY A 493 -38.54 -16.52 27.96
N TYR A 494 -38.26 -16.11 29.20
CA TYR A 494 -37.35 -14.98 29.40
C TYR A 494 -35.95 -15.31 28.90
N ILE A 495 -35.46 -16.51 29.18
CA ILE A 495 -34.14 -16.91 28.70
C ILE A 495 -34.10 -16.94 27.17
N ASN A 496 -35.14 -17.50 26.56
CA ASN A 496 -35.19 -17.55 25.10
C ASN A 496 -35.19 -16.16 24.50
N ARG A 497 -35.96 -15.24 25.09
CA ARG A 497 -35.96 -13.86 24.59
C ARG A 497 -34.58 -13.24 24.70
N ALA A 498 -33.90 -13.47 25.82
CA ALA A 498 -32.57 -12.91 25.99
C ALA A 498 -31.61 -13.43 24.93
N LEU A 499 -31.60 -14.74 24.70
CA LEU A 499 -30.68 -15.30 23.71
C LEU A 499 -31.01 -14.81 22.30
N ALA A 500 -32.29 -14.72 21.96
CA ALA A 500 -32.67 -14.21 20.65
C ALA A 500 -32.20 -12.79 20.46
N GLN A 501 -32.35 -11.95 21.48
CA GLN A 501 -31.90 -10.56 21.36
C GLN A 501 -30.38 -10.48 21.24
N ILE A 502 -29.65 -11.34 21.95
CA ILE A 502 -28.20 -11.35 21.83
C ILE A 502 -27.79 -11.70 20.40
N ALA A 503 -28.42 -12.72 19.81
CA ALA A 503 -28.08 -13.07 18.43
C ALA A 503 -28.45 -11.94 17.47
N GLU A 504 -29.59 -11.30 17.71
CA GLU A 504 -30.01 -10.17 16.88
C GLU A 504 -28.97 -9.05 16.90
N ALA A 505 -28.43 -8.75 18.09
CA ALA A 505 -27.38 -7.75 18.18
C ALA A 505 -26.08 -8.23 17.57
N TRP A 506 -25.84 -9.55 17.59
CA TRP A 506 -24.62 -10.10 17.01
C TRP A 506 -24.63 -10.01 15.48
N CYS A 507 -25.82 -9.96 14.88
CA CYS A 507 -25.94 -9.95 13.42
C CYS A 507 -25.06 -8.92 12.72
N VAL A 508 -24.68 -7.83 13.39
CA VAL A 508 -24.02 -6.71 12.72
C VAL A 508 -22.52 -6.96 12.45
N ASP A 509 -21.86 -7.71 13.32
CA ASP A 509 -20.42 -7.90 13.16
C ASP A 509 -20.08 -8.65 11.88
N GLN A 510 -21.02 -9.45 11.36
CA GLN A 510 -20.78 -10.08 10.06
C GLN A 510 -20.71 -9.03 8.95
N ARG A 511 -21.63 -8.06 8.96
CA ARG A 511 -21.54 -6.95 8.04
C ARG A 511 -20.21 -6.22 8.19
N ARG A 512 -19.81 -5.99 9.44
CA ARG A 512 -18.55 -5.27 9.67
C ARG A 512 -17.36 -6.05 9.13
N THR A 513 -17.34 -7.37 9.33
CA THR A 513 -16.25 -8.20 8.85
C THR A 513 -16.20 -8.22 7.33
N LEU A 514 -17.35 -8.31 6.67
CA LEU A 514 -17.36 -8.22 5.21
C LEU A 514 -16.82 -6.88 4.73
N GLU A 515 -17.20 -5.80 5.41
CA GLU A 515 -16.66 -4.49 5.04
C GLU A 515 -15.15 -4.45 5.19
N VAL A 516 -14.62 -5.03 6.26
CA VAL A 516 -13.18 -5.02 6.49
C VAL A 516 -12.46 -5.84 5.42
N PHE A 517 -12.99 -7.03 5.12
CA PHE A 517 -12.36 -7.87 4.11
C PHE A 517 -12.42 -7.24 2.72
N LYS A 518 -13.45 -6.44 2.44
CA LYS A 518 -13.52 -5.80 1.13
C LYS A 518 -12.33 -4.88 0.89
N GLU A 519 -11.72 -4.37 1.96
CA GLU A 519 -10.54 -3.53 1.82
C GLU A 519 -9.24 -4.29 2.02
N LEU A 520 -9.23 -5.31 2.88
CA LEU A 520 -8.05 -6.16 2.97
C LEU A 520 -7.77 -6.93 1.69
N SER A 521 -8.82 -7.25 0.92
CA SER A 521 -8.60 -7.98 -0.32
C SER A 521 -7.81 -7.16 -1.33
N LYS A 522 -7.67 -5.86 -1.11
CA LYS A 522 -6.86 -5.02 -1.99
C LYS A 522 -5.38 -5.08 -1.68
N ILE A 523 -5.00 -5.70 -0.56
CA ILE A 523 -3.59 -5.86 -0.21
C ILE A 523 -3.04 -7.19 -0.73
N ASN A 524 -3.71 -8.29 -0.44
CA ASN A 524 -3.28 -9.59 -0.91
C ASN A 524 -4.48 -10.52 -1.05
N PRO A 525 -5.09 -10.58 -2.23
CA PRO A 525 -6.31 -11.41 -2.37
C PRO A 525 -6.08 -12.88 -2.08
N SER A 526 -4.91 -13.40 -2.45
CA SER A 526 -4.64 -14.83 -2.28
C SER A 526 -4.69 -15.21 -0.82
N ALA A 527 -4.03 -14.44 0.04
CA ALA A 527 -3.98 -14.77 1.46
C ALA A 527 -5.38 -14.71 2.08
N ILE A 528 -6.14 -13.68 1.76
CA ILE A 528 -7.47 -13.51 2.35
C ILE A 528 -8.38 -14.66 1.93
N LEU A 529 -8.40 -14.97 0.63
CA LEU A 529 -9.29 -16.03 0.15
C LEU A 529 -8.86 -17.39 0.67
N SER A 530 -7.56 -17.65 0.70
CA SER A 530 -7.08 -18.92 1.26
C SER A 530 -7.37 -19.02 2.75
N ALA A 531 -7.41 -17.91 3.47
CA ALA A 531 -7.74 -17.95 4.88
C ALA A 531 -9.22 -18.22 5.09
N ILE A 532 -10.09 -17.58 4.30
CA ILE A 532 -11.52 -17.75 4.52
C ILE A 532 -12.11 -18.95 3.79
N TYR A 533 -11.31 -19.66 2.99
CA TYR A 533 -11.76 -20.88 2.35
C TYR A 533 -11.04 -22.13 2.85
N ASN A 534 -9.94 -21.97 3.59
CA ASN A 534 -9.15 -23.09 4.11
C ASN A 534 -8.64 -23.98 2.98
N LYS A 535 -8.33 -23.37 1.84
CA LYS A 535 -7.71 -24.05 0.71
C LYS A 535 -6.64 -23.14 0.12
N PRO A 536 -5.60 -23.71 -0.47
CA PRO A 536 -4.59 -22.89 -1.15
C PRO A 536 -5.10 -22.40 -2.49
N ILE A 537 -5.39 -21.10 -2.57
CA ILE A 537 -6.07 -20.51 -3.71
C ILE A 537 -5.30 -19.30 -4.20
N ALA A 538 -5.12 -19.22 -5.52
CA ALA A 538 -4.51 -18.08 -6.18
C ALA A 538 -5.59 -17.28 -6.88
N ALA A 539 -5.71 -16.01 -6.53
CA ALA A 539 -6.75 -15.15 -7.07
C ALA A 539 -6.12 -13.85 -7.59
N ARG A 540 -6.81 -13.24 -8.55
CA ARG A 540 -6.28 -12.03 -9.16
C ARG A 540 -7.43 -11.13 -9.58
N PHE A 541 -7.25 -9.82 -9.36
CA PHE A 541 -8.27 -8.86 -9.72
C PHE A 541 -8.44 -8.80 -11.24
N MET A 542 -9.67 -8.53 -11.66
CA MET A 542 -10.04 -8.43 -13.07
C MET A 542 -10.86 -7.17 -13.30
N GLY A 543 -10.36 -6.06 -12.80
CA GLY A 543 -11.09 -4.81 -12.83
C GLY A 543 -11.89 -4.59 -11.57
N ASP A 544 -12.97 -5.35 -11.40
CA ASP A 544 -13.81 -5.21 -10.22
C ASP A 544 -14.26 -6.54 -9.62
N VAL A 545 -13.92 -7.67 -10.24
CA VAL A 545 -14.34 -8.99 -9.77
C VAL A 545 -13.12 -9.89 -9.74
N LEU A 546 -13.03 -10.72 -8.70
CA LEU A 546 -11.87 -11.58 -8.53
C LEU A 546 -11.96 -12.82 -9.42
N GLY A 547 -10.79 -13.28 -9.88
CA GLY A 547 -10.70 -14.52 -10.61
C GLY A 547 -9.89 -15.55 -9.84
N LEU A 548 -10.41 -16.76 -9.73
CA LEU A 548 -9.86 -17.81 -8.88
C LEU A 548 -9.14 -18.86 -9.71
N ALA A 549 -8.22 -19.57 -9.05
CA ALA A 549 -7.57 -20.74 -9.62
C ALA A 549 -6.77 -21.44 -8.53
N SER A 550 -6.44 -22.71 -8.76
CA SER A 550 -5.59 -23.43 -7.83
C SER A 550 -4.13 -23.11 -8.12
N CYS A 551 -3.23 -23.89 -7.52
CA CYS A 551 -1.80 -23.64 -7.66
C CYS A 551 -1.16 -24.69 -8.55
N VAL A 552 -0.36 -24.24 -9.51
CA VAL A 552 0.48 -25.14 -10.28
C VAL A 552 1.48 -25.82 -9.36
N THR A 553 1.83 -27.06 -9.70
CA THR A 553 2.76 -27.84 -8.90
C THR A 553 4.01 -28.16 -9.71
N ILE A 554 5.16 -27.81 -9.16
CA ILE A 554 6.47 -27.99 -9.80
C ILE A 554 6.91 -29.43 -9.55
N ASN A 555 7.96 -29.88 -10.25
CA ASN A 555 8.46 -31.25 -10.18
C ASN A 555 8.62 -31.78 -8.76
N GLN A 556 8.78 -30.88 -7.79
CA GLN A 556 8.86 -31.17 -6.36
C GLN A 556 10.15 -31.89 -5.96
N THR A 557 11.01 -32.23 -6.91
CA THR A 557 12.21 -32.99 -6.60
C THR A 557 13.49 -32.21 -6.80
N SER A 558 13.63 -31.50 -7.91
CA SER A 558 14.84 -30.74 -8.21
C SER A 558 14.50 -29.25 -8.06
N VAL A 559 14.55 -28.76 -6.84
CA VAL A 559 14.44 -27.33 -6.56
C VAL A 559 15.55 -26.92 -5.60
N LYS A 560 16.66 -26.45 -6.16
CA LYS A 560 17.80 -26.06 -5.34
C LYS A 560 17.68 -24.60 -4.94
N VAL A 561 17.70 -24.34 -3.65
CA VAL A 561 17.65 -22.99 -3.11
C VAL A 561 19.09 -22.54 -2.91
N LEU A 562 19.53 -21.58 -3.72
CA LEU A 562 20.91 -21.14 -3.68
C LEU A 562 21.23 -20.50 -2.33
N ARG A 563 22.39 -20.84 -1.78
CA ARG A 563 22.84 -20.28 -0.51
C ARG A 563 23.64 -19.00 -0.74
N ASP A 564 23.04 -18.09 -1.51
CA ASP A 564 23.65 -16.80 -1.80
C ASP A 564 22.56 -15.76 -1.98
N MET A 565 22.91 -14.51 -1.73
CA MET A 565 21.99 -13.43 -1.94
C MET A 565 22.61 -12.22 -2.63
N ASN A 566 23.93 -12.20 -2.82
CA ASN A 566 24.60 -11.08 -3.46
C ASN A 566 24.49 -11.18 -4.97
N VAL A 567 24.11 -10.09 -5.62
CA VAL A 567 24.09 -10.05 -7.07
C VAL A 567 25.52 -10.12 -7.56
N LYS A 568 25.81 -11.11 -8.41
CA LYS A 568 27.20 -11.39 -8.78
C LYS A 568 27.81 -10.25 -9.57
N GLU A 569 27.06 -9.70 -10.54
CA GLU A 569 27.62 -8.67 -11.40
C GLU A 569 27.74 -7.33 -10.68
N SER A 570 26.73 -6.95 -9.90
CA SER A 570 26.67 -5.61 -9.35
C SER A 570 27.17 -5.60 -7.91
N PRO A 571 28.26 -4.89 -7.60
CA PRO A 571 28.70 -4.79 -6.20
C PRO A 571 27.88 -3.75 -5.46
N GLY A 572 27.43 -4.12 -4.25
CA GLY A 572 26.61 -3.24 -3.45
C GLY A 572 25.13 -3.45 -3.56
N ARG A 573 24.69 -4.51 -4.22
CA ARG A 573 23.28 -4.84 -4.35
C ARG A 573 23.11 -6.33 -4.13
N CYS A 574 22.14 -6.72 -3.31
CA CYS A 574 21.93 -8.13 -3.01
C CYS A 574 20.43 -8.41 -2.94
N TYR A 575 20.05 -9.64 -3.29
CA TYR A 575 18.64 -10.02 -3.41
C TYR A 575 17.87 -9.81 -2.11
N SER A 576 16.55 -9.74 -2.19
CA SER A 576 15.72 -9.59 -1.01
C SER A 576 15.16 -10.91 -0.50
N ARG A 577 14.89 -11.86 -1.38
CA ARG A 577 14.45 -13.19 -1.02
C ARG A 577 15.31 -14.20 -1.77
N PRO A 578 15.58 -15.37 -1.18
CA PRO A 578 16.52 -16.30 -1.80
C PRO A 578 16.06 -16.74 -3.17
N VAL A 579 17.02 -16.91 -4.08
CA VAL A 579 16.72 -17.25 -5.46
C VAL A 579 16.61 -18.76 -5.59
N VAL A 580 15.66 -19.22 -6.41
CA VAL A 580 15.33 -20.64 -6.54
C VAL A 580 15.43 -21.03 -8.01
N ILE A 581 15.79 -22.28 -8.27
CA ILE A 581 15.86 -22.83 -9.63
C ILE A 581 14.99 -24.07 -9.67
N PHE A 582 13.74 -23.90 -10.07
CA PHE A 582 12.80 -25.01 -10.16
C PHE A 582 12.81 -25.58 -11.57
N ASN A 583 11.84 -26.43 -11.88
CA ASN A 583 11.76 -27.07 -13.19
C ASN A 583 10.33 -27.50 -13.44
N PHE A 584 9.69 -26.93 -14.46
CA PHE A 584 8.30 -27.24 -14.75
C PHE A 584 8.16 -28.71 -15.16
N ALA A 585 6.99 -29.27 -14.86
CA ALA A 585 6.78 -30.71 -15.03
C ALA A 585 6.97 -31.14 -16.48
N ASN A 586 7.51 -32.35 -16.65
CA ASN A 586 7.73 -32.96 -17.96
C ASN A 586 8.58 -32.11 -18.88
N SER A 587 9.61 -31.44 -18.35
CA SER A 587 10.50 -30.61 -19.15
C SER A 587 11.94 -30.83 -18.70
N SER A 588 12.87 -30.18 -19.40
CA SER A 588 14.28 -30.27 -19.07
C SER A 588 14.96 -28.91 -19.20
N TYR A 589 14.24 -27.83 -18.93
CA TYR A 589 14.73 -26.47 -19.10
C TYR A 589 14.59 -25.74 -17.77
N VAL A 590 15.73 -25.32 -17.22
CA VAL A 590 15.71 -24.69 -15.89
C VAL A 590 15.11 -23.29 -15.97
N GLN A 591 14.70 -22.79 -14.82
CA GLN A 591 14.11 -21.47 -14.72
C GLN A 591 14.70 -20.78 -13.50
N TYR A 592 14.13 -19.62 -13.14
CA TYR A 592 14.63 -18.85 -12.01
C TYR A 592 13.47 -18.15 -11.33
N GLY A 593 13.23 -18.49 -10.07
CA GLY A 593 12.21 -17.83 -9.28
C GLY A 593 12.73 -17.56 -7.88
N GLN A 594 11.91 -16.91 -7.07
CA GLN A 594 12.32 -16.56 -5.72
C GLN A 594 11.33 -17.11 -4.70
N LEU A 595 11.86 -17.53 -3.55
CA LEU A 595 11.05 -18.15 -2.52
C LEU A 595 10.13 -17.14 -1.88
N GLY A 596 8.92 -17.59 -1.53
CA GLY A 596 7.97 -16.76 -0.82
C GLY A 596 7.64 -17.32 0.54
N GLU A 597 6.50 -16.93 1.09
CA GLU A 597 6.05 -17.44 2.38
C GLU A 597 5.33 -18.77 2.21
N ASP A 598 5.42 -19.61 3.23
CA ASP A 598 4.77 -20.92 3.25
C ASP A 598 5.23 -21.80 2.10
N ASN A 599 6.49 -21.62 1.69
CA ASN A 599 7.14 -22.48 0.70
C ASN A 599 6.35 -22.50 -0.62
N GLU A 600 6.19 -21.33 -1.22
CA GLU A 600 5.59 -21.21 -2.54
C GLU A 600 6.46 -20.28 -3.37
N ILE A 601 6.78 -20.72 -4.59
CA ILE A 601 7.71 -19.99 -5.44
C ILE A 601 6.97 -18.90 -6.19
N LEU A 602 7.57 -17.71 -6.24
CA LEU A 602 7.03 -16.60 -7.01
C LEU A 602 8.00 -16.28 -8.14
N LEU A 603 7.44 -16.08 -9.33
CA LEU A 603 8.25 -15.99 -10.54
C LEU A 603 9.08 -14.71 -10.56
N GLY A 604 10.14 -14.73 -11.36
CA GLY A 604 10.98 -13.57 -11.55
C GLY A 604 12.28 -13.68 -10.78
N ASN A 605 13.23 -12.82 -11.17
CA ASN A 605 14.55 -12.76 -10.53
C ASN A 605 14.98 -11.31 -10.36
N HIS A 606 14.04 -10.46 -9.93
CA HIS A 606 14.24 -9.02 -9.99
C HIS A 606 13.83 -8.32 -8.70
N ARG A 607 13.88 -9.00 -7.56
CA ARG A 607 13.52 -8.39 -6.30
C ARG A 607 14.74 -7.86 -5.56
N THR A 608 15.74 -7.39 -6.28
CA THR A 608 16.98 -6.96 -5.67
C THR A 608 16.74 -5.76 -4.76
N GLU A 609 17.78 -5.42 -4.00
CA GLU A 609 17.75 -4.29 -3.08
C GLU A 609 19.18 -3.95 -2.70
N GLU A 610 19.47 -2.67 -2.52
CA GLU A 610 20.70 -2.32 -1.84
C GLU A 610 20.62 -2.84 -0.42
N CYS A 611 21.75 -3.24 0.14
CA CYS A 611 21.69 -3.88 1.43
C CYS A 611 22.85 -3.45 2.31
N GLN A 612 22.63 -3.59 3.61
CA GLN A 612 23.36 -2.85 4.64
C GLN A 612 23.66 -3.82 5.79
N LEU A 613 24.91 -4.23 5.91
CA LEU A 613 25.30 -5.16 6.94
C LEU A 613 25.22 -4.48 8.32
N PRO A 614 24.96 -5.25 9.38
CA PRO A 614 24.63 -6.67 9.44
C PRO A 614 23.14 -6.96 9.21
N SER A 615 22.83 -8.21 8.88
CA SER A 615 21.45 -8.62 8.62
C SER A 615 21.21 -9.99 9.24
N LEU A 616 19.95 -10.24 9.60
CA LEU A 616 19.56 -11.49 10.26
C LEU A 616 18.29 -12.02 9.62
N LYS A 617 18.28 -12.12 8.30
CA LYS A 617 17.04 -12.47 7.61
C LYS A 617 16.62 -13.90 7.97
N ILE A 618 15.33 -14.08 8.20
CA ILE A 618 14.76 -15.39 8.50
C ILE A 618 13.53 -15.61 7.63
N PHE A 619 13.54 -16.69 6.86
CA PHE A 619 12.47 -16.98 5.91
C PHE A 619 11.73 -18.23 6.33
N ILE A 620 10.40 -18.18 6.25
CA ILE A 620 9.55 -19.25 6.75
C ILE A 620 9.24 -20.22 5.62
N ALA A 621 9.47 -21.50 5.88
CA ALA A 621 9.09 -22.61 5.01
C ALA A 621 8.44 -23.70 5.82
N GLY A 622 7.42 -23.31 6.59
CA GLY A 622 6.84 -24.11 7.66
C GLY A 622 6.71 -25.60 7.44
N ASN A 623 7.08 -26.39 8.44
CA ASN A 623 7.58 -25.85 9.71
C ASN A 623 9.11 -25.88 9.88
N SER A 624 9.79 -25.00 9.13
CA SER A 624 11.23 -24.86 9.23
C SER A 624 11.64 -23.55 8.57
N ALA A 625 12.56 -22.82 9.20
CA ALA A 625 12.92 -21.49 8.74
C ALA A 625 14.41 -21.42 8.39
N TYR A 626 14.70 -20.84 7.23
CA TYR A 626 16.06 -20.55 6.83
C TYR A 626 16.55 -19.30 7.53
N GLU A 627 17.81 -19.30 7.93
CA GLU A 627 18.43 -18.16 8.62
C GLU A 627 19.65 -17.70 7.83
N TYR A 628 19.53 -16.57 7.14
CA TYR A 628 20.64 -15.96 6.43
C TYR A 628 21.24 -14.86 7.30
N VAL A 629 22.50 -15.01 7.64
CA VAL A 629 23.25 -14.02 8.43
C VAL A 629 24.33 -13.44 7.54
N ASP A 630 24.29 -12.11 7.35
CA ASP A 630 25.16 -11.41 6.41
C ASP A 630 25.03 -11.96 4.99
N TYR A 631 23.88 -12.54 4.67
CA TYR A 631 23.52 -13.01 3.34
C TYR A 631 24.27 -14.27 2.92
N LEU A 632 24.73 -15.08 3.88
CA LEU A 632 25.27 -16.41 3.54
C LEU A 632 24.74 -17.45 4.53
N PHE A 633 23.50 -17.89 4.33
CA PHE A 633 22.97 -19.19 4.76
C PHE A 633 23.59 -19.74 6.04
N LYS A 634 23.43 -19.05 7.17
CA LYS A 634 24.06 -19.51 8.41
C LYS A 634 23.76 -20.97 8.70
N ARG A 635 22.48 -21.30 8.90
CA ARG A 635 22.07 -22.67 9.19
C ARG A 635 20.56 -22.74 9.23
N MET A 636 20.04 -23.97 9.14
CA MET A 636 18.62 -24.21 9.32
C MET A 636 18.27 -24.16 10.79
N ILE A 637 17.08 -23.64 11.10
CA ILE A 637 16.58 -23.58 12.47
C ILE A 637 15.17 -24.14 12.50
N ASP A 638 14.90 -25.01 13.47
CA ASP A 638 13.54 -25.47 13.67
C ASP A 638 12.69 -24.34 14.24
N LEU A 639 11.39 -24.36 13.91
CA LEU A 639 10.52 -23.25 14.26
C LEU A 639 10.00 -23.48 15.66
N SER A 640 10.87 -23.20 16.64
CA SER A 640 10.50 -23.24 18.05
C SER A 640 11.04 -22.07 18.85
N SER A 641 12.10 -21.41 18.40
CA SER A 641 12.73 -20.33 19.15
C SER A 641 12.19 -18.96 18.76
N ILE A 642 11.00 -18.91 18.17
CA ILE A 642 10.35 -17.65 17.79
C ILE A 642 8.96 -17.69 18.42
N SER A 643 8.79 -16.97 19.53
CA SER A 643 7.54 -17.02 20.26
C SER A 643 6.43 -16.27 19.52
N THR A 644 5.27 -16.90 19.39
CA THR A 644 4.14 -16.29 18.71
C THR A 644 3.59 -15.14 19.55
N VAL A 645 3.08 -14.11 18.86
CA VAL A 645 2.46 -13.00 19.57
C VAL A 645 1.18 -13.46 20.26
N ASP A 646 0.51 -14.47 19.68
CA ASP A 646 -0.73 -14.96 20.27
C ASP A 646 -0.45 -15.56 21.65
N SER A 647 0.66 -16.28 21.79
CA SER A 647 1.06 -16.86 23.07
C SER A 647 1.79 -15.87 23.95
N MET A 648 1.96 -14.62 23.50
CA MET A 648 2.68 -13.61 24.25
C MET A 648 1.81 -12.40 24.56
N ILE A 649 0.51 -12.65 24.84
CA ILE A 649 -0.37 -11.55 25.23
C ILE A 649 0.11 -10.92 26.53
N ALA A 650 0.78 -11.69 27.38
CA ALA A 650 1.26 -11.19 28.66
C ALA A 650 2.49 -10.31 28.44
N LEU A 651 3.14 -9.92 29.54
CA LEU A 651 4.25 -8.97 29.49
C LEU A 651 5.53 -9.68 29.11
N ASP A 652 6.04 -9.38 27.91
CA ASP A 652 7.41 -9.74 27.59
C ASP A 652 8.37 -8.95 28.46
N ILE A 653 9.54 -9.53 28.76
CA ILE A 653 10.39 -9.05 29.82
C ILE A 653 10.74 -7.57 29.62
N ASP A 654 11.48 -7.28 28.55
CA ASP A 654 11.78 -5.89 28.20
C ASP A 654 12.44 -5.82 26.84
N PRO A 655 11.98 -4.96 25.94
CA PRO A 655 12.70 -4.74 24.70
C PRO A 655 14.03 -4.04 24.95
N LEU A 656 15.00 -4.32 24.08
CA LEU A 656 16.40 -4.03 24.35
C LEU A 656 16.86 -2.66 23.87
N GLU A 657 16.10 -2.00 22.99
CA GLU A 657 16.46 -0.68 22.45
C GLU A 657 17.80 -0.73 21.71
N ASN A 658 17.79 -1.45 20.59
CA ASN A 658 18.97 -1.58 19.76
C ASN A 658 19.11 -0.38 18.83
N THR A 659 20.17 -0.39 18.04
CA THR A 659 20.48 0.72 17.14
C THR A 659 21.29 0.20 15.96
N ASP A 660 21.38 1.04 14.93
CA ASP A 660 22.15 0.72 13.73
C ASP A 660 22.95 1.95 13.34
N PHE A 661 24.27 1.77 13.15
CA PHE A 661 25.15 2.91 12.94
C PHE A 661 25.40 3.23 11.47
N ARG A 662 25.36 2.24 10.58
CA ARG A 662 25.57 2.53 9.16
C ARG A 662 24.48 3.46 8.63
N VAL A 663 23.22 3.16 8.93
CA VAL A 663 22.12 3.98 8.46
C VAL A 663 22.21 5.39 9.04
N LEU A 664 22.55 5.50 10.32
CA LEU A 664 22.63 6.81 10.96
C LEU A 664 23.75 7.64 10.34
N GLU A 665 24.92 7.02 10.11
CA GLU A 665 26.01 7.75 9.49
C GLU A 665 25.69 8.13 8.05
N LEU A 666 24.86 7.33 7.38
CA LEU A 666 24.48 7.67 6.02
C LEU A 666 23.50 8.84 6.00
N TYR A 667 22.53 8.83 6.91
CA TYR A 667 21.60 9.96 7.03
C TYR A 667 22.34 11.25 7.37
N SER A 668 23.19 11.21 8.41
CA SER A 668 23.79 12.47 8.84
C SER A 668 25.06 12.79 8.06
N GLN A 669 25.00 12.67 6.74
CA GLN A 669 25.93 13.34 5.86
C GLN A 669 25.26 13.83 4.58
N LYS A 670 23.94 13.69 4.48
CA LYS A 670 23.13 14.26 3.40
C LYS A 670 23.51 13.70 2.03
N GLU A 671 23.46 12.37 1.91
CA GLU A 671 23.43 11.70 0.60
C GLU A 671 22.35 10.61 0.65
N LEU A 672 21.23 10.93 1.29
CA LEU A 672 20.13 9.99 1.50
C LEU A 672 19.31 9.86 0.20
N ARG A 673 19.86 9.08 -0.72
CA ARG A 673 19.22 8.90 -2.03
C ARG A 673 18.81 7.46 -2.31
N SER A 674 19.74 6.51 -2.20
CA SER A 674 19.46 5.13 -2.56
C SER A 674 19.50 4.20 -1.35
N SER A 675 20.60 4.19 -0.61
CA SER A 675 20.71 3.32 0.57
C SER A 675 20.13 3.96 1.82
N ASN A 676 19.54 5.15 1.69
CA ASN A 676 18.97 5.84 2.85
C ASN A 676 17.99 4.96 3.59
N VAL A 677 17.05 4.36 2.85
CA VAL A 677 16.03 3.51 3.43
C VAL A 677 15.59 2.55 2.34
N PHE A 678 15.18 1.35 2.76
CA PHE A 678 14.63 0.38 1.83
C PHE A 678 13.14 0.22 2.05
N ASP A 679 12.53 1.13 2.80
CA ASP A 679 11.10 1.06 3.12
C ASP A 679 10.77 -0.28 3.76
N LEU A 680 11.57 -0.69 4.76
CA LEU A 680 11.41 -2.02 5.31
C LEU A 680 10.03 -2.24 5.90
N GLU A 681 9.48 -1.25 6.61
CA GLU A 681 8.08 -1.25 7.00
C GLU A 681 7.29 -0.63 5.85
N GLU A 682 7.06 -1.42 4.81
CA GLU A 682 6.83 -0.90 3.48
C GLU A 682 5.64 0.04 3.36
N ILE A 683 4.43 -0.48 3.52
CA ILE A 683 3.27 0.22 3.00
C ILE A 683 3.03 1.55 3.70
N MET A 684 3.67 1.79 4.84
CA MET A 684 3.65 3.08 5.50
C MET A 684 4.76 4.00 5.02
N ARG A 685 6.02 3.59 5.21
CA ARG A 685 7.15 4.42 4.79
C ARG A 685 7.20 4.59 3.28
N GLU A 686 6.49 3.77 2.52
CA GLU A 686 6.54 3.83 1.06
C GLU A 686 5.74 5.00 0.48
N PHE A 687 4.60 5.35 1.06
CA PHE A 687 3.81 6.41 0.42
C PHE A 687 4.21 7.80 0.88
N ASN A 688 5.09 7.91 1.86
CA ASN A 688 5.65 9.21 2.20
C ASN A 688 6.75 9.64 1.26
N SER A 689 7.26 8.73 0.44
CA SER A 689 8.36 9.02 -0.47
C SER A 689 7.95 9.05 -1.93
N TYR A 690 6.73 8.62 -2.27
CA TYR A 690 6.38 8.47 -3.68
C TYR A 690 6.32 9.81 -4.40
N LYS A 691 5.78 10.83 -3.73
CA LYS A 691 5.72 12.15 -4.35
C LYS A 691 7.10 12.73 -4.63
N GLN A 692 8.14 12.20 -3.97
CA GLN A 692 9.50 12.65 -4.24
C GLN A 692 10.09 11.92 -5.44
N ARG A 693 9.78 10.63 -5.57
CA ARG A 693 10.19 9.89 -6.76
C ARG A 693 9.52 10.45 -8.00
N VAL A 694 8.29 10.93 -7.87
CA VAL A 694 7.63 11.54 -9.02
C VAL A 694 8.42 12.75 -9.51
N LYS A 695 8.90 13.59 -8.60
CA LYS A 695 9.70 14.74 -9.00
C LYS A 695 11.04 14.30 -9.58
N TYR A 696 11.67 13.28 -8.97
CA TYR A 696 12.88 12.72 -9.57
C TYR A 696 12.63 12.37 -11.02
N VAL A 697 11.56 11.63 -11.29
CA VAL A 697 11.29 11.14 -12.64
C VAL A 697 11.02 12.32 -13.57
N GLU A 698 10.24 13.29 -13.12
CA GLU A 698 9.89 14.41 -14.00
C GLU A 698 11.14 15.22 -14.37
N ASP A 699 11.91 15.65 -13.37
CA ASP A 699 13.10 16.45 -13.65
C ASP A 699 14.09 15.67 -14.49
N LYS A 700 14.25 14.39 -14.16
CA LYS A 700 15.17 13.52 -14.87
C LYS A 700 14.78 13.36 -16.34
N VAL A 701 13.47 13.22 -16.59
CA VAL A 701 12.99 13.06 -17.95
C VAL A 701 13.16 14.34 -18.75
N VAL A 702 12.90 15.50 -18.15
CA VAL A 702 12.84 16.74 -18.92
C VAL A 702 14.15 16.99 -19.65
N ASP A 703 15.29 16.71 -19.01
CA ASP A 703 16.54 17.09 -19.65
C ASP A 703 16.81 16.27 -20.92
N PRO A 704 16.99 14.87 -20.88
CA PRO A 704 17.06 14.12 -22.14
C PRO A 704 15.71 13.93 -22.85
N LEU A 705 14.91 14.98 -22.90
CA LEU A 705 13.67 14.98 -23.66
C LEU A 705 13.72 16.15 -24.64
N PRO A 706 13.22 15.97 -25.86
CA PRO A 706 13.58 16.88 -26.97
C PRO A 706 13.41 18.34 -26.57
N PRO A 707 14.52 19.06 -26.46
CA PRO A 707 14.45 20.47 -26.05
C PRO A 707 14.08 21.37 -27.20
N TYR A 708 14.12 22.68 -26.97
CA TYR A 708 13.81 23.65 -28.01
C TYR A 708 15.09 24.00 -28.77
N LEU A 709 15.65 22.98 -29.42
CA LEU A 709 16.80 23.15 -30.31
C LEU A 709 17.95 23.81 -29.56
N LYS A 710 18.59 22.99 -28.71
CA LYS A 710 19.49 23.41 -27.63
C LYS A 710 20.33 24.63 -27.97
N GLY A 711 20.77 24.76 -29.22
CA GLY A 711 21.43 25.99 -29.64
C GLY A 711 20.62 27.24 -29.32
N LEU A 712 19.29 27.13 -29.37
CA LEU A 712 18.43 28.26 -29.04
C LEU A 712 18.44 28.60 -27.56
N ASP A 713 18.76 27.61 -26.71
CA ASP A 713 18.63 27.78 -25.26
C ASP A 713 19.47 28.94 -24.75
N ASP A 714 20.50 29.33 -25.50
CA ASP A 714 21.35 30.44 -25.07
C ASP A 714 20.63 31.77 -25.15
N LEU A 715 19.78 31.94 -26.16
CA LEU A 715 19.12 33.23 -26.39
C LEU A 715 18.38 33.71 -25.16
N MET A 716 17.67 32.80 -24.49
CA MET A 716 16.98 33.15 -23.25
C MET A 716 17.95 33.79 -22.26
N SER A 717 19.08 33.12 -22.01
CA SER A 717 20.08 33.71 -21.13
C SER A 717 20.59 35.04 -21.68
N GLY A 718 20.71 35.14 -23.01
CA GLY A 718 21.07 36.39 -23.61
C GLY A 718 20.10 37.51 -23.26
N LEU A 719 18.80 37.18 -23.20
CA LEU A 719 17.83 38.15 -22.72
C LEU A 719 17.65 38.07 -21.21
N GLY A 720 18.14 37.00 -20.58
CA GLY A 720 17.96 36.86 -19.15
C GLY A 720 18.69 37.91 -18.35
N ALA A 721 19.92 38.25 -18.76
CA ALA A 721 20.71 39.21 -18.01
C ALA A 721 20.15 40.62 -18.16
N ALA A 722 20.12 41.14 -19.39
CA ALA A 722 19.68 42.50 -19.66
C ALA A 722 19.44 42.61 -21.16
N GLY A 723 19.21 43.83 -21.62
CA GLY A 723 18.92 44.12 -23.01
C GLY A 723 17.47 44.54 -23.16
N LYS A 724 17.24 45.57 -23.97
CA LYS A 724 15.90 46.12 -24.15
C LYS A 724 15.38 45.90 -25.56
N ALA A 725 16.12 46.35 -26.58
CA ALA A 725 15.71 46.20 -27.97
C ALA A 725 16.77 45.59 -28.87
N VAL A 726 18.02 45.47 -28.42
CA VAL A 726 19.01 44.73 -29.18
C VAL A 726 18.65 43.25 -29.26
N GLY A 727 17.83 42.78 -28.33
CA GLY A 727 17.44 41.38 -28.33
C GLY A 727 16.72 40.98 -29.60
N VAL A 728 15.90 41.87 -30.16
CA VAL A 728 15.15 41.54 -31.37
C VAL A 728 16.09 41.31 -32.54
N ALA A 729 17.00 42.26 -32.77
CA ALA A 729 17.93 42.12 -33.89
C ALA A 729 18.85 40.92 -33.70
N ILE A 730 19.33 40.71 -32.47
CA ILE A 730 20.15 39.56 -32.17
C ILE A 730 19.39 38.27 -32.45
N GLY A 731 18.10 38.24 -32.09
CA GLY A 731 17.29 37.07 -32.35
C GLY A 731 17.12 36.80 -33.83
N ALA A 732 16.92 37.86 -34.63
CA ALA A 732 16.77 37.67 -36.07
C ALA A 732 18.05 37.13 -36.70
N VAL A 733 19.19 37.74 -36.36
CA VAL A 733 20.47 37.28 -36.89
C VAL A 733 20.74 35.85 -36.46
N GLY A 734 20.47 35.54 -35.19
CA GLY A 734 20.63 34.18 -34.72
C GLY A 734 19.71 33.21 -35.43
N GLY A 735 18.50 33.65 -35.78
CA GLY A 735 17.61 32.78 -36.52
C GLY A 735 18.16 32.40 -37.87
N ALA A 736 18.67 33.39 -38.61
CA ALA A 736 19.27 33.08 -39.92
C ALA A 736 20.48 32.17 -39.76
N VAL A 737 21.36 32.50 -38.80
CA VAL A 737 22.59 31.73 -38.62
C VAL A 737 22.27 30.30 -38.22
N ALA A 738 21.32 30.12 -37.31
CA ALA A 738 20.93 28.79 -36.88
C ALA A 738 20.26 28.02 -38.01
N SER A 739 19.49 28.70 -38.86
CA SER A 739 18.89 28.02 -40.00
C SER A 739 19.95 27.44 -40.92
N VAL A 740 21.03 28.19 -41.16
CA VAL A 740 22.10 27.64 -41.99
C VAL A 740 22.86 26.53 -41.25
N VAL A 741 23.20 26.77 -39.98
CA VAL A 741 24.07 25.86 -39.25
C VAL A 741 23.40 24.53 -38.97
N GLU A 742 22.08 24.51 -38.79
CA GLU A 742 21.39 23.24 -38.58
C GLU A 742 21.47 22.36 -39.82
N GLY A 743 21.32 22.96 -41.01
CA GLY A 743 21.51 22.18 -42.22
C GLY A 743 22.94 21.68 -42.36
N VAL A 744 23.92 22.53 -42.01
CA VAL A 744 25.31 22.09 -42.07
C VAL A 744 25.54 20.90 -41.15
N ALA A 745 25.02 20.97 -39.92
CA ALA A 745 25.20 19.89 -38.96
C ALA A 745 24.48 18.62 -39.42
N THR A 746 23.29 18.77 -40.00
CA THR A 746 22.57 17.60 -40.50
C THR A 746 23.36 16.92 -41.61
N PHE A 747 23.99 17.70 -42.49
CA PHE A 747 24.88 17.10 -43.48
C PHE A 747 26.06 16.41 -42.81
N LEU A 748 26.61 17.04 -41.77
CA LEU A 748 27.79 16.49 -41.09
C LEU A 748 27.50 15.17 -40.37
N LYS A 749 26.28 14.96 -39.91
CA LYS A 749 25.97 13.78 -39.13
C LYS A 749 26.01 12.49 -39.93
N ASN A 750 25.77 12.54 -41.24
CA ASN A 750 25.85 11.32 -42.02
C ASN A 750 27.31 10.87 -42.15
N PRO A 751 27.57 9.57 -42.10
CA PRO A 751 28.97 9.10 -42.19
C PRO A 751 29.67 9.52 -43.47
N PHE A 752 28.95 9.54 -44.59
CA PHE A 752 29.57 9.92 -45.86
C PHE A 752 30.04 11.37 -45.83
N GLY A 753 29.22 12.26 -45.26
CA GLY A 753 29.64 13.65 -45.13
C GLY A 753 30.83 13.82 -44.22
N ALA A 754 30.87 13.08 -43.11
CA ALA A 754 32.02 13.14 -42.22
C ALA A 754 33.28 12.67 -42.94
N PHE A 755 33.17 11.58 -43.72
CA PHE A 755 34.31 11.10 -44.47
C PHE A 755 34.76 12.13 -45.51
N THR A 756 33.80 12.81 -46.14
CA THR A 756 34.14 13.86 -47.10
C THR A 756 34.90 15.01 -46.42
N ILE A 757 34.45 15.41 -45.24
CA ILE A 757 35.12 16.49 -44.51
C ILE A 757 36.54 16.06 -44.15
N ILE A 758 36.69 14.83 -43.66
CA ILE A 758 38.02 14.33 -43.32
C ILE A 758 38.91 14.33 -44.55
N LEU A 759 38.38 13.86 -45.69
CA LEU A 759 39.15 13.78 -46.91
C LEU A 759 39.60 15.17 -47.37
N VAL A 760 38.70 16.15 -47.34
CA VAL A 760 39.08 17.47 -47.83
C VAL A 760 40.08 18.13 -46.89
N ALA A 761 39.94 17.92 -45.58
CA ALA A 761 40.90 18.47 -44.64
C ALA A 761 42.29 17.87 -44.88
N ILE A 762 42.37 16.55 -45.01
CA ILE A 762 43.65 15.90 -45.25
C ILE A 762 44.25 16.36 -46.58
N ALA A 763 43.40 16.50 -47.60
CA ALA A 763 43.89 16.96 -48.90
C ALA A 763 44.45 18.37 -48.82
N VAL A 764 43.79 19.26 -48.09
CA VAL A 764 44.29 20.62 -47.93
C VAL A 764 45.65 20.60 -47.22
N VAL A 765 45.74 19.82 -46.12
CA VAL A 765 46.99 19.78 -45.37
C VAL A 765 48.11 19.24 -46.25
N ILE A 766 47.82 18.24 -47.08
CA ILE A 766 48.82 17.72 -48.00
C ILE A 766 49.19 18.78 -49.03
N ILE A 767 48.21 19.52 -49.54
CA ILE A 767 48.45 20.58 -50.51
C ILE A 767 49.36 21.66 -49.94
N ILE A 768 49.33 21.87 -48.63
CA ILE A 768 50.26 22.81 -48.01
C ILE A 768 51.70 22.46 -48.35
N TYR A 769 52.03 21.18 -48.28
CA TYR A 769 53.36 20.71 -48.69
C TYR A 769 53.59 20.93 -50.18
N THR B 86 -31.13 4.47 -12.83
CA THR B 86 -30.05 4.29 -11.86
C THR B 86 -29.92 5.50 -10.94
N THR B 87 -31.04 5.92 -10.35
CA THR B 87 -31.04 7.04 -9.43
C THR B 87 -30.32 6.72 -8.13
N LYS B 88 -30.14 5.44 -7.81
CA LYS B 88 -29.43 5.07 -6.59
C LYS B 88 -27.98 5.53 -6.63
N TYR B 89 -27.32 5.39 -7.77
CA TYR B 89 -25.90 5.70 -7.93
C TYR B 89 -25.70 6.63 -9.12
N PRO B 90 -25.87 7.94 -8.94
CA PRO B 90 -25.60 8.88 -10.03
C PRO B 90 -24.11 9.13 -10.18
N TYR B 91 -23.73 9.57 -11.37
CA TYR B 91 -22.34 9.89 -11.64
C TYR B 91 -21.85 10.99 -10.71
N ARG B 92 -20.67 10.80 -10.15
CA ARG B 92 -20.11 11.80 -9.23
C ARG B 92 -18.60 11.80 -9.39
N VAL B 93 -18.01 12.98 -9.20
CA VAL B 93 -16.59 13.19 -9.47
C VAL B 93 -15.87 13.51 -8.18
N CYS B 94 -16.36 12.97 -7.06
CA CYS B 94 -15.82 13.33 -5.75
C CYS B 94 -14.53 12.59 -5.49
N SER B 95 -13.42 13.30 -5.64
CA SER B 95 -12.11 12.84 -5.17
C SER B 95 -11.36 13.97 -4.49
N MET B 96 -11.99 15.11 -4.28
CA MET B 96 -11.37 16.31 -3.73
C MET B 96 -12.23 16.84 -2.59
N ALA B 97 -11.58 17.23 -1.49
CA ALA B 97 -12.30 17.63 -0.30
C ALA B 97 -11.45 18.60 0.49
N GLN B 98 -11.87 19.87 0.54
CA GLN B 98 -11.21 20.88 1.33
C GLN B 98 -11.69 20.82 2.77
N GLY B 99 -11.39 21.85 3.56
CA GLY B 99 -11.71 21.83 4.97
C GLY B 99 -13.18 22.05 5.27
N THR B 100 -13.47 22.87 6.28
CA THR B 100 -14.82 23.16 6.77
C THR B 100 -15.44 21.96 7.47
N ASP B 101 -14.73 20.84 7.48
CA ASP B 101 -15.16 19.65 8.21
C ASP B 101 -13.92 18.89 8.64
N LEU B 102 -13.80 18.59 9.93
CA LEU B 102 -12.65 17.88 10.44
C LEU B 102 -13.10 16.81 11.42
N ILE B 103 -12.59 15.59 11.24
CA ILE B 103 -12.88 14.48 12.12
C ILE B 103 -11.57 13.79 12.47
N ARG B 104 -11.59 13.02 13.57
CA ARG B 104 -10.40 12.43 14.14
C ARG B 104 -10.71 11.02 14.62
N PHE B 105 -9.66 10.28 14.97
CA PHE B 105 -9.74 8.87 15.33
C PHE B 105 -9.17 8.59 16.72
N GLU B 106 -9.69 9.29 17.74
CA GLU B 106 -9.19 9.21 19.12
C GLU B 106 -8.73 7.81 19.51
N ARG B 107 -7.52 7.74 20.07
CA ARG B 107 -6.84 6.46 20.23
C ARG B 107 -7.39 5.67 21.42
N ASN B 108 -7.30 6.24 22.63
CA ASN B 108 -7.49 5.49 23.85
C ASN B 108 -8.94 5.63 24.35
N ILE B 109 -9.66 4.51 24.36
CA ILE B 109 -10.93 4.39 25.05
C ILE B 109 -10.84 3.18 25.97
N VAL B 110 -11.29 3.33 27.21
CA VAL B 110 -11.08 2.33 28.25
C VAL B 110 -12.41 1.71 28.64
N CYS B 111 -12.44 0.39 28.76
CA CYS B 111 -13.59 -0.32 29.29
C CYS B 111 -13.38 -0.58 30.78
N THR B 112 -14.48 -0.72 31.51
CA THR B 112 -14.43 -0.78 32.97
C THR B 112 -14.40 -2.23 33.45
N SER B 113 -14.38 -2.38 34.78
CA SER B 113 -14.41 -3.69 35.43
C SER B 113 -15.59 -3.67 36.39
N MET B 114 -16.72 -4.22 35.94
CA MET B 114 -18.00 -4.01 36.60
C MET B 114 -18.35 -5.16 37.53
N LYS B 115 -17.43 -5.46 38.46
CA LYS B 115 -17.76 -6.39 39.53
C LYS B 115 -17.11 -5.97 40.86
N PRO B 116 -17.19 -4.69 41.28
CA PRO B 116 -16.61 -4.33 42.57
C PRO B 116 -17.43 -4.85 43.75
N ILE B 117 -18.72 -4.50 43.78
CA ILE B 117 -19.60 -4.74 44.92
C ILE B 117 -21.00 -4.94 44.36
N ASN B 118 -21.98 -5.23 45.24
CA ASN B 118 -23.40 -5.16 44.93
C ASN B 118 -23.80 -6.13 43.82
N GLU B 119 -23.69 -7.42 44.15
CA GLU B 119 -24.18 -8.47 43.26
C GLU B 119 -25.67 -8.29 42.94
N ASP B 120 -26.44 -7.69 43.84
CA ASP B 120 -27.83 -7.34 43.54
C ASP B 120 -27.86 -6.07 42.70
N LEU B 121 -28.84 -5.98 41.82
CA LEU B 121 -28.82 -4.95 40.79
C LEU B 121 -30.24 -4.68 40.29
N ASP B 122 -30.42 -3.50 39.70
CA ASP B 122 -31.71 -3.00 39.27
C ASP B 122 -31.81 -3.04 37.74
N GLU B 123 -32.93 -2.50 37.24
CA GLU B 123 -33.18 -2.42 35.81
C GLU B 123 -34.36 -1.48 35.57
N GLY B 124 -34.29 -0.74 34.47
CA GLY B 124 -35.33 0.21 34.11
C GLY B 124 -35.46 0.45 32.62
N ILE B 125 -35.96 1.61 32.22
CA ILE B 125 -36.04 2.01 30.82
C ILE B 125 -35.52 3.43 30.67
N MET B 126 -34.51 3.60 29.83
CA MET B 126 -33.85 4.91 29.69
C MET B 126 -33.81 5.30 28.23
N VAL B 127 -33.68 6.61 27.98
CA VAL B 127 -33.44 7.13 26.63
C VAL B 127 -32.23 8.05 26.70
N VAL B 128 -31.44 8.04 25.62
CA VAL B 128 -30.12 8.67 25.61
C VAL B 128 -30.02 9.65 24.45
N TYR B 129 -29.34 10.78 24.72
CA TYR B 129 -29.04 11.74 23.67
C TYR B 129 -27.83 12.56 24.10
N LYS B 130 -27.01 12.93 23.10
CA LYS B 130 -25.77 13.66 23.34
C LYS B 130 -25.99 15.15 23.07
N ARG B 131 -24.89 15.91 23.04
CA ARG B 131 -24.91 17.35 22.88
C ARG B 131 -24.33 17.71 21.52
N ASN B 132 -25.03 18.57 20.78
CA ASN B 132 -24.56 19.03 19.48
C ASN B 132 -24.70 20.54 19.37
N ILE B 133 -24.03 21.11 18.38
CA ILE B 133 -24.06 22.54 18.12
C ILE B 133 -24.31 22.76 16.64
N VAL B 134 -25.07 23.80 16.33
CA VAL B 134 -25.41 24.14 14.95
C VAL B 134 -24.34 25.05 14.37
N ALA B 135 -24.05 24.85 13.10
CA ALA B 135 -23.05 25.63 12.38
C ALA B 135 -23.71 26.83 11.71
N HIS B 136 -22.97 27.51 10.84
CA HIS B 136 -23.49 28.70 10.18
C HIS B 136 -22.89 28.79 8.78
N THR B 137 -23.74 28.98 7.78
CA THR B 137 -23.33 29.10 6.39
C THR B 137 -23.82 30.42 5.82
N PHE B 138 -22.91 31.21 5.25
CA PHE B 138 -23.27 32.60 4.92
C PHE B 138 -22.70 33.15 3.61
N LYS B 139 -22.14 32.31 2.73
CA LYS B 139 -21.92 32.67 1.32
C LYS B 139 -21.03 33.91 1.17
N VAL B 140 -19.74 33.74 1.49
CA VAL B 140 -18.72 34.75 1.29
C VAL B 140 -18.45 34.96 -0.20
N ARG B 141 -17.71 36.02 -0.53
CA ARG B 141 -17.25 36.27 -1.89
C ARG B 141 -15.76 36.56 -1.87
N VAL B 142 -15.06 36.21 -2.96
CA VAL B 142 -13.63 36.40 -3.06
C VAL B 142 -13.29 37.00 -4.42
N TYR B 143 -12.56 38.11 -4.41
CA TYR B 143 -12.08 38.73 -5.64
C TYR B 143 -10.59 38.48 -5.81
N GLN B 144 -10.19 38.25 -7.05
CA GLN B 144 -8.79 37.92 -7.35
C GLN B 144 -8.51 38.31 -8.79
N LYS B 145 -7.22 38.43 -9.12
CA LYS B 145 -6.80 38.81 -10.46
C LYS B 145 -5.50 38.09 -10.79
N VAL B 146 -5.59 37.10 -11.67
CA VAL B 146 -4.44 36.29 -12.06
C VAL B 146 -3.79 36.92 -13.28
N LEU B 147 -2.49 37.17 -13.22
CA LEU B 147 -1.76 37.68 -14.37
C LEU B 147 -0.55 36.79 -14.61
N THR B 148 -0.35 36.40 -15.87
CA THR B 148 0.71 35.47 -16.23
C THR B 148 1.52 36.02 -17.39
N PHE B 149 2.84 35.87 -17.30
CA PHE B 149 3.73 36.22 -18.39
C PHE B 149 4.15 34.96 -19.13
N ARG B 150 4.19 35.06 -20.46
CA ARG B 150 4.63 33.94 -21.28
C ARG B 150 5.47 34.49 -22.43
N ARG B 151 6.72 34.05 -22.51
CA ARG B 151 7.65 34.49 -23.53
C ARG B 151 7.99 33.34 -24.46
N SER B 152 8.10 33.64 -25.75
CA SER B 152 8.23 32.60 -26.76
C SER B 152 9.01 33.13 -27.96
N TYR B 153 9.50 32.17 -28.75
CA TYR B 153 10.18 32.43 -30.01
C TYR B 153 9.46 31.70 -31.12
N ALA B 154 9.48 32.28 -32.32
CA ALA B 154 8.67 31.80 -33.44
C ALA B 154 9.57 31.43 -34.61
N TYR B 155 9.74 30.13 -34.83
CA TYR B 155 10.46 29.66 -36.00
C TYR B 155 9.56 29.77 -37.23
N ILE B 156 10.09 29.34 -38.39
CA ILE B 156 9.34 29.44 -39.63
C ILE B 156 8.14 28.50 -39.66
N HIS B 157 8.25 27.31 -39.05
CA HIS B 157 7.18 26.33 -39.07
C HIS B 157 6.64 25.96 -37.70
N THR B 158 7.37 26.26 -36.62
CA THR B 158 6.92 25.93 -35.28
C THR B 158 7.19 27.12 -34.37
N THR B 159 6.53 27.11 -33.22
CA THR B 159 6.67 28.18 -32.23
C THR B 159 7.04 27.54 -30.89
N TYR B 160 8.23 27.86 -30.39
CA TYR B 160 8.69 27.34 -29.11
C TYR B 160 8.32 28.31 -28.00
N LEU B 161 7.87 27.77 -26.88
CA LEU B 161 7.60 28.55 -25.69
C LEU B 161 8.76 28.38 -24.71
N LEU B 162 9.40 29.48 -24.35
CA LEU B 162 10.55 29.44 -23.45
C LEU B 162 10.14 29.67 -22.00
N GLY B 163 9.16 28.90 -21.53
CA GLY B 163 8.71 29.00 -20.16
C GLY B 163 7.67 30.09 -19.96
N SER B 164 6.94 29.97 -18.84
CA SER B 164 5.92 30.94 -18.47
C SER B 164 5.78 30.93 -16.97
N ASN B 165 5.20 32.01 -16.43
CA ASN B 165 5.04 32.11 -14.97
C ASN B 165 3.81 32.94 -14.66
N THR B 166 2.95 32.41 -13.79
CA THR B 166 1.77 33.13 -13.35
C THR B 166 2.02 33.78 -11.99
N GLU B 167 1.11 34.67 -11.60
CA GLU B 167 1.11 35.19 -10.24
C GLU B 167 -0.24 35.84 -9.96
N TYR B 168 -0.66 35.74 -8.70
CA TYR B 168 -1.96 36.24 -8.26
C TYR B 168 -1.76 37.50 -7.43
N VAL B 169 -2.55 38.52 -7.74
CA VAL B 169 -2.48 39.79 -7.02
C VAL B 169 -3.90 40.27 -6.75
N ALA B 170 -4.15 40.72 -5.53
CA ALA B 170 -5.45 41.26 -5.19
C ALA B 170 -5.66 42.62 -5.85
N PRO B 171 -6.86 42.92 -6.31
CA PRO B 171 -7.10 44.20 -6.99
C PRO B 171 -7.22 45.33 -5.98
N PRO B 172 -7.03 46.58 -6.43
CA PRO B 172 -7.25 47.72 -5.53
C PRO B 172 -8.71 47.93 -5.20
N MET B 173 -9.03 48.89 -4.32
CA MET B 173 -10.39 49.05 -3.85
C MET B 173 -11.32 49.63 -4.91
N TRP B 174 -10.85 50.59 -5.70
CA TRP B 174 -11.73 51.21 -6.70
C TRP B 174 -12.16 50.19 -7.75
N GLU B 175 -11.27 49.26 -8.10
CA GLU B 175 -11.66 48.21 -9.04
C GLU B 175 -12.74 47.32 -8.44
N ILE B 176 -12.66 47.04 -7.14
CA ILE B 176 -13.70 46.23 -6.50
C ILE B 176 -15.01 46.99 -6.45
N HIS B 177 -14.97 48.31 -6.20
CA HIS B 177 -16.19 49.10 -6.25
C HIS B 177 -16.82 49.04 -7.65
N HIS B 178 -15.99 49.15 -8.67
CA HIS B 178 -16.50 49.08 -10.04
C HIS B 178 -17.09 47.71 -10.34
N ILE B 179 -16.43 46.65 -9.86
CA ILE B 179 -16.93 45.30 -10.07
C ILE B 179 -18.29 45.12 -9.42
N ASN B 180 -18.42 45.57 -8.17
CA ASN B 180 -19.66 45.39 -7.44
C ASN B 180 -20.75 46.36 -7.88
N SER B 181 -20.40 47.40 -8.62
CA SER B 181 -21.42 48.34 -9.09
C SER B 181 -21.88 48.07 -10.52
N HIS B 182 -21.02 47.51 -11.38
CA HIS B 182 -21.39 47.32 -12.76
C HIS B 182 -21.04 45.97 -13.34
N SER B 183 -20.44 45.07 -12.56
CA SER B 183 -20.10 43.72 -13.00
C SER B 183 -19.24 43.73 -14.26
N GLN B 184 -18.28 44.64 -14.29
CA GLN B 184 -17.25 44.63 -15.33
C GLN B 184 -15.98 45.22 -14.75
N CYS B 185 -14.84 44.67 -15.13
CA CYS B 185 -13.58 45.06 -14.52
C CYS B 185 -12.55 45.44 -15.58
N TYR B 186 -11.56 46.22 -15.15
CA TYR B 186 -10.62 46.85 -16.06
C TYR B 186 -9.59 45.85 -16.57
N SER B 187 -8.80 46.30 -17.53
CA SER B 187 -7.79 45.45 -18.17
C SER B 187 -6.41 46.08 -18.10
N SER B 188 -6.06 46.64 -16.95
CA SER B 188 -4.76 47.30 -16.80
C SER B 188 -4.39 47.30 -15.32
N TYR B 189 -3.42 46.48 -14.95
CA TYR B 189 -2.96 46.41 -13.57
C TYR B 189 -1.74 47.31 -13.39
N SER B 190 -1.71 48.03 -12.27
CA SER B 190 -0.82 49.18 -12.11
C SER B 190 -0.06 49.11 -10.79
N ARG B 191 0.56 47.97 -10.51
CA ARG B 191 1.35 47.82 -9.31
C ARG B 191 2.61 48.67 -9.35
N VAL B 192 3.20 48.87 -8.18
CA VAL B 192 4.46 49.58 -8.00
C VAL B 192 5.42 48.65 -7.27
N ILE B 193 6.66 48.56 -7.76
CA ILE B 193 7.63 47.74 -7.06
C ILE B 193 8.78 48.62 -6.55
N ALA B 194 8.58 49.19 -5.37
CA ALA B 194 9.61 49.76 -4.50
C ALA B 194 10.34 50.97 -5.09
N GLY B 195 10.18 51.25 -6.38
CA GLY B 195 10.76 52.47 -6.89
C GLY B 195 10.07 53.14 -8.06
N THR B 196 9.04 52.50 -8.61
CA THR B 196 8.39 52.98 -9.83
C THR B 196 7.26 52.01 -10.18
N VAL B 197 6.38 52.46 -11.05
CA VAL B 197 5.19 51.70 -11.45
C VAL B 197 5.45 51.03 -12.80
N PHE B 198 4.90 49.84 -12.97
CA PHE B 198 4.95 49.09 -14.22
C PHE B 198 3.51 48.79 -14.63
N VAL B 199 2.97 49.60 -15.55
CA VAL B 199 1.59 49.41 -15.98
C VAL B 199 1.49 48.23 -16.94
N ALA B 200 1.04 47.09 -16.43
CA ALA B 200 0.83 45.93 -17.28
C ALA B 200 -0.40 46.15 -18.16
N TYR B 201 -0.55 45.31 -19.18
CA TYR B 201 -1.70 45.42 -20.06
C TYR B 201 -2.13 44.02 -20.49
N HIS B 202 -3.41 43.90 -20.83
CA HIS B 202 -4.00 42.58 -21.07
C HIS B 202 -3.37 41.90 -22.28
N ARG B 203 -3.13 42.66 -23.35
CA ARG B 203 -2.63 42.07 -24.59
C ARG B 203 -1.57 42.95 -25.23
N ASP B 204 -0.85 43.72 -24.42
CA ASP B 204 0.09 44.73 -24.90
C ASP B 204 -0.55 45.71 -25.87
N SER B 205 -1.87 45.92 -25.73
CA SER B 205 -2.59 46.86 -26.57
C SER B 205 -2.51 48.29 -26.05
N TYR B 206 -2.05 48.48 -24.82
CA TYR B 206 -1.87 49.80 -24.23
C TYR B 206 -3.17 50.59 -24.23
N GLU B 207 -4.20 50.01 -23.62
CA GLU B 207 -5.49 50.66 -23.49
C GLU B 207 -6.09 50.37 -22.13
N ASN B 208 -7.03 51.21 -21.72
CA ASN B 208 -7.67 51.13 -20.42
C ASN B 208 -9.12 50.66 -20.54
N LYS B 209 -9.35 49.69 -21.41
CA LYS B 209 -10.70 49.22 -21.70
C LYS B 209 -11.30 48.51 -20.49
N THR B 210 -12.58 48.12 -20.64
CA THR B 210 -13.30 47.36 -19.63
C THR B 210 -13.72 46.03 -20.23
N MET B 211 -13.73 44.98 -19.42
CA MET B 211 -14.15 43.67 -19.85
C MET B 211 -15.29 43.17 -18.97
N GLN B 212 -16.25 42.48 -19.60
CA GLN B 212 -17.38 41.91 -18.90
C GLN B 212 -16.96 40.64 -18.16
N LEU B 213 -17.89 40.10 -17.38
CA LEU B 213 -17.68 38.84 -16.68
C LEU B 213 -18.69 37.83 -17.21
N MET B 214 -18.23 36.60 -17.41
CA MET B 214 -19.05 35.55 -17.99
C MET B 214 -18.77 34.26 -17.23
N PRO B 215 -19.73 33.34 -17.19
CA PRO B 215 -19.60 32.17 -16.31
C PRO B 215 -18.46 31.25 -16.73
N ASP B 216 -17.94 30.53 -15.75
CA ASP B 216 -16.84 29.58 -15.95
C ASP B 216 -17.37 28.15 -15.96
N ASP B 217 -16.50 27.23 -16.38
CA ASP B 217 -16.88 25.85 -16.61
C ASP B 217 -16.65 24.94 -15.41
N TYR B 218 -16.66 25.48 -14.19
CA TYR B 218 -16.57 24.68 -12.97
C TYR B 218 -17.61 25.21 -12.00
N SER B 219 -18.81 24.66 -12.07
CA SER B 219 -19.93 25.08 -11.24
C SER B 219 -20.25 24.02 -10.21
N ASN B 220 -21.17 24.37 -9.31
CA ASN B 220 -21.55 23.51 -8.20
C ASN B 220 -22.86 24.03 -7.63
N THR B 221 -23.28 23.44 -6.51
CA THR B 221 -24.34 24.04 -5.71
C THR B 221 -23.78 25.01 -4.68
N HIS B 222 -22.48 24.97 -4.43
CA HIS B 222 -21.81 25.79 -3.41
C HIS B 222 -20.56 26.45 -3.98
N SER B 223 -20.60 26.82 -5.25
CA SER B 223 -19.45 27.48 -5.89
C SER B 223 -19.92 28.05 -7.22
N THR B 224 -19.16 29.03 -7.71
CA THR B 224 -19.39 29.67 -9.00
C THR B 224 -18.16 30.51 -9.30
N ARG B 225 -17.96 30.84 -10.57
CA ARG B 225 -16.89 31.74 -10.97
C ARG B 225 -17.39 32.61 -12.10
N TYR B 226 -16.77 33.77 -12.26
CA TYR B 226 -17.15 34.72 -13.28
C TYR B 226 -15.91 35.27 -13.97
N VAL B 227 -15.02 34.35 -14.37
CA VAL B 227 -13.79 34.72 -15.04
C VAL B 227 -14.08 35.52 -16.31
N THR B 228 -13.16 36.40 -16.68
CA THR B 228 -13.36 37.29 -17.83
C THR B 228 -12.55 36.92 -19.05
N VAL B 229 -11.54 36.06 -18.93
CA VAL B 229 -10.78 35.58 -20.08
C VAL B 229 -10.66 34.07 -19.98
N LYS B 230 -11.57 33.35 -20.63
CA LYS B 230 -11.62 31.90 -20.49
C LYS B 230 -10.53 31.19 -21.29
N ASP B 231 -10.20 31.71 -22.47
CA ASP B 231 -9.28 31.02 -23.37
C ASP B 231 -7.83 31.35 -23.00
N GLN B 232 -6.90 30.86 -23.82
CA GLN B 232 -5.49 31.19 -23.73
C GLN B 232 -5.04 31.72 -25.09
N TRP B 233 -4.04 32.58 -25.08
CA TRP B 233 -3.63 33.29 -26.30
C TRP B 233 -2.34 32.65 -26.84
N HIS B 234 -2.45 32.04 -28.02
CA HIS B 234 -1.34 31.37 -28.68
C HIS B 234 -0.90 32.13 -29.93
N SER B 235 -0.94 33.45 -29.88
CA SER B 235 -0.61 34.28 -31.04
C SER B 235 0.82 33.99 -31.51
N ARG B 236 0.92 33.50 -32.74
CA ARG B 236 2.23 33.09 -33.27
C ARG B 236 3.17 34.29 -33.41
N GLY B 237 2.69 35.37 -34.01
CA GLY B 237 3.51 36.54 -34.22
C GLY B 237 4.49 36.38 -35.35
N SER B 238 5.29 37.42 -35.55
CA SER B 238 6.28 37.42 -36.62
C SER B 238 7.39 36.41 -36.35
N THR B 239 7.90 35.82 -37.42
CA THR B 239 8.97 34.84 -37.30
C THR B 239 10.28 35.52 -36.89
N TRP B 240 11.06 34.81 -36.06
CA TRP B 240 12.35 35.29 -35.58
C TRP B 240 12.20 36.59 -34.79
N LEU B 241 11.35 36.55 -33.76
CA LEU B 241 11.15 37.71 -32.90
C LEU B 241 10.73 37.19 -31.53
N TYR B 242 11.68 37.14 -30.60
CA TYR B 242 11.40 36.71 -29.24
C TYR B 242 10.52 37.74 -28.55
N ARG B 243 9.36 37.30 -28.06
CA ARG B 243 8.41 38.25 -27.49
C ARG B 243 7.65 37.61 -26.33
N GLU B 244 7.21 38.47 -25.40
CA GLU B 244 6.50 38.04 -24.21
C GLU B 244 5.15 38.74 -24.14
N THR B 245 4.16 38.03 -23.57
CA THR B 245 2.79 38.51 -23.51
C THR B 245 2.23 38.28 -22.12
N CYS B 246 1.23 39.08 -21.78
CA CYS B 246 0.50 38.99 -20.51
C CYS B 246 -0.94 38.55 -20.76
N ASN B 247 -1.57 38.00 -19.73
CA ASN B 247 -2.90 37.42 -19.87
C ASN B 247 -3.77 37.73 -18.65
N LEU B 248 -3.83 39.00 -18.24
CA LEU B 248 -4.65 39.42 -17.09
C LEU B 248 -6.04 38.80 -17.15
N ASN B 249 -6.44 38.16 -16.05
CA ASN B 249 -7.59 37.26 -16.03
C ASN B 249 -8.46 37.52 -14.80
N CYS B 250 -8.88 38.77 -14.63
CA CYS B 250 -9.79 39.20 -13.57
C CYS B 250 -10.87 38.18 -13.26
N MET B 251 -11.01 37.84 -11.96
CA MET B 251 -12.00 36.83 -11.59
C MET B 251 -12.64 37.15 -10.25
N VAL B 252 -13.90 36.73 -10.11
CA VAL B 252 -14.69 36.81 -8.90
C VAL B 252 -15.30 35.44 -8.63
N THR B 253 -15.34 35.04 -7.36
CA THR B 253 -15.93 33.76 -7.02
C THR B 253 -16.84 33.94 -5.80
N ILE B 254 -17.83 33.06 -5.69
CA ILE B 254 -18.87 33.14 -4.68
C ILE B 254 -19.00 31.76 -4.05
N THR B 255 -18.34 31.57 -2.91
CA THR B 255 -18.36 30.29 -2.21
C THR B 255 -19.29 30.38 -1.00
N THR B 256 -19.30 29.32 -0.18
CA THR B 256 -20.09 29.29 1.04
C THR B 256 -19.20 28.78 2.17
N ALA B 257 -19.08 29.56 3.23
CA ALA B 257 -18.23 29.19 4.37
C ALA B 257 -19.06 28.56 5.48
N ARG B 258 -18.36 27.94 6.43
CA ARG B 258 -19.02 27.31 7.55
C ARG B 258 -18.14 27.46 8.78
N SER B 259 -18.71 28.00 9.86
CA SER B 259 -18.01 28.18 11.12
C SER B 259 -18.76 27.48 12.24
N LYS B 260 -18.02 27.09 13.28
CA LYS B 260 -18.60 26.34 14.39
C LYS B 260 -18.22 27.02 15.71
N TYR B 261 -18.89 26.58 16.77
CA TYR B 261 -18.72 27.17 18.08
C TYR B 261 -17.25 27.10 18.51
N PRO B 262 -16.71 28.14 19.17
CA PRO B 262 -17.41 29.37 19.58
C PRO B 262 -17.33 30.50 18.56
N TYR B 263 -17.35 30.17 17.27
CA TYR B 263 -17.45 31.15 16.19
C TYR B 263 -16.31 32.17 16.25
N HIS B 264 -15.08 31.69 16.05
CA HIS B 264 -13.97 32.63 15.95
C HIS B 264 -13.01 32.30 14.81
N PHE B 265 -13.43 31.47 13.85
CA PHE B 265 -12.74 31.36 12.56
C PHE B 265 -13.63 30.60 11.60
N PHE B 266 -13.83 31.10 10.39
CA PHE B 266 -14.66 30.43 9.41
C PHE B 266 -13.84 30.10 8.18
N ALA B 267 -13.98 28.86 7.70
CA ALA B 267 -13.25 28.35 6.55
C ALA B 267 -14.20 28.26 5.36
N THR B 268 -13.77 28.82 4.23
CA THR B 268 -14.61 28.84 3.04
C THR B 268 -14.49 27.51 2.29
N SER B 269 -15.25 27.39 1.21
CA SER B 269 -15.30 26.13 0.46
C SER B 269 -13.99 25.87 -0.27
N THR B 270 -13.42 26.90 -0.90
CA THR B 270 -12.18 26.71 -1.65
C THR B 270 -11.03 26.30 -0.73
N GLY B 271 -10.96 26.86 0.47
CA GLY B 271 -9.90 26.49 1.39
C GLY B 271 -9.36 27.65 2.20
N ASP B 272 -9.80 28.86 1.87
CA ASP B 272 -9.34 30.04 2.60
C ASP B 272 -9.85 30.02 4.02
N VAL B 273 -8.98 30.39 4.97
CA VAL B 273 -9.31 30.43 6.38
C VAL B 273 -8.92 31.79 6.94
N VAL B 274 -9.85 32.42 7.65
CA VAL B 274 -9.60 33.71 8.27
C VAL B 274 -10.03 33.67 9.73
N ASP B 275 -9.26 34.33 10.58
CA ASP B 275 -9.50 34.29 12.02
C ASP B 275 -10.30 35.53 12.46
N ILE B 276 -11.55 35.58 12.01
CA ILE B 276 -12.46 36.65 12.39
C ILE B 276 -13.83 36.04 12.63
N SER B 277 -14.49 36.46 13.70
CA SER B 277 -15.85 35.97 13.94
C SER B 277 -16.80 36.58 12.91
N PRO B 278 -17.72 35.77 12.36
CA PRO B 278 -18.66 36.32 11.37
C PRO B 278 -19.59 37.36 11.95
N PHE B 279 -19.76 37.42 13.26
CA PHE B 279 -20.65 38.39 13.89
C PHE B 279 -19.94 39.67 14.28
N TYR B 280 -18.65 39.82 13.98
CA TYR B 280 -17.90 41.00 14.39
C TYR B 280 -18.27 42.16 13.49
N ASN B 281 -19.09 43.07 13.99
CA ASN B 281 -19.23 44.39 13.39
C ASN B 281 -18.24 45.32 14.09
N GLY B 282 -18.42 46.63 13.92
CA GLY B 282 -17.42 47.57 14.40
C GLY B 282 -17.17 47.53 15.90
N THR B 283 -18.21 47.28 16.70
CA THR B 283 -18.16 47.52 18.14
C THR B 283 -18.50 46.25 18.93
N ASN B 284 -17.86 45.13 18.59
CA ASN B 284 -18.05 43.89 19.34
C ASN B 284 -16.71 43.23 19.62
N ARG B 285 -15.71 44.02 20.00
CA ARG B 285 -14.36 43.47 20.17
C ARG B 285 -14.31 42.48 21.33
N ASN B 286 -14.92 42.83 22.47
CA ASN B 286 -14.86 41.94 23.63
C ASN B 286 -15.82 40.75 23.49
N ALA B 287 -17.00 40.99 22.92
CA ALA B 287 -17.99 39.93 22.82
C ALA B 287 -17.64 38.91 21.74
N SER B 288 -17.09 39.35 20.61
CA SER B 288 -16.75 38.47 19.51
C SER B 288 -15.28 38.65 19.14
N TYR B 289 -14.66 37.55 18.73
CA TYR B 289 -13.23 37.51 18.49
C TYR B 289 -12.85 38.34 17.27
N PHE B 290 -11.61 38.81 17.26
CA PHE B 290 -11.04 39.53 16.11
C PHE B 290 -9.53 39.52 16.25
N GLY B 291 -8.84 38.87 15.32
CA GLY B 291 -7.40 38.78 15.41
C GLY B 291 -6.62 38.86 14.11
N GLU B 292 -7.11 39.59 13.10
CA GLU B 292 -6.46 39.60 11.80
C GLU B 292 -5.46 40.75 11.63
N ASN B 293 -5.94 42.00 11.68
CA ASN B 293 -5.08 43.16 11.46
C ASN B 293 -5.92 44.41 11.65
N ALA B 294 -5.25 45.57 11.64
CA ALA B 294 -5.92 46.85 11.84
C ALA B 294 -6.31 47.51 10.52
N ASP B 295 -5.32 47.84 9.69
CA ASP B 295 -5.60 48.50 8.41
C ASP B 295 -5.69 47.47 7.27
N LYS B 296 -6.47 46.43 7.51
CA LYS B 296 -6.80 45.44 6.49
C LYS B 296 -8.26 45.05 6.62
N PHE B 297 -9.10 46.00 7.02
CA PHE B 297 -10.48 45.72 7.35
C PHE B 297 -11.32 46.93 7.00
N PHE B 298 -12.44 46.70 6.31
CA PHE B 298 -13.33 47.80 5.94
C PHE B 298 -14.77 47.35 6.11
N ILE B 299 -15.55 48.15 6.84
CA ILE B 299 -16.97 47.90 7.03
C ILE B 299 -17.73 49.01 6.30
N PHE B 300 -18.62 48.61 5.40
CA PHE B 300 -19.40 49.55 4.60
C PHE B 300 -20.88 49.36 4.90
N PRO B 301 -21.59 50.42 5.26
CA PRO B 301 -23.05 50.34 5.41
C PRO B 301 -23.77 50.75 4.12
N ASN B 302 -24.87 50.06 3.84
CA ASN B 302 -25.69 50.29 2.65
C ASN B 302 -24.81 50.26 1.39
N TYR B 303 -24.22 49.09 1.14
CA TYR B 303 -23.35 48.90 -0.01
C TYR B 303 -24.16 48.36 -1.18
N THR B 304 -24.30 49.16 -2.23
CA THR B 304 -25.10 48.80 -3.39
C THR B 304 -24.36 47.73 -4.18
N ILE B 305 -24.82 46.49 -4.06
CA ILE B 305 -24.18 45.33 -4.68
C ILE B 305 -25.09 44.78 -5.75
N VAL B 306 -24.51 44.45 -6.90
CA VAL B 306 -25.27 43.88 -8.01
C VAL B 306 -25.73 42.47 -7.62
N SER B 307 -26.91 42.08 -8.11
CA SER B 307 -27.53 40.84 -7.66
C SER B 307 -26.84 39.62 -8.26
N ASP B 308 -26.49 39.67 -9.54
CA ASP B 308 -25.90 38.50 -10.19
C ASP B 308 -24.97 38.96 -11.29
N PHE B 309 -23.70 38.56 -11.21
CA PHE B 309 -22.72 38.91 -12.22
C PHE B 309 -22.94 38.10 -13.49
N GLY B 310 -22.48 38.66 -14.61
CA GLY B 310 -22.63 38.01 -15.89
C GLY B 310 -23.64 38.72 -16.76
N ARG B 311 -24.75 39.11 -16.18
CA ARG B 311 -25.73 39.91 -16.90
C ARG B 311 -25.23 41.35 -17.00
N PRO B 312 -25.23 41.95 -18.19
CA PRO B 312 -24.64 43.29 -18.34
C PRO B 312 -25.26 44.33 -17.41
N ASN B 313 -26.57 44.29 -17.21
CA ASN B 313 -27.27 45.22 -16.32
C ASN B 313 -28.26 44.42 -15.49
N SER B 314 -27.90 44.11 -14.26
CA SER B 314 -28.78 43.41 -13.33
C SER B 314 -29.47 44.43 -12.43
N ALA B 315 -30.18 43.94 -11.41
CA ALA B 315 -30.89 44.78 -10.47
C ALA B 315 -30.11 44.84 -9.16
N LEU B 316 -29.84 46.05 -8.69
CA LEU B 316 -29.05 46.22 -7.48
C LEU B 316 -29.86 45.84 -6.24
N GLU B 317 -29.16 45.75 -5.11
CA GLU B 317 -29.80 45.43 -3.83
C GLU B 317 -28.86 45.85 -2.71
N THR B 318 -29.33 46.73 -1.82
CA THR B 318 -28.48 47.32 -0.79
C THR B 318 -28.51 46.46 0.46
N HIS B 319 -27.36 45.88 0.80
CA HIS B 319 -27.25 45.09 2.02
C HIS B 319 -27.00 46.02 3.22
N ARG B 320 -27.10 45.44 4.42
CA ARG B 320 -26.96 46.23 5.63
C ARG B 320 -25.50 46.58 5.90
N LEU B 321 -24.65 45.58 6.10
CA LEU B 321 -23.24 45.79 6.33
C LEU B 321 -22.45 44.80 5.50
N VAL B 322 -21.34 45.27 4.91
CA VAL B 322 -20.45 44.42 4.15
C VAL B 322 -19.03 44.64 4.66
N ALA B 323 -18.26 43.55 4.73
CA ALA B 323 -16.92 43.60 5.28
C ALA B 323 -15.91 43.08 4.26
N PHE B 324 -14.81 43.84 4.11
CA PHE B 324 -13.67 43.48 3.28
C PHE B 324 -12.42 43.29 4.15
N LEU B 325 -11.60 42.33 3.76
CA LEU B 325 -10.48 41.82 4.55
C LEU B 325 -9.23 41.66 3.67
N GLU B 326 -8.81 42.75 3.03
CA GLU B 326 -7.68 42.75 2.11
C GLU B 326 -6.52 41.91 2.60
N ARG B 327 -6.17 40.89 1.84
CA ARG B 327 -4.99 40.07 2.09
C ARG B 327 -3.91 40.43 1.08
N ALA B 328 -2.82 39.66 1.08
CA ALA B 328 -1.70 39.95 0.20
C ALA B 328 -1.96 39.53 -1.24
N ASP B 329 -2.91 38.62 -1.47
CA ASP B 329 -3.14 38.11 -2.82
C ASP B 329 -4.61 37.93 -3.18
N SER B 330 -5.54 38.30 -2.30
CA SER B 330 -6.96 38.14 -2.57
C SER B 330 -7.72 39.21 -1.82
N VAL B 331 -9.03 39.29 -2.05
CA VAL B 331 -9.89 40.13 -1.23
C VAL B 331 -11.11 39.31 -0.84
N ILE B 332 -11.35 39.16 0.44
CA ILE B 332 -12.50 38.41 0.94
C ILE B 332 -13.55 39.40 1.44
N SER B 333 -14.81 39.08 1.17
CA SER B 333 -15.90 39.95 1.58
C SER B 333 -17.05 39.09 2.07
N TRP B 334 -17.82 39.64 3.02
CA TRP B 334 -18.98 38.92 3.50
C TRP B 334 -19.98 39.88 4.12
N ASP B 335 -21.22 39.39 4.28
CA ASP B 335 -22.26 40.14 4.96
C ASP B 335 -22.13 39.94 6.47
N ILE B 336 -22.23 41.03 7.22
CA ILE B 336 -22.16 40.94 8.67
C ILE B 336 -23.42 40.26 9.17
N GLN B 337 -23.28 39.04 9.70
CA GLN B 337 -24.43 38.24 10.07
C GLN B 337 -25.15 38.84 11.26
N ASP B 338 -26.33 38.29 11.56
CA ASP B 338 -27.17 38.76 12.65
C ASP B 338 -27.04 37.80 13.84
N GLU B 339 -27.54 38.24 14.99
CA GLU B 339 -27.36 37.50 16.24
C GLU B 339 -28.02 36.13 16.16
N LYS B 340 -27.35 35.14 16.75
CA LYS B 340 -27.76 33.75 16.63
C LYS B 340 -28.98 33.45 17.49
N ASN B 341 -29.82 32.54 17.00
CA ASN B 341 -30.88 31.93 17.78
C ASN B 341 -30.34 30.79 18.65
N VAL B 342 -30.96 30.63 19.82
CA VAL B 342 -30.62 29.56 20.74
C VAL B 342 -31.90 28.88 21.19
N THR B 343 -31.97 27.56 21.02
CA THR B 343 -33.07 26.77 21.55
C THR B 343 -32.61 25.80 22.63
N CYS B 344 -31.72 24.86 22.30
CA CYS B 344 -31.08 23.93 23.21
C CYS B 344 -30.17 23.03 22.38
N GLN B 345 -29.45 22.15 23.07
CA GLN B 345 -28.53 21.22 22.44
C GLN B 345 -29.00 19.79 22.74
N LEU B 346 -29.78 19.22 21.82
CA LEU B 346 -30.27 17.85 21.93
C LEU B 346 -30.03 17.13 20.61
N THR B 347 -29.93 15.81 20.69
CA THR B 347 -29.59 15.01 19.52
C THR B 347 -30.53 13.84 19.31
N PHE B 348 -31.12 13.33 20.39
CA PHE B 348 -31.91 12.10 20.36
C PHE B 348 -31.11 10.94 19.78
N TRP B 349 -30.07 10.56 20.51
CA TRP B 349 -29.16 9.50 20.06
C TRP B 349 -29.92 8.22 19.76
N GLU B 350 -30.71 7.73 20.72
CA GLU B 350 -31.37 6.44 20.63
C GLU B 350 -32.28 6.29 21.84
N ALA B 351 -33.24 5.37 21.71
CA ALA B 351 -34.16 5.04 22.80
C ALA B 351 -34.16 3.54 23.00
N SER B 352 -33.54 3.09 24.10
CA SER B 352 -33.46 1.66 24.39
C SER B 352 -34.75 1.20 25.07
N GLU B 353 -34.79 -0.09 25.40
CA GLU B 353 -35.94 -0.68 26.07
C GLU B 353 -35.60 -1.53 27.28
N ARG B 354 -34.36 -2.01 27.40
CA ARG B 354 -33.95 -2.81 28.55
C ARG B 354 -32.56 -2.36 28.97
N THR B 355 -32.43 -1.91 30.21
CA THR B 355 -31.15 -1.49 30.76
C THR B 355 -30.85 -2.28 32.02
N ILE B 356 -29.58 -2.28 32.40
CA ILE B 356 -29.09 -2.98 33.59
C ILE B 356 -28.22 -2.03 34.37
N ARG B 357 -28.49 -1.91 35.68
CA ARG B 357 -27.82 -0.95 36.53
C ARG B 357 -27.06 -1.67 37.64
N SER B 358 -25.77 -1.44 37.74
CA SER B 358 -24.92 -2.06 38.74
C SER B 358 -24.31 -0.93 39.60
N GLU B 359 -25.02 -0.56 40.66
CA GLU B 359 -24.57 0.51 41.55
C GLU B 359 -23.43 0.02 42.43
N ALA B 360 -22.21 0.51 42.19
CA ALA B 360 -21.07 0.06 42.98
C ALA B 360 -20.94 0.84 44.28
N GLU B 361 -20.55 2.11 44.22
CA GLU B 361 -20.66 2.98 45.39
C GLU B 361 -21.21 4.36 45.02
N ASP B 362 -20.75 4.91 43.90
CA ASP B 362 -21.26 6.19 43.43
C ASP B 362 -21.31 6.27 41.90
N SER B 363 -21.17 5.16 41.19
CA SER B 363 -20.88 5.15 39.77
C SER B 363 -21.89 4.29 39.01
N TYR B 364 -23.18 4.58 39.22
CA TYR B 364 -24.26 3.85 38.56
C TYR B 364 -23.92 3.54 37.11
N HIS B 365 -23.93 2.26 36.77
CA HIS B 365 -23.54 1.80 35.44
C HIS B 365 -24.78 1.41 34.66
N PHE B 366 -24.99 2.05 33.51
CA PHE B 366 -26.13 1.73 32.66
C PHE B 366 -25.69 0.72 31.61
N SER B 367 -25.56 -0.53 32.04
CA SER B 367 -25.14 -1.62 31.17
C SER B 367 -26.29 -1.97 30.24
N SER B 368 -26.45 -1.13 29.22
CA SER B 368 -27.57 -1.27 28.29
C SER B 368 -27.47 -2.57 27.52
N ALA B 369 -28.62 -3.07 27.11
CA ALA B 369 -28.71 -4.33 26.38
C ALA B 369 -28.60 -4.16 24.87
N LYS B 370 -28.33 -2.94 24.40
CA LYS B 370 -28.04 -2.69 23.00
C LYS B 370 -26.67 -3.22 22.59
N MET B 371 -25.85 -3.66 23.54
CA MET B 371 -24.51 -4.19 23.31
C MET B 371 -23.58 -3.16 22.71
N THR B 372 -23.93 -1.87 22.78
CA THR B 372 -23.06 -0.81 22.27
C THR B 372 -23.08 0.39 23.22
N ALA B 373 -23.82 0.31 24.32
CA ALA B 373 -23.95 1.40 25.27
C ALA B 373 -23.47 0.94 26.64
N THR B 374 -22.48 1.65 27.18
CA THR B 374 -21.90 1.34 28.49
C THR B 374 -21.43 2.67 29.09
N PHE B 375 -22.24 3.24 29.96
CA PHE B 375 -22.01 4.59 30.46
C PHE B 375 -21.57 4.56 31.92
N LEU B 376 -21.44 5.74 32.53
CA LEU B 376 -21.09 5.91 33.93
C LEU B 376 -21.47 7.32 34.34
N SER B 377 -21.95 7.46 35.58
CA SER B 377 -22.35 8.77 36.10
C SER B 377 -22.08 8.81 37.59
N LYS B 378 -22.25 9.99 38.17
CA LYS B 378 -22.08 10.20 39.61
C LYS B 378 -23.44 10.22 40.28
N LYS B 379 -23.49 9.68 41.50
CA LYS B 379 -24.77 9.44 42.17
C LYS B 379 -25.43 10.74 42.62
N GLN B 380 -25.82 11.58 41.66
CA GLN B 380 -26.52 12.82 41.99
C GLN B 380 -27.43 13.18 40.82
N GLU B 381 -28.71 13.32 41.11
CA GLU B 381 -29.66 13.85 40.14
C GLU B 381 -29.26 15.25 39.71
N VAL B 382 -29.49 15.56 38.44
CA VAL B 382 -29.02 16.80 37.84
C VAL B 382 -30.08 17.89 37.92
N ASN B 383 -31.10 17.72 38.76
CA ASN B 383 -32.11 18.75 39.01
C ASN B 383 -32.87 19.10 37.73
N MET B 384 -33.72 18.15 37.33
CA MET B 384 -34.56 18.21 36.14
C MET B 384 -35.06 19.62 35.85
N SER B 385 -35.40 20.38 36.88
CA SER B 385 -35.69 21.79 36.71
C SER B 385 -34.39 22.60 36.64
N ASP B 386 -33.50 22.21 35.72
CA ASP B 386 -32.23 22.91 35.51
C ASP B 386 -32.37 23.88 34.34
N SER B 387 -31.62 24.97 34.43
CA SER B 387 -31.70 26.02 33.42
C SER B 387 -30.75 25.78 32.25
N ALA B 388 -30.74 24.55 31.73
CA ALA B 388 -30.03 24.27 30.49
C ALA B 388 -30.73 23.28 29.58
N LEU B 389 -31.90 22.77 29.95
CA LEU B 389 -32.55 21.72 29.17
C LEU B 389 -34.06 21.85 29.13
N ASP B 390 -34.62 23.04 29.38
CA ASP B 390 -36.05 23.18 29.53
C ASP B 390 -36.84 22.92 28.26
N CYS B 391 -36.19 22.82 27.09
CA CYS B 391 -36.92 22.52 25.87
C CYS B 391 -37.44 21.08 25.88
N VAL B 392 -36.57 20.14 26.25
CA VAL B 392 -36.94 18.73 26.30
C VAL B 392 -37.53 18.33 27.64
N ARG B 393 -37.77 19.30 28.52
CA ARG B 393 -38.25 18.99 29.86
C ARG B 393 -39.55 18.20 29.83
N ASP B 394 -40.55 18.71 29.11
CA ASP B 394 -41.79 17.96 28.96
C ASP B 394 -41.58 16.73 28.07
N GLU B 395 -40.92 16.92 26.93
CA GLU B 395 -40.68 15.83 25.98
C GLU B 395 -39.88 14.70 26.62
N ALA B 396 -39.22 14.97 27.74
CA ALA B 396 -38.50 13.91 28.45
C ALA B 396 -39.44 12.81 28.90
N ILE B 397 -40.62 13.16 29.41
CA ILE B 397 -41.43 12.16 30.09
C ILE B 397 -42.18 11.28 29.08
N ASN B 398 -42.84 11.90 28.10
CA ASN B 398 -43.88 11.21 27.34
C ASN B 398 -43.36 9.95 26.68
N LYS B 399 -42.20 10.05 26.00
CA LYS B 399 -41.66 8.88 25.31
C LYS B 399 -41.48 7.70 26.25
N LEU B 400 -40.91 7.93 27.43
CA LEU B 400 -40.78 6.83 28.38
C LEU B 400 -42.14 6.18 28.60
N GLN B 401 -43.15 7.00 28.89
CA GLN B 401 -44.49 6.48 29.09
C GLN B 401 -44.92 5.59 27.94
N GLN B 402 -44.76 6.07 26.70
CA GLN B 402 -45.26 5.28 25.57
C GLN B 402 -44.53 3.94 25.50
N ILE B 403 -43.21 3.96 25.72
CA ILE B 403 -42.48 2.70 25.64
C ILE B 403 -42.97 1.74 26.72
N PHE B 404 -43.36 2.29 27.88
CA PHE B 404 -44.03 1.48 28.89
C PHE B 404 -45.27 0.83 28.29
N ASN B 405 -46.17 1.65 27.76
CA ASN B 405 -47.36 1.13 27.11
C ASN B 405 -47.01 0.32 25.87
N THR B 406 -45.78 0.46 25.36
CA THR B 406 -45.36 -0.39 24.26
C THR B 406 -45.32 -1.85 24.68
N SER B 407 -44.77 -2.14 25.86
CA SER B 407 -44.59 -3.53 26.26
C SER B 407 -44.99 -3.84 27.69
N TYR B 408 -45.03 -2.86 28.58
CA TYR B 408 -45.34 -3.10 29.99
C TYR B 408 -46.75 -2.61 30.26
N ASN B 409 -47.73 -3.49 30.01
CA ASN B 409 -49.12 -3.10 30.14
C ASN B 409 -49.60 -3.14 31.59
N GLN B 410 -49.61 -4.33 32.19
CA GLN B 410 -49.97 -4.48 33.60
C GLN B 410 -49.07 -5.42 34.37
N THR B 411 -48.29 -6.27 33.71
CA THR B 411 -47.39 -7.18 34.42
C THR B 411 -46.25 -6.42 35.09
N TYR B 412 -45.72 -5.42 34.42
CA TYR B 412 -44.60 -4.62 34.92
C TYR B 412 -45.13 -3.30 35.47
N GLU B 413 -44.81 -3.01 36.72
CA GLU B 413 -45.26 -1.79 37.40
C GLU B 413 -44.10 -0.81 37.53
N LYS B 414 -44.42 0.48 37.40
CA LYS B 414 -43.41 1.52 37.51
C LYS B 414 -42.90 1.63 38.94
N TYR B 415 -41.71 2.21 39.07
CA TYR B 415 -41.02 2.31 40.35
C TYR B 415 -40.50 3.74 40.48
N GLY B 416 -41.23 4.56 41.23
CA GLY B 416 -40.78 5.91 41.50
C GLY B 416 -40.93 6.83 40.30
N ASN B 417 -40.36 8.02 40.45
CA ASN B 417 -40.42 9.05 39.42
C ASN B 417 -39.27 8.88 38.44
N VAL B 418 -39.27 9.71 37.40
CA VAL B 418 -38.19 9.71 36.42
C VAL B 418 -36.93 10.30 37.05
N SER B 419 -35.78 9.82 36.60
CA SER B 419 -34.50 10.30 37.12
C SER B 419 -33.60 10.67 35.94
N VAL B 420 -32.71 11.63 36.20
CA VAL B 420 -31.85 12.23 35.18
C VAL B 420 -30.40 12.13 35.66
N PHE B 421 -29.53 11.54 34.84
CA PHE B 421 -28.13 11.34 35.16
C PHE B 421 -27.27 11.98 34.08
N GLU B 422 -26.24 12.70 34.49
CA GLU B 422 -25.25 13.26 33.58
C GLU B 422 -24.03 12.35 33.56
N THR B 423 -23.67 11.85 32.39
CA THR B 423 -22.59 10.88 32.28
C THR B 423 -21.23 11.58 32.34
N THR B 424 -20.15 10.80 32.20
CA THR B 424 -18.82 11.36 32.16
C THR B 424 -18.52 11.99 30.80
N GLY B 425 -19.09 11.46 29.73
CA GLY B 425 -18.83 12.01 28.41
C GLY B 425 -19.37 13.41 28.25
N GLY B 426 -20.59 13.65 28.73
CA GLY B 426 -21.20 14.97 28.61
C GLY B 426 -22.63 14.90 28.13
N LEU B 427 -23.16 13.69 27.98
CA LEU B 427 -24.51 13.49 27.48
C LEU B 427 -25.45 13.15 28.63
N VAL B 428 -26.62 13.77 28.63
CA VAL B 428 -27.62 13.56 29.68
C VAL B 428 -28.52 12.40 29.29
N VAL B 429 -28.71 11.46 30.21
CA VAL B 429 -29.53 10.28 29.99
C VAL B 429 -30.51 10.14 31.14
N PHE B 430 -31.78 9.91 30.83
CA PHE B 430 -32.79 9.81 31.86
C PHE B 430 -33.66 8.56 31.68
N TRP B 431 -34.14 8.06 32.81
CA TRP B 431 -34.69 6.73 32.93
C TRP B 431 -35.86 6.72 33.90
N GLN B 432 -36.70 5.69 33.75
CA GLN B 432 -37.80 5.38 34.66
C GLN B 432 -37.62 3.95 35.13
N GLY B 433 -37.69 3.74 36.45
CA GLY B 433 -37.50 2.41 36.98
C GLY B 433 -38.74 1.54 36.83
N ILE B 434 -38.51 0.25 36.68
CA ILE B 434 -39.62 -0.69 36.49
C ILE B 434 -39.33 -1.95 37.29
N LYS B 435 -40.39 -2.62 37.74
CA LYS B 435 -40.27 -3.87 38.48
C LYS B 435 -41.50 -4.71 38.15
N GLN B 436 -41.58 -5.91 38.74
CA GLN B 436 -42.74 -6.75 38.52
C GLN B 436 -43.64 -6.75 39.75
N GLN B 483 -42.90 -18.34 49.03
CA GLN B 483 -41.77 -19.25 49.17
C GLN B 483 -40.95 -19.31 47.89
N LEU B 484 -41.61 -19.72 46.80
CA LEU B 484 -40.95 -19.79 45.50
C LEU B 484 -40.63 -18.41 44.92
N GLN B 485 -41.19 -17.35 45.50
CA GLN B 485 -40.85 -16.00 45.06
C GLN B 485 -39.36 -15.73 45.21
N PHE B 486 -38.78 -16.20 46.31
CA PHE B 486 -37.34 -16.06 46.51
C PHE B 486 -36.56 -16.80 45.43
N THR B 487 -37.01 -18.00 45.06
CA THR B 487 -36.34 -18.74 44.00
C THR B 487 -36.41 -17.99 42.68
N TYR B 488 -37.58 -17.43 42.35
CA TYR B 488 -37.70 -16.66 41.12
C TYR B 488 -36.78 -15.45 41.14
N ASP B 489 -36.69 -14.77 42.27
CA ASP B 489 -35.80 -13.62 42.38
C ASP B 489 -34.35 -14.03 42.18
N THR B 490 -33.94 -15.15 42.77
CA THR B 490 -32.56 -15.61 42.59
C THR B 490 -32.28 -15.94 41.12
N LEU B 491 -33.22 -16.61 40.45
CA LEU B 491 -33.03 -16.90 39.03
C LEU B 491 -32.88 -15.63 38.22
N ARG B 492 -33.77 -14.66 38.45
CA ARG B 492 -33.71 -13.42 37.69
C ARG B 492 -32.39 -12.69 37.94
N GLY B 493 -31.94 -12.65 39.19
CA GLY B 493 -30.68 -11.99 39.50
C GLY B 493 -29.51 -12.67 38.85
N TYR B 494 -29.49 -14.01 38.86
CA TYR B 494 -28.38 -14.73 38.23
C TYR B 494 -28.35 -14.46 36.73
N ILE B 495 -29.51 -14.49 36.07
CA ILE B 495 -29.55 -14.22 34.63
C ILE B 495 -29.07 -12.80 34.34
N ASN B 496 -29.53 -11.83 35.14
CA ASN B 496 -29.11 -10.45 34.93
C ASN B 496 -27.60 -10.29 35.09
N ARG B 497 -27.03 -10.94 36.10
CA ARG B 497 -25.58 -10.88 36.29
C ARG B 497 -24.86 -11.47 35.09
N ALA B 498 -25.35 -12.60 34.58
CA ALA B 498 -24.71 -13.22 33.42
C ALA B 498 -24.72 -12.28 32.22
N LEU B 499 -25.88 -11.69 31.92
CA LEU B 499 -25.97 -10.80 30.76
C LEU B 499 -25.09 -9.57 30.93
N ALA B 500 -25.06 -8.99 32.14
CA ALA B 500 -24.21 -7.83 32.38
C ALA B 500 -22.75 -8.19 32.16
N GLN B 501 -22.32 -9.35 32.63
CA GLN B 501 -20.92 -9.75 32.44
C GLN B 501 -20.61 -9.99 30.96
N ILE B 502 -21.56 -10.57 30.22
CA ILE B 502 -21.34 -10.76 28.79
C ILE B 502 -21.15 -9.42 28.09
N ALA B 503 -21.99 -8.44 28.41
CA ALA B 503 -21.83 -7.12 27.78
C ALA B 503 -20.50 -6.48 28.19
N GLU B 504 -20.12 -6.64 29.45
CA GLU B 504 -18.85 -6.11 29.94
C GLU B 504 -17.68 -6.69 29.14
N ALA B 505 -17.71 -8.00 28.88
CA ALA B 505 -16.67 -8.61 28.07
C ALA B 505 -16.76 -8.18 26.61
N TRP B 506 -17.97 -7.87 26.14
CA TRP B 506 -18.14 -7.43 24.75
C TRP B 506 -17.56 -6.05 24.53
N CYS B 507 -17.47 -5.23 25.59
CA CYS B 507 -17.00 -3.85 25.46
C CYS B 507 -15.69 -3.70 24.68
N VAL B 508 -14.84 -4.73 24.64
CA VAL B 508 -13.49 -4.57 24.10
C VAL B 508 -13.44 -4.59 22.56
N ASP B 509 -14.36 -5.32 21.92
CA ASP B 509 -14.29 -5.43 20.46
C ASP B 509 -14.54 -4.09 19.79
N GLN B 510 -15.23 -3.15 20.45
CA GLN B 510 -15.36 -1.82 19.89
C GLN B 510 -14.02 -1.11 19.81
N ARG B 511 -13.23 -1.21 20.90
CA ARG B 511 -11.87 -0.70 20.87
C ARG B 511 -11.06 -1.34 19.74
N ARG B 512 -11.20 -2.66 19.61
CA ARG B 512 -10.45 -3.37 18.57
C ARG B 512 -10.85 -2.89 17.17
N THR B 513 -12.15 -2.70 16.95
CA THR B 513 -12.63 -2.24 15.65
C THR B 513 -12.14 -0.83 15.34
N LEU B 514 -12.16 0.06 16.33
CA LEU B 514 -11.61 1.39 16.10
C LEU B 514 -10.13 1.33 15.76
N GLU B 515 -9.38 0.46 16.44
CA GLU B 515 -7.96 0.30 16.12
C GLU B 515 -7.78 -0.19 14.67
N VAL B 516 -8.62 -1.13 14.24
CA VAL B 516 -8.49 -1.67 12.88
C VAL B 516 -8.83 -0.58 11.86
N PHE B 517 -9.91 0.17 12.09
CA PHE B 517 -10.28 1.22 11.15
C PHE B 517 -9.24 2.33 11.10
N LYS B 518 -8.53 2.59 12.20
CA LYS B 518 -7.51 3.63 12.17
C LYS B 518 -6.43 3.31 11.15
N GLU B 519 -6.22 2.03 10.84
CA GLU B 519 -5.23 1.67 9.82
C GLU B 519 -5.86 1.42 8.46
N LEU B 520 -7.09 0.92 8.41
CA LEU B 520 -7.77 0.82 7.11
C LEU B 520 -8.02 2.18 6.49
N SER B 521 -8.20 3.22 7.30
CA SER B 521 -8.45 4.54 6.75
C SER B 521 -7.26 5.06 5.97
N LYS B 522 -6.10 4.44 6.11
CA LYS B 522 -4.92 4.83 5.35
C LYS B 522 -4.89 4.24 3.95
N ILE B 523 -5.78 3.30 3.65
CA ILE B 523 -5.87 2.71 2.32
C ILE B 523 -6.88 3.47 1.45
N ASN B 524 -8.10 3.66 1.94
CA ASN B 524 -9.11 4.39 1.20
C ASN B 524 -10.08 5.07 2.16
N PRO B 525 -9.83 6.32 2.54
CA PRO B 525 -10.70 6.96 3.53
C PRO B 525 -12.15 7.07 3.08
N SER B 526 -12.37 7.32 1.79
CA SER B 526 -13.74 7.51 1.29
C SER B 526 -14.58 6.28 1.52
N ALA B 527 -14.05 5.10 1.16
CA ALA B 527 -14.82 3.87 1.30
C ALA B 527 -15.14 3.59 2.76
N ILE B 528 -14.16 3.75 3.64
CA ILE B 528 -14.38 3.44 5.05
C ILE B 528 -15.42 4.37 5.65
N LEU B 529 -15.29 5.67 5.39
CA LEU B 529 -16.24 6.63 5.97
C LEU B 529 -17.63 6.45 5.39
N SER B 530 -17.72 6.21 4.08
CA SER B 530 -19.03 5.97 3.48
C SER B 530 -19.65 4.68 3.98
N ALA B 531 -18.84 3.68 4.34
CA ALA B 531 -19.39 2.45 4.90
C ALA B 531 -19.91 2.66 6.31
N ILE B 532 -19.16 3.40 7.14
CA ILE B 532 -19.56 3.56 8.54
C ILE B 532 -20.52 4.72 8.75
N TYR B 533 -20.82 5.50 7.72
CA TYR B 533 -21.82 6.55 7.81
C TYR B 533 -23.06 6.29 6.96
N ASN B 534 -23.01 5.33 6.05
CA ASN B 534 -24.12 5.00 5.17
C ASN B 534 -24.53 6.20 4.31
N LYS B 535 -23.55 7.02 3.93
CA LYS B 535 -23.74 8.12 3.01
C LYS B 535 -22.56 8.17 2.06
N PRO B 536 -22.76 8.66 0.83
CA PRO B 536 -21.64 8.83 -0.11
C PRO B 536 -20.81 10.04 0.26
N ILE B 537 -19.61 9.80 0.78
CA ILE B 537 -18.77 10.84 1.36
C ILE B 537 -17.37 10.77 0.76
N ALA B 538 -16.85 11.93 0.38
CA ALA B 538 -15.49 12.07 -0.11
C ALA B 538 -14.65 12.73 0.96
N ALA B 539 -13.58 12.05 1.39
CA ALA B 539 -12.73 12.53 2.45
C ALA B 539 -11.28 12.49 2.01
N ARG B 540 -10.47 13.35 2.63
CA ARG B 540 -9.06 13.46 2.25
C ARG B 540 -8.24 13.82 3.46
N PHE B 541 -7.06 13.19 3.57
CA PHE B 541 -6.17 13.47 4.68
C PHE B 541 -5.65 14.90 4.60
N MET B 542 -5.41 15.48 5.77
CA MET B 542 -4.90 16.84 5.91
C MET B 542 -3.75 16.88 6.91
N GLY B 543 -2.80 15.96 6.72
CA GLY B 543 -1.71 15.78 7.66
C GLY B 543 -2.03 14.72 8.68
N ASP B 544 -2.93 15.03 9.61
CA ASP B 544 -3.30 14.07 10.65
C ASP B 544 -4.80 14.01 10.93
N VAL B 545 -5.61 14.84 10.29
CA VAL B 545 -7.05 14.88 10.52
C VAL B 545 -7.75 14.85 9.18
N LEU B 546 -8.85 14.12 9.10
CA LEU B 546 -9.56 13.96 7.84
C LEU B 546 -10.44 15.17 7.54
N GLY B 547 -10.57 15.48 6.26
CA GLY B 547 -11.49 16.50 5.81
C GLY B 547 -12.60 15.92 4.96
N LEU B 548 -13.84 16.29 5.26
CA LEU B 548 -15.03 15.68 4.67
C LEU B 548 -15.66 16.60 3.63
N ALA B 549 -16.41 16.00 2.71
CA ALA B 549 -17.24 16.73 1.77
C ALA B 549 -18.15 15.75 1.06
N SER B 550 -19.22 16.26 0.46
CA SER B 550 -20.09 15.43 -0.35
C SER B 550 -19.51 15.28 -1.75
N CYS B 551 -20.31 14.75 -2.67
CA CYS B 551 -19.86 14.49 -4.03
C CYS B 551 -20.48 15.48 -5.01
N VAL B 552 -19.63 16.07 -5.85
CA VAL B 552 -20.12 16.87 -6.97
C VAL B 552 -20.94 15.99 -7.91
N THR B 553 -21.94 16.59 -8.53
CA THR B 553 -22.82 15.88 -9.45
C THR B 553 -22.68 16.46 -10.85
N ILE B 554 -22.39 15.59 -11.82
CA ILE B 554 -22.19 15.96 -13.22
C ILE B 554 -23.57 16.04 -13.87
N ASN B 555 -23.62 16.60 -15.09
CA ASN B 555 -24.87 16.83 -15.83
C ASN B 555 -25.81 15.63 -15.84
N GLN B 556 -25.26 14.42 -15.66
CA GLN B 556 -25.99 13.16 -15.55
C GLN B 556 -26.63 12.73 -16.86
N THR B 557 -26.54 13.52 -17.92
CA THR B 557 -27.20 13.19 -19.18
C THR B 557 -26.24 12.86 -20.30
N SER B 558 -25.19 13.66 -20.49
CA SER B 558 -24.22 13.44 -21.57
C SER B 558 -22.92 12.95 -20.94
N VAL B 559 -22.86 11.65 -20.69
CA VAL B 559 -21.62 11.00 -20.25
C VAL B 559 -21.41 9.74 -21.09
N LYS B 560 -20.65 9.87 -22.17
CA LYS B 560 -20.40 8.75 -23.07
C LYS B 560 -19.18 7.98 -22.60
N VAL B 561 -19.36 6.68 -22.36
CA VAL B 561 -18.28 5.80 -21.96
C VAL B 561 -17.74 5.17 -23.24
N LEU B 562 -16.51 5.55 -23.61
CA LEU B 562 -15.94 5.06 -24.86
C LEU B 562 -15.75 3.56 -24.82
N ARG B 563 -16.11 2.90 -25.92
CA ARG B 563 -15.93 1.45 -26.04
C ARG B 563 -14.55 1.10 -26.59
N ASP B 564 -13.53 1.69 -25.97
CA ASP B 564 -12.15 1.45 -26.38
C ASP B 564 -11.26 1.55 -25.16
N MET B 565 -10.13 0.86 -25.21
CA MET B 565 -9.15 0.95 -24.14
C MET B 565 -7.73 1.09 -24.64
N ASN B 566 -7.48 0.98 -25.95
CA ASN B 566 -6.13 1.09 -26.49
C ASN B 566 -5.75 2.55 -26.66
N VAL B 567 -4.56 2.91 -26.19
CA VAL B 567 -4.05 4.25 -26.40
C VAL B 567 -3.76 4.42 -27.89
N LYS B 568 -4.39 5.44 -28.49
CA LYS B 568 -4.36 5.56 -29.95
C LYS B 568 -2.95 5.83 -30.46
N GLU B 569 -2.21 6.72 -29.79
CA GLU B 569 -0.89 7.10 -30.28
C GLU B 569 0.14 6.01 -30.02
N SER B 570 0.11 5.40 -28.84
CA SER B 570 1.18 4.50 -28.44
C SER B 570 0.78 3.05 -28.68
N PRO B 571 1.48 2.31 -29.54
CA PRO B 571 1.17 0.88 -29.71
C PRO B 571 1.80 0.06 -28.61
N GLY B 572 1.02 -0.85 -28.04
CA GLY B 572 1.47 -1.67 -26.94
C GLY B 572 1.12 -1.18 -25.56
N ARG B 573 0.27 -0.16 -25.45
CA ARG B 573 -0.17 0.37 -24.17
C ARG B 573 -1.65 0.65 -24.25
N CYS B 574 -2.41 0.20 -23.25
CA CYS B 574 -3.85 0.39 -23.26
C CYS B 574 -4.33 0.72 -21.86
N TYR B 575 -5.42 1.50 -21.77
CA TYR B 575 -5.91 2.03 -20.50
C TYR B 575 -6.23 0.93 -19.51
N SER B 576 -6.31 1.28 -18.24
CA SER B 576 -6.66 0.32 -17.19
C SER B 576 -8.13 0.36 -16.82
N ARG B 577 -8.76 1.52 -16.90
CA ARG B 577 -10.20 1.67 -16.66
C ARG B 577 -10.77 2.48 -17.81
N PRO B 578 -12.04 2.22 -18.18
CA PRO B 578 -12.58 2.86 -19.38
C PRO B 578 -12.60 4.37 -19.24
N VAL B 579 -12.35 5.05 -20.35
CA VAL B 579 -12.26 6.50 -20.37
C VAL B 579 -13.64 7.09 -20.56
N VAL B 580 -13.93 8.20 -19.88
CA VAL B 580 -15.24 8.82 -19.85
C VAL B 580 -15.11 10.27 -20.27
N ILE B 581 -16.17 10.80 -20.89
CA ILE B 581 -16.22 12.21 -21.30
C ILE B 581 -17.49 12.81 -20.70
N PHE B 582 -17.35 13.40 -19.52
CA PHE B 582 -18.48 14.02 -18.84
C PHE B 582 -18.56 15.50 -19.20
N ASN B 583 -19.37 16.24 -18.46
CA ASN B 583 -19.55 17.67 -18.73
C ASN B 583 -20.05 18.34 -17.46
N PHE B 584 -19.27 19.27 -16.93
CA PHE B 584 -19.64 19.93 -15.68
C PHE B 584 -20.89 20.79 -15.89
N ALA B 585 -21.68 20.93 -14.82
CA ALA B 585 -22.98 21.54 -14.92
C ALA B 585 -22.90 22.98 -15.42
N ASN B 586 -23.90 23.38 -16.20
CA ASN B 586 -24.02 24.73 -16.75
C ASN B 586 -22.80 25.15 -17.57
N SER B 587 -22.22 24.23 -18.34
CA SER B 587 -21.08 24.53 -19.18
C SER B 587 -21.25 23.86 -20.54
N SER B 588 -20.29 24.12 -21.43
CA SER B 588 -20.30 23.53 -22.77
C SER B 588 -18.90 23.11 -23.20
N TYR B 589 -18.08 22.69 -22.24
CA TYR B 589 -16.68 22.35 -22.48
C TYR B 589 -16.45 20.92 -22.00
N VAL B 590 -16.09 20.03 -22.91
CA VAL B 590 -15.93 18.62 -22.57
C VAL B 590 -14.67 18.41 -21.73
N GLN B 591 -14.63 17.28 -21.03
CA GLN B 591 -13.50 16.93 -20.19
C GLN B 591 -13.18 15.46 -20.44
N TYR B 592 -12.29 14.91 -19.61
CA TYR B 592 -11.87 13.52 -19.75
C TYR B 592 -11.59 12.94 -18.38
N GLY B 593 -12.34 11.91 -18.00
CA GLY B 593 -12.12 11.22 -16.76
C GLY B 593 -12.26 9.72 -16.98
N GLN B 594 -12.02 8.95 -15.92
CA GLN B 594 -12.08 7.51 -16.02
C GLN B 594 -13.05 6.93 -15.00
N LEU B 595 -13.75 5.88 -15.41
CA LEU B 595 -14.77 5.28 -14.57
C LEU B 595 -14.15 4.58 -13.36
N GLY B 596 -14.84 4.65 -12.23
CA GLY B 596 -14.41 3.96 -11.04
C GLY B 596 -15.44 2.94 -10.59
N GLU B 597 -15.39 2.56 -9.32
CA GLU B 597 -16.35 1.60 -8.77
C GLU B 597 -17.63 2.32 -8.35
N ASP B 598 -18.74 1.59 -8.42
CA ASP B 598 -20.05 2.11 -8.03
C ASP B 598 -20.44 3.33 -8.86
N ASN B 599 -19.99 3.39 -10.10
CA ASN B 599 -20.38 4.42 -11.05
C ASN B 599 -20.07 5.82 -10.52
N GLU B 600 -18.79 6.06 -10.24
CA GLU B 600 -18.32 7.39 -9.87
C GLU B 600 -17.07 7.71 -10.67
N ILE B 601 -17.04 8.89 -11.26
CA ILE B 601 -15.97 9.26 -12.17
C ILE B 601 -14.79 9.80 -11.37
N LEU B 602 -13.59 9.36 -11.73
CA LEU B 602 -12.37 9.88 -11.13
C LEU B 602 -11.58 10.62 -12.20
N LEU B 603 -11.06 11.79 -11.81
CA LEU B 603 -10.48 12.71 -12.79
C LEU B 603 -9.17 12.16 -13.34
N GLY B 604 -8.80 12.69 -14.51
CA GLY B 604 -7.54 12.33 -15.14
C GLY B 604 -7.72 11.37 -16.30
N ASN B 605 -6.68 11.26 -17.12
CA ASN B 605 -6.66 10.38 -18.27
C ASN B 605 -5.31 9.69 -18.38
N HIS B 606 -4.77 9.24 -17.23
CA HIS B 606 -3.38 8.83 -17.16
C HIS B 606 -3.19 7.52 -16.42
N ARG B 607 -4.21 6.65 -16.41
CA ARG B 607 -4.09 5.36 -15.73
C ARG B 607 -3.68 4.25 -16.68
N THR B 608 -2.87 4.57 -17.68
CA THR B 608 -2.51 3.60 -18.70
C THR B 608 -1.72 2.45 -18.09
N GLU B 609 -1.51 1.41 -18.90
CA GLU B 609 -0.76 0.24 -18.50
C GLU B 609 -0.39 -0.52 -19.76
N GLU B 610 0.79 -1.14 -19.76
CA GLU B 610 1.06 -2.14 -20.78
C GLU B 610 0.09 -3.29 -20.55
N CYS B 611 -0.32 -3.94 -21.64
CA CYS B 611 -1.36 -4.95 -21.48
C CYS B 611 -1.10 -6.14 -22.38
N GLN B 612 -1.68 -7.26 -21.96
CA GLN B 612 -1.24 -8.60 -22.36
C GLN B 612 -2.47 -9.45 -22.64
N LEU B 613 -2.73 -9.70 -23.91
CA LEU B 613 -3.90 -10.49 -24.29
C LEU B 613 -3.72 -11.94 -23.86
N PRO B 614 -4.82 -12.64 -23.57
CA PRO B 614 -6.21 -12.20 -23.51
C PRO B 614 -6.60 -11.59 -22.18
N SER B 615 -7.70 -10.84 -22.15
CA SER B 615 -8.17 -10.18 -20.94
C SER B 615 -9.69 -10.30 -20.85
N LEU B 616 -10.21 -10.28 -19.64
CA LEU B 616 -11.63 -10.45 -19.38
C LEU B 616 -12.09 -9.41 -18.36
N LYS B 617 -11.75 -8.15 -18.59
CA LYS B 617 -12.01 -7.13 -17.57
C LYS B 617 -13.51 -6.95 -17.38
N ILE B 618 -13.93 -6.83 -16.12
CA ILE B 618 -15.33 -6.60 -15.77
C ILE B 618 -15.40 -5.47 -14.78
N PHE B 619 -16.16 -4.43 -15.10
CA PHE B 619 -16.25 -3.23 -14.29
C PHE B 619 -17.66 -3.07 -13.74
N ILE B 620 -17.76 -2.74 -12.46
CA ILE B 620 -19.03 -2.69 -11.75
C ILE B 620 -19.60 -1.29 -11.83
N ALA B 621 -20.86 -1.20 -12.25
CA ALA B 621 -21.66 0.02 -12.25
C ALA B 621 -23.04 -0.27 -11.68
N GLY B 622 -23.05 -0.88 -10.50
CA GLY B 622 -24.22 -1.52 -9.91
C GLY B 622 -25.56 -0.84 -10.10
N ASN B 623 -26.58 -1.62 -10.44
CA ASN B 623 -26.42 -3.07 -10.61
C ASN B 623 -26.31 -3.55 -12.06
N SER B 624 -25.17 -3.26 -12.68
CA SER B 624 -24.87 -3.71 -14.03
C SER B 624 -23.38 -3.58 -14.30
N ALA B 625 -22.79 -4.58 -14.93
CA ALA B 625 -21.34 -4.62 -15.11
C ALA B 625 -20.98 -4.64 -16.59
N TYR B 626 -20.01 -3.80 -16.96
CA TYR B 626 -19.44 -3.81 -18.30
C TYR B 626 -18.44 -4.94 -18.40
N GLU B 627 -18.40 -5.59 -19.57
CA GLU B 627 -17.49 -6.70 -19.82
C GLU B 627 -16.65 -6.36 -21.05
N TYR B 628 -15.38 -6.03 -20.84
CA TYR B 628 -14.44 -5.80 -21.91
C TYR B 628 -13.61 -7.07 -22.13
N VAL B 629 -13.70 -7.62 -23.34
CA VAL B 629 -12.94 -8.81 -23.73
C VAL B 629 -11.96 -8.38 -24.82
N ASP B 630 -10.67 -8.58 -24.57
CA ASP B 630 -9.59 -8.10 -25.43
C ASP B 630 -9.67 -6.61 -25.65
N TYR B 631 -10.25 -5.88 -24.69
CA TYR B 631 -10.29 -4.42 -24.66
C TYR B 631 -11.24 -3.83 -25.70
N LEU B 632 -12.25 -4.59 -26.14
CA LEU B 632 -13.32 -3.99 -26.96
C LEU B 632 -14.69 -4.49 -26.49
N PHE B 633 -15.20 -3.90 -25.40
CA PHE B 633 -16.61 -3.80 -25.07
C PHE B 633 -17.47 -4.97 -25.56
N LYS B 634 -17.22 -6.19 -25.08
CA LYS B 634 -17.97 -7.34 -25.57
C LYS B 634 -19.48 -7.11 -25.50
N ARG B 635 -20.01 -6.93 -24.29
CA ARG B 635 -21.45 -6.71 -24.11
C ARG B 635 -21.72 -6.39 -22.65
N MET B 636 -22.89 -5.81 -22.41
CA MET B 636 -23.36 -5.61 -21.03
C MET B 636 -23.84 -6.92 -20.45
N ILE B 637 -23.61 -7.10 -19.15
CA ILE B 637 -24.05 -8.28 -18.42
C ILE B 637 -24.77 -7.83 -17.16
N ASP B 638 -25.93 -8.42 -16.89
CA ASP B 638 -26.61 -8.17 -15.63
C ASP B 638 -25.84 -8.85 -14.50
N LEU B 639 -25.91 -8.25 -13.31
CA LEU B 639 -25.09 -8.70 -12.19
C LEU B 639 -25.85 -9.84 -11.50
N SER B 640 -25.79 -11.02 -12.12
CA SER B 640 -26.33 -12.23 -11.54
C SER B 640 -25.43 -13.44 -11.70
N SER B 641 -24.53 -13.45 -12.68
CA SER B 641 -23.68 -14.60 -12.96
C SER B 641 -22.34 -14.53 -12.24
N ILE B 642 -22.26 -13.73 -11.18
CA ILE B 642 -21.04 -13.61 -10.37
C ILE B 642 -21.46 -13.88 -8.93
N SER B 643 -21.16 -15.09 -8.44
CA SER B 643 -21.61 -15.47 -7.11
C SER B 643 -20.80 -14.76 -6.04
N THR B 644 -21.51 -14.21 -5.05
CA THR B 644 -20.85 -13.51 -3.96
C THR B 644 -20.12 -14.50 -3.06
N VAL B 645 -19.00 -14.06 -2.50
CA VAL B 645 -18.26 -14.90 -1.55
C VAL B 645 -19.08 -15.12 -0.29
N ASP B 646 -19.91 -14.15 0.07
CA ASP B 646 -20.74 -14.27 1.27
C ASP B 646 -21.71 -15.44 1.13
N SER B 647 -22.29 -15.60 -0.06
CA SER B 647 -23.20 -16.71 -0.34
C SER B 647 -22.46 -17.99 -0.73
N MET B 648 -21.13 -17.97 -0.72
CA MET B 648 -20.34 -19.13 -1.10
C MET B 648 -19.42 -19.58 0.03
N ILE B 649 -19.89 -19.48 1.27
CA ILE B 649 -19.12 -19.98 2.40
C ILE B 649 -18.89 -21.48 2.28
N ALA B 650 -19.80 -22.19 1.62
CA ALA B 650 -19.68 -23.63 1.47
C ALA B 650 -18.63 -23.95 0.41
N LEU B 651 -18.56 -25.22 0.03
CA LEU B 651 -17.50 -25.71 -0.85
C LEU B 651 -17.88 -25.43 -2.29
N ASP B 652 -17.15 -24.52 -2.93
CA ASP B 652 -17.21 -24.41 -4.38
C ASP B 652 -16.62 -25.66 -5.02
N ILE B 653 -17.12 -26.02 -6.20
CA ILE B 653 -16.90 -27.35 -6.76
C ILE B 653 -15.42 -27.66 -6.85
N ASP B 654 -14.69 -26.93 -7.69
CA ASP B 654 -13.24 -27.08 -7.77
C ASP B 654 -12.65 -25.97 -8.64
N PRO B 655 -11.61 -25.29 -8.17
CA PRO B 655 -10.90 -24.34 -9.04
C PRO B 655 -10.16 -25.08 -10.14
N LEU B 656 -10.02 -24.41 -11.28
CA LEU B 656 -9.66 -25.06 -12.53
C LEU B 656 -8.16 -25.11 -12.80
N GLU B 657 -7.34 -24.32 -12.10
CA GLU B 657 -5.89 -24.29 -12.28
C GLU B 657 -5.52 -23.88 -13.71
N ASN B 658 -5.84 -22.62 -14.02
CA ASN B 658 -5.54 -22.08 -15.34
C ASN B 658 -4.09 -21.60 -15.40
N THR B 659 -3.70 -21.08 -16.56
CA THR B 659 -2.33 -20.65 -16.80
C THR B 659 -2.33 -19.58 -17.87
N ASP B 660 -1.20 -18.88 -17.98
CA ASP B 660 -1.00 -17.84 -18.99
C ASP B 660 0.37 -18.01 -19.60
N PHE B 661 0.43 -18.07 -20.93
CA PHE B 661 1.68 -18.40 -21.61
C PHE B 661 2.50 -17.19 -22.04
N ARG B 662 1.85 -16.06 -22.33
CA ARG B 662 2.61 -14.87 -22.71
C ARG B 662 3.53 -14.41 -21.58
N VAL B 663 2.98 -14.34 -20.37
CA VAL B 663 3.77 -13.89 -19.22
C VAL B 663 4.91 -14.87 -18.94
N LEU B 664 4.63 -16.16 -19.03
CA LEU B 664 5.66 -17.16 -18.77
C LEU B 664 6.78 -17.08 -19.80
N GLU B 665 6.43 -16.94 -21.08
CA GLU B 665 7.46 -16.82 -22.11
C GLU B 665 8.24 -15.52 -21.96
N LEU B 666 7.61 -14.47 -21.43
CA LEU B 666 8.33 -13.23 -21.22
C LEU B 666 9.29 -13.34 -20.05
N TYR B 667 8.86 -13.97 -18.96
CA TYR B 667 9.77 -14.20 -17.84
C TYR B 667 10.95 -15.07 -18.25
N SER B 668 10.69 -16.20 -18.90
CA SER B 668 11.80 -17.11 -19.17
C SER B 668 12.52 -16.76 -20.46
N GLN B 669 12.83 -15.49 -20.64
CA GLN B 669 13.86 -15.07 -21.59
C GLN B 669 14.65 -13.88 -21.05
N LYS B 670 14.39 -13.45 -19.81
CA LYS B 670 15.17 -12.43 -19.11
C LYS B 670 15.15 -11.07 -19.81
N GLU B 671 13.93 -10.56 -20.03
CA GLU B 671 13.73 -9.15 -20.35
C GLU B 671 12.56 -8.64 -19.50
N LEU B 672 12.51 -9.08 -18.25
CA LEU B 672 11.42 -8.75 -17.32
C LEU B 672 11.62 -7.33 -16.78
N ARG B 673 11.25 -6.36 -17.61
CA ARG B 673 11.43 -4.95 -17.24
C ARG B 673 10.12 -4.18 -17.17
N SER B 674 9.32 -4.20 -18.23
CA SER B 674 8.10 -3.41 -18.30
C SER B 674 6.84 -4.25 -18.30
N SER B 675 6.72 -5.19 -19.24
CA SER B 675 5.56 -6.05 -19.31
C SER B 675 5.67 -7.28 -18.42
N ASN B 676 6.75 -7.38 -17.64
CA ASN B 676 6.94 -8.53 -16.77
C ASN B 676 5.75 -8.74 -15.86
N VAL B 677 5.31 -7.67 -15.20
CA VAL B 677 4.20 -7.74 -14.27
C VAL B 677 3.60 -6.35 -14.20
N PHE B 678 2.29 -6.29 -13.97
CA PHE B 678 1.61 -5.02 -13.78
C PHE B 678 1.20 -4.84 -12.33
N ASP B 679 1.73 -5.68 -11.43
CA ASP B 679 1.38 -5.64 -10.02
C ASP B 679 -0.13 -5.78 -9.85
N LEU B 680 -0.73 -6.76 -10.52
CA LEU B 680 -2.19 -6.84 -10.53
C LEU B 680 -2.76 -7.03 -9.14
N GLU B 681 -2.13 -7.85 -8.31
CA GLU B 681 -2.44 -7.91 -6.88
C GLU B 681 -1.57 -6.85 -6.19
N GLU B 682 -2.02 -5.61 -6.30
CA GLU B 682 -1.11 -4.46 -6.20
C GLU B 682 -0.34 -4.37 -4.89
N ILE B 683 -1.04 -4.11 -3.78
CA ILE B 683 -0.36 -3.56 -2.62
C ILE B 683 0.63 -4.56 -2.02
N MET B 684 0.56 -5.83 -2.41
CA MET B 684 1.56 -6.83 -2.03
C MET B 684 2.71 -6.89 -3.01
N ARG B 685 2.43 -7.22 -4.27
CA ARG B 685 3.47 -7.32 -5.27
C ARG B 685 4.14 -5.98 -5.56
N GLU B 686 3.53 -4.88 -5.15
CA GLU B 686 4.07 -3.56 -5.42
C GLU B 686 5.24 -3.18 -4.53
N PHE B 687 5.25 -3.57 -3.25
CA PHE B 687 6.34 -3.12 -2.40
C PHE B 687 7.55 -4.03 -2.45
N ASN B 688 7.45 -5.18 -3.12
CA ASN B 688 8.62 -6.01 -3.35
C ASN B 688 9.47 -5.50 -4.50
N SER B 689 8.96 -4.57 -5.30
CA SER B 689 9.65 -4.05 -6.47
C SER B 689 10.12 -2.61 -6.31
N TYR B 690 9.67 -1.90 -5.27
CA TYR B 690 9.93 -0.47 -5.18
C TYR B 690 11.42 -0.19 -5.00
N LYS B 691 12.10 -0.99 -4.18
CA LYS B 691 13.53 -0.79 -3.96
C LYS B 691 14.33 -1.01 -5.23
N GLN B 692 13.77 -1.69 -6.23
CA GLN B 692 14.43 -1.87 -7.50
C GLN B 692 14.21 -0.67 -8.41
N ARG B 693 13.01 -0.10 -8.38
CA ARG B 693 12.76 1.14 -9.12
C ARG B 693 13.60 2.28 -8.59
N VAL B 694 13.86 2.28 -7.27
CA VAL B 694 14.73 3.31 -6.71
C VAL B 694 16.12 3.24 -7.34
N LYS B 695 16.66 2.03 -7.48
CA LYS B 695 17.98 1.90 -8.11
C LYS B 695 17.92 2.27 -9.58
N TYR B 696 16.85 1.86 -10.29
CA TYR B 696 16.67 2.32 -11.66
C TYR B 696 16.79 3.84 -11.74
N VAL B 697 16.04 4.53 -10.88
CA VAL B 697 16.00 5.99 -10.95
C VAL B 697 17.38 6.58 -10.61
N GLU B 698 18.04 6.04 -9.59
CA GLU B 698 19.33 6.60 -9.20
C GLU B 698 20.37 6.44 -10.31
N ASP B 699 20.54 5.21 -10.80
CA ASP B 699 21.53 4.98 -11.85
C ASP B 699 21.20 5.77 -13.11
N LYS B 700 19.92 5.80 -13.46
CA LYS B 700 19.47 6.52 -14.64
C LYS B 700 19.69 8.03 -14.52
N VAL B 701 19.52 8.58 -13.32
CA VAL B 701 19.75 10.01 -13.11
C VAL B 701 21.22 10.33 -13.17
N VAL B 702 22.08 9.48 -12.58
CA VAL B 702 23.49 9.84 -12.43
C VAL B 702 24.12 10.17 -13.78
N ASP B 703 23.80 9.41 -14.82
CA ASP B 703 24.53 9.61 -16.07
C ASP B 703 24.21 10.97 -16.70
N PRO B 704 22.91 11.31 -17.14
CA PRO B 704 22.62 12.68 -17.55
C PRO B 704 22.49 13.70 -16.41
N LEU B 705 23.41 13.61 -15.44
CA LEU B 705 23.50 14.59 -14.36
C LEU B 705 24.92 15.15 -14.35
N PRO B 706 25.08 16.45 -14.11
CA PRO B 706 26.34 17.13 -14.47
C PRO B 706 27.56 16.36 -13.97
N PRO B 707 28.34 15.80 -14.89
CA PRO B 707 29.51 15.02 -14.48
C PRO B 707 30.70 15.91 -14.14
N TYR B 708 31.85 15.31 -13.90
CA TYR B 708 33.06 16.05 -13.58
C TYR B 708 33.79 16.37 -14.88
N LEU B 709 33.12 17.15 -15.73
CA LEU B 709 33.71 17.68 -16.96
C LEU B 709 34.24 16.53 -17.83
N LYS B 710 33.28 15.84 -18.46
CA LYS B 710 33.43 14.52 -19.06
C LYS B 710 34.78 14.28 -19.70
N GLY B 711 35.37 15.31 -20.31
CA GLY B 711 36.74 15.20 -20.79
C GLY B 711 37.70 14.71 -19.71
N LEU B 712 37.46 15.08 -18.46
CA LEU B 712 38.30 14.64 -17.36
C LEU B 712 38.12 13.15 -17.05
N ASP B 713 36.97 12.58 -17.40
CA ASP B 713 36.64 11.23 -17.01
C ASP B 713 37.67 10.21 -17.51
N ASP B 714 38.41 10.57 -18.56
CA ASP B 714 39.40 9.65 -19.10
C ASP B 714 40.59 9.49 -18.16
N LEU B 715 40.97 10.58 -17.47
CA LEU B 715 42.17 10.55 -16.64
C LEU B 715 42.13 9.43 -15.61
N MET B 716 40.96 9.23 -15.00
CA MET B 716 40.79 8.13 -14.06
C MET B 716 41.19 6.81 -14.70
N SER B 717 40.63 6.52 -15.88
CA SER B 717 41.02 5.31 -16.60
C SER B 717 42.51 5.32 -16.92
N GLY B 718 43.04 6.50 -17.25
CA GLY B 718 44.48 6.61 -17.46
C GLY B 718 45.27 6.17 -16.24
N LEU B 719 44.79 6.49 -15.05
CA LEU B 719 45.41 5.97 -13.84
C LEU B 719 44.82 4.63 -13.43
N GLY B 720 43.67 4.26 -14.00
CA GLY B 720 43.05 3.01 -13.61
C GLY B 720 43.88 1.79 -13.98
N ALA B 721 44.48 1.80 -15.17
CA ALA B 721 45.24 0.65 -15.63
C ALA B 721 46.53 0.50 -14.84
N ALA B 722 47.41 1.48 -14.93
CA ALA B 722 48.72 1.43 -14.30
C ALA B 722 49.29 2.85 -14.28
N GLY B 723 50.56 2.96 -13.91
CA GLY B 723 51.24 4.25 -13.81
C GLY B 723 51.49 4.58 -12.35
N LYS B 724 52.69 5.07 -12.06
CA LYS B 724 53.09 5.38 -10.70
C LYS B 724 53.29 6.87 -10.48
N ALA B 725 54.15 7.52 -11.28
CA ALA B 725 54.41 8.94 -11.13
C ALA B 725 54.26 9.73 -12.43
N VAL B 726 54.15 9.07 -13.59
CA VAL B 726 53.83 9.78 -14.82
C VAL B 726 52.44 10.37 -14.76
N GLY B 727 51.58 9.82 -13.90
CA GLY B 727 50.23 10.33 -13.79
C GLY B 727 50.17 11.78 -13.39
N VAL B 728 51.08 12.22 -12.51
CA VAL B 728 51.07 13.60 -12.05
C VAL B 728 51.37 14.55 -13.20
N ALA B 729 52.44 14.30 -13.95
CA ALA B 729 52.79 15.16 -15.06
C ALA B 729 51.73 15.14 -16.14
N ILE B 730 51.19 13.95 -16.44
CA ILE B 730 50.11 13.84 -17.40
C ILE B 730 48.91 14.64 -16.95
N GLY B 731 48.59 14.59 -15.66
CA GLY B 731 47.48 15.37 -15.15
C GLY B 731 47.69 16.87 -15.27
N ALA B 732 48.91 17.34 -15.01
CA ALA B 732 49.18 18.76 -15.14
C ALA B 732 49.05 19.23 -16.60
N VAL B 733 49.66 18.47 -17.52
CA VAL B 733 49.57 18.83 -18.93
C VAL B 733 48.12 18.79 -19.39
N GLY B 734 47.37 17.76 -18.98
CA GLY B 734 45.97 17.68 -19.32
C GLY B 734 45.17 18.83 -18.73
N GLY B 735 45.56 19.30 -17.54
CA GLY B 735 44.87 20.43 -16.95
C GLY B 735 45.03 21.68 -17.79
N ALA B 736 46.26 21.97 -18.22
CA ALA B 736 46.47 23.14 -19.08
C ALA B 736 45.72 23.00 -20.41
N VAL B 737 45.83 21.82 -21.03
CA VAL B 737 45.20 21.61 -22.34
C VAL B 737 43.69 21.74 -22.22
N ALA B 738 43.11 21.14 -21.18
CA ALA B 738 41.66 21.23 -20.99
C ALA B 738 41.23 22.64 -20.68
N SER B 739 42.05 23.39 -19.95
CA SER B 739 41.71 24.79 -19.68
C SER B 739 41.59 25.58 -20.98
N VAL B 740 42.51 25.36 -21.92
CA VAL B 740 42.41 26.05 -23.21
C VAL B 740 41.23 25.52 -24.03
N VAL B 741 41.08 24.20 -24.09
CA VAL B 741 40.10 23.60 -24.99
C VAL B 741 38.67 23.88 -24.54
N GLU B 742 38.44 24.00 -23.23
CA GLU B 742 37.09 24.34 -22.77
C GLU B 742 36.68 25.73 -23.23
N GLY B 743 37.60 26.70 -23.16
CA GLY B 743 37.30 28.01 -23.71
C GLY B 743 37.06 27.97 -25.20
N VAL B 744 37.86 27.18 -25.92
CA VAL B 744 37.65 27.05 -27.37
C VAL B 744 36.26 26.50 -27.66
N ALA B 745 35.86 25.45 -26.93
CA ALA B 745 34.55 24.84 -27.16
C ALA B 745 33.42 25.80 -26.78
N THR B 746 33.60 26.56 -25.70
CA THR B 746 32.58 27.53 -25.30
C THR B 746 32.40 28.59 -26.39
N PHE B 747 33.50 29.04 -26.99
CA PHE B 747 33.38 29.94 -28.13
C PHE B 747 32.67 29.26 -29.30
N LEU B 748 32.98 27.98 -29.53
CA LEU B 748 32.40 27.26 -30.66
C LEU B 748 30.91 27.04 -30.52
N LYS B 749 30.39 26.94 -29.29
CA LYS B 749 28.98 26.63 -29.09
C LYS B 749 28.04 27.75 -29.51
N ASN B 750 28.50 29.00 -29.49
CA ASN B 750 27.61 30.08 -29.93
C ASN B 750 27.42 30.01 -31.44
N PRO B 751 26.21 30.29 -31.94
CA PRO B 751 25.98 30.21 -33.39
C PRO B 751 26.88 31.11 -34.21
N PHE B 752 27.19 32.31 -33.69
CA PHE B 752 28.03 33.23 -34.43
C PHE B 752 29.44 32.68 -34.60
N GLY B 753 29.98 32.07 -33.55
CA GLY B 753 31.29 31.45 -33.67
C GLY B 753 31.30 30.29 -34.65
N ALA B 754 30.26 29.47 -34.63
CA ALA B 754 30.16 28.37 -35.58
C ALA B 754 30.11 28.90 -37.02
N PHE B 755 29.33 29.96 -37.24
CA PHE B 755 29.28 30.56 -38.57
C PHE B 755 30.64 31.12 -38.98
N THR B 756 31.36 31.72 -38.02
CA THR B 756 32.69 32.23 -38.32
C THR B 756 33.65 31.09 -38.72
N ILE B 757 33.58 29.97 -38.01
CA ILE B 757 34.44 28.83 -38.34
C ILE B 757 34.11 28.30 -39.73
N ILE B 758 32.80 28.18 -40.02
CA ILE B 758 32.40 27.73 -41.34
C ILE B 758 32.91 28.68 -42.43
N LEU B 759 32.78 29.98 -42.18
CA LEU B 759 33.21 30.98 -43.16
C LEU B 759 34.71 30.89 -43.40
N VAL B 760 35.51 30.78 -42.34
CA VAL B 760 36.96 30.76 -42.54
C VAL B 760 37.39 29.47 -43.23
N ALA B 761 36.74 28.35 -42.90
CA ALA B 761 37.07 27.10 -43.58
C ALA B 761 36.77 27.19 -45.06
N ILE B 762 35.58 27.69 -45.41
CA ILE B 762 35.22 27.82 -46.82
C ILE B 762 36.16 28.79 -47.52
N ALA B 763 36.52 29.89 -46.86
CA ALA B 763 37.42 30.85 -47.46
C ALA B 763 38.79 30.25 -47.73
N VAL B 764 39.30 29.44 -46.80
CA VAL B 764 40.59 28.79 -47.01
C VAL B 764 40.51 27.83 -48.19
N VAL B 765 39.45 27.02 -48.24
CA VAL B 765 39.30 26.06 -49.33
C VAL B 765 39.24 26.78 -50.67
N ILE B 766 38.53 27.91 -50.72
CA ILE B 766 38.48 28.71 -51.93
C ILE B 766 39.86 29.27 -52.28
N ILE B 767 40.58 29.74 -51.27
CA ILE B 767 41.93 30.28 -51.46
C ILE B 767 42.87 29.24 -52.05
N ILE B 768 42.63 27.96 -51.75
CA ILE B 768 43.43 26.90 -52.36
C ILE B 768 43.40 27.01 -53.89
N TYR B 769 42.21 27.24 -54.45
CA TYR B 769 42.08 27.47 -55.88
C TYR B 769 42.79 28.74 -56.30
N THR C 86 4.42 17.44 28.80
CA THR C 86 4.08 16.36 27.88
C THR C 86 4.93 15.12 28.14
N THR C 87 4.99 14.69 29.40
CA THR C 87 5.74 13.50 29.77
C THR C 87 5.10 12.22 29.24
N LYS C 88 3.82 12.27 28.87
CA LYS C 88 3.16 11.08 28.32
C LYS C 88 3.79 10.66 27.00
N TYR C 89 4.12 11.64 26.14
CA TYR C 89 4.65 11.37 24.80
C TYR C 89 5.93 12.17 24.58
N PRO C 90 7.07 11.66 25.03
CA PRO C 90 8.34 12.33 24.76
C PRO C 90 8.82 12.05 23.33
N TYR C 91 9.67 12.96 22.86
CA TYR C 91 10.22 12.81 21.51
C TYR C 91 11.02 11.51 21.42
N ARG C 92 10.81 10.78 20.33
CA ARG C 92 11.51 9.52 20.13
C ARG C 92 11.76 9.33 18.65
N VAL C 93 12.87 8.67 18.32
CA VAL C 93 13.34 8.56 16.95
C VAL C 93 13.31 7.10 16.53
N CYS C 94 12.38 6.33 17.09
CA CYS C 94 12.35 4.89 16.87
C CYS C 94 11.73 4.58 15.51
N SER C 95 12.59 4.27 14.55
CA SER C 95 12.18 3.68 13.29
C SER C 95 13.11 2.55 12.88
N MET C 96 14.04 2.15 13.74
CA MET C 96 15.05 1.15 13.47
C MET C 96 15.06 0.12 14.59
N ALA C 97 15.16 -1.15 14.21
CA ALA C 97 15.05 -2.23 15.19
C ALA C 97 15.81 -3.44 14.68
N GLN C 98 16.93 -3.75 15.34
CA GLN C 98 17.71 -4.94 15.02
C GLN C 98 17.11 -6.15 15.72
N GLY C 99 17.86 -7.26 15.76
CA GLY C 99 17.34 -8.49 16.30
C GLY C 99 17.25 -8.51 17.81
N THR C 100 17.66 -9.63 18.42
CA THR C 100 17.61 -9.87 19.86
C THR C 100 16.17 -10.04 20.36
N ASP C 101 15.21 -9.87 19.46
CA ASP C 101 13.80 -10.11 19.77
C ASP C 101 13.11 -10.55 18.49
N LEU C 102 12.42 -11.69 18.55
CA LEU C 102 11.73 -12.21 17.37
C LEU C 102 10.35 -12.71 17.78
N ILE C 103 9.34 -12.29 17.02
CA ILE C 103 7.97 -12.73 17.24
C ILE C 103 7.37 -13.14 15.90
N ARG C 104 6.29 -13.92 15.96
CA ARG C 104 5.71 -14.54 14.80
C ARG C 104 4.19 -14.50 14.91
N PHE C 105 3.51 -14.83 13.81
CA PHE C 105 2.06 -14.74 13.69
C PHE C 105 1.43 -16.08 13.32
N GLU C 106 1.68 -17.12 14.11
CA GLU C 106 1.22 -18.48 13.86
C GLU C 106 -0.16 -18.54 13.21
N ARG C 107 -0.26 -19.30 12.11
CA ARG C 107 -1.43 -19.23 11.24
C ARG C 107 -2.62 -19.98 11.83
N ASN C 108 -2.47 -21.28 12.05
CA ASN C 108 -3.60 -22.16 12.30
C ASN C 108 -3.81 -22.35 13.81
N ILE C 109 -4.96 -21.88 14.29
CA ILE C 109 -5.45 -22.20 15.63
C ILE C 109 -6.88 -22.72 15.45
N VAL C 110 -7.19 -23.82 16.13
CA VAL C 110 -8.45 -24.53 15.90
C VAL C 110 -9.32 -24.43 17.15
N CYS C 111 -10.60 -24.14 16.94
CA CYS C 111 -11.59 -24.18 18.01
C CYS C 111 -12.29 -25.53 18.01
N THR C 112 -12.80 -25.93 19.17
CA THR C 112 -13.33 -27.27 19.35
C THR C 112 -14.83 -27.31 19.13
N SER C 113 -15.41 -28.50 19.30
CA SER C 113 -16.85 -28.71 19.20
C SER C 113 -17.30 -29.35 20.51
N MET C 114 -17.81 -28.52 21.42
CA MET C 114 -17.99 -28.92 22.81
C MET C 114 -19.43 -29.37 23.08
N LYS C 115 -19.89 -30.34 22.29
CA LYS C 115 -21.15 -31.00 22.61
C LYS C 115 -21.10 -32.50 22.29
N PRO C 116 -20.05 -33.24 22.68
CA PRO C 116 -20.07 -34.68 22.41
C PRO C 116 -21.04 -35.44 23.30
N ILE C 117 -20.88 -35.29 24.61
CA ILE C 117 -21.59 -36.09 25.61
C ILE C 117 -21.78 -35.21 26.85
N ASN C 118 -22.45 -35.72 27.87
CA ASN C 118 -22.48 -35.14 29.22
C ASN C 118 -23.07 -33.73 29.23
N GLU C 119 -24.38 -33.69 28.93
CA GLU C 119 -25.12 -32.44 29.07
C GLU C 119 -25.05 -31.87 30.47
N ASP C 120 -24.88 -32.71 31.49
CA ASP C 120 -24.62 -32.23 32.84
C ASP C 120 -23.17 -31.82 32.98
N LEU C 121 -22.91 -30.81 33.80
CA LEU C 121 -21.62 -30.15 33.80
C LEU C 121 -21.39 -29.47 35.14
N ASP C 122 -20.11 -29.22 35.44
CA ASP C 122 -19.66 -28.68 36.71
C ASP C 122 -19.20 -27.24 36.54
N GLU C 123 -18.68 -26.69 37.64
CA GLU C 123 -18.17 -25.32 37.66
C GLU C 123 -17.36 -25.11 38.93
N GLY C 124 -16.30 -24.31 38.83
CA GLY C 124 -15.43 -24.04 39.95
C GLY C 124 -14.74 -22.69 39.87
N ILE C 125 -13.57 -22.56 40.50
CA ILE C 125 -12.76 -21.35 40.43
C ILE C 125 -11.32 -21.75 40.17
N MET C 126 -10.74 -21.24 39.07
CA MET C 126 -9.40 -21.63 38.67
C MET C 126 -8.54 -20.41 38.46
N VAL C 127 -7.22 -20.59 38.54
CA VAL C 127 -6.27 -19.54 38.17
C VAL C 127 -5.27 -20.13 37.19
N VAL C 128 -4.82 -19.30 36.24
CA VAL C 128 -4.07 -19.77 35.08
C VAL C 128 -2.75 -19.00 34.98
N TYR C 129 -1.70 -19.73 34.58
CA TYR C 129 -0.41 -19.11 34.30
C TYR C 129 0.37 -20.00 33.35
N LYS C 130 1.13 -19.38 32.45
CA LYS C 130 1.90 -20.08 31.45
C LYS C 130 3.36 -20.23 31.89
N ARG C 131 4.22 -20.67 30.97
CA ARG C 131 5.62 -20.93 31.23
C ARG C 131 6.48 -19.90 30.51
N ASN C 132 7.44 -19.31 31.23
CA ASN C 132 8.35 -18.34 30.64
C ASN C 132 9.77 -18.65 31.05
N ILE C 133 10.73 -18.05 30.33
CA ILE C 133 12.14 -18.22 30.59
C ILE C 133 12.80 -16.85 30.64
N VAL C 134 13.78 -16.70 31.51
CA VAL C 134 14.51 -15.44 31.68
C VAL C 134 15.68 -15.42 30.71
N ALA C 135 15.95 -14.23 30.17
CA ALA C 135 17.04 -14.02 29.24
C ALA C 135 18.30 -13.61 30.00
N HIS C 136 19.31 -13.16 29.27
CA HIS C 136 20.58 -12.77 29.87
C HIS C 136 21.19 -11.63 29.08
N THR C 137 21.59 -10.57 29.77
CA THR C 137 22.21 -9.40 29.15
C THR C 137 23.56 -9.15 29.79
N PHE C 138 24.62 -9.06 28.97
CA PHE C 138 25.97 -9.08 29.51
C PHE C 138 26.98 -8.15 28.85
N LYS C 139 26.56 -7.21 28.00
CA LYS C 139 27.38 -6.05 27.62
C LYS C 139 28.72 -6.46 26.97
N VAL C 140 28.60 -7.00 25.75
CA VAL C 140 29.76 -7.33 24.92
C VAL C 140 30.47 -6.08 24.44
N ARG C 141 31.66 -6.23 23.87
CA ARG C 141 32.40 -5.15 23.25
C ARG C 141 32.86 -5.58 21.86
N VAL C 142 32.97 -4.61 20.95
CA VAL C 142 33.36 -4.89 19.57
C VAL C 142 34.41 -3.88 19.13
N TYR C 143 35.54 -4.37 18.63
CA TYR C 143 36.59 -3.52 18.09
C TYR C 143 36.58 -3.61 16.57
N GLN C 144 36.84 -2.48 15.91
CA GLN C 144 36.81 -2.41 14.47
C GLN C 144 37.68 -1.25 14.02
N LYS C 145 38.05 -1.27 12.74
CA LYS C 145 38.90 -0.22 12.18
C LYS C 145 38.50 0.01 10.74
N VAL C 146 37.85 1.14 10.48
CA VAL C 146 37.36 1.49 9.15
C VAL C 146 38.44 2.31 8.44
N LEU C 147 38.82 1.88 7.24
CA LEU C 147 39.76 2.65 6.43
C LEU C 147 39.16 2.87 5.05
N THR C 148 39.23 4.10 4.57
CA THR C 148 38.61 4.48 3.31
C THR C 148 39.61 5.21 2.43
N PHE C 149 39.61 4.89 1.14
CA PHE C 149 40.40 5.60 0.17
C PHE C 149 39.51 6.58 -0.60
N ARG C 150 40.05 7.77 -0.86
CA ARG C 150 39.33 8.77 -1.62
C ARG C 150 40.32 9.49 -2.52
N ARG C 151 40.09 9.42 -3.83
CA ARG C 151 40.96 10.03 -4.82
C ARG C 151 40.23 11.16 -5.52
N SER C 152 40.95 12.25 -5.79
CA SER C 152 40.33 13.47 -6.27
C SER C 152 41.30 14.26 -7.14
N TYR C 153 40.73 15.17 -7.92
CA TYR C 153 41.47 16.11 -8.75
C TYR C 153 41.06 17.53 -8.38
N ALA C 154 42.00 18.46 -8.48
CA ALA C 154 41.81 19.82 -7.98
C ALA C 154 41.96 20.82 -9.12
N TYR C 155 40.84 21.37 -9.57
CA TYR C 155 40.87 22.45 -10.55
C TYR C 155 41.25 23.76 -9.87
N ILE C 156 41.31 24.84 -10.66
CA ILE C 156 41.71 26.13 -10.12
C ILE C 156 40.67 26.69 -9.15
N HIS C 157 39.38 26.46 -9.38
CA HIS C 157 38.33 27.00 -8.53
C HIS C 157 37.47 25.95 -7.85
N THR C 158 37.49 24.70 -8.31
CA THR C 158 36.69 23.64 -7.72
C THR C 158 37.54 22.39 -7.60
N THR C 159 37.07 21.47 -6.76
CA THR C 159 37.76 20.20 -6.53
C THR C 159 36.78 19.06 -6.78
N TYR C 160 37.06 18.25 -7.79
CA TYR C 160 36.21 17.11 -8.12
C TYR C 160 36.71 15.87 -7.40
N LEU C 161 35.78 15.08 -6.88
CA LEU C 161 36.10 13.80 -6.26
C LEU C 161 35.76 12.69 -7.25
N LEU C 162 36.76 11.88 -7.60
CA LEU C 162 36.57 10.81 -8.57
C LEU C 162 36.26 9.49 -7.88
N GLY C 163 35.26 9.49 -7.00
CA GLY C 163 34.85 8.29 -6.31
C GLY C 163 35.68 8.01 -5.07
N SER C 164 35.11 7.17 -4.20
CA SER C 164 35.77 6.76 -2.98
C SER C 164 35.25 5.39 -2.57
N ASN C 165 36.00 4.70 -1.73
CA ASN C 165 35.61 3.36 -1.31
C ASN C 165 36.13 3.09 0.09
N THR C 166 35.25 2.62 0.97
CA THR C 166 35.62 2.26 2.33
C THR C 166 35.81 0.75 2.43
N GLU C 167 36.40 0.32 3.55
CA GLU C 167 36.45 -1.10 3.88
C GLU C 167 36.80 -1.25 5.35
N TYR C 168 36.24 -2.29 5.95
CA TYR C 168 36.39 -2.58 7.37
C TYR C 168 37.33 -3.75 7.56
N VAL C 169 38.29 -3.59 8.47
CA VAL C 169 39.25 -4.66 8.77
C VAL C 169 39.43 -4.73 10.28
N ALA C 170 39.43 -5.96 10.80
CA ALA C 170 39.65 -6.14 12.23
C ALA C 170 41.12 -5.88 12.57
N PRO C 171 41.39 -5.27 13.71
CA PRO C 171 42.78 -4.97 14.08
C PRO C 171 43.50 -6.21 14.57
N PRO C 172 44.83 -6.21 14.56
CA PRO C 172 45.58 -7.34 15.14
C PRO C 172 45.47 -7.37 16.65
N MET C 173 46.06 -8.40 17.27
CA MET C 173 45.88 -8.60 18.71
C MET C 173 46.65 -7.58 19.54
N TRP C 174 47.87 -7.22 19.13
CA TRP C 174 48.66 -6.29 19.93
C TRP C 174 47.99 -4.92 19.98
N GLU C 175 47.36 -4.50 18.88
CA GLU C 175 46.62 -3.24 18.90
C GLU C 175 45.46 -3.31 19.88
N ILE C 176 44.78 -4.44 19.97
CA ILE C 176 43.69 -4.57 20.93
C ILE C 176 44.21 -4.55 22.35
N HIS C 177 45.36 -5.18 22.60
CA HIS C 177 45.96 -5.10 23.93
C HIS C 177 46.29 -3.66 24.28
N HIS C 178 46.84 -2.91 23.33
CA HIS C 178 47.16 -1.51 23.58
C HIS C 178 45.90 -0.70 23.84
N ILE C 179 44.83 -0.97 23.09
CA ILE C 179 43.57 -0.26 23.27
C ILE C 179 43.01 -0.53 24.67
N ASN C 180 43.01 -1.79 25.09
CA ASN C 180 42.45 -2.14 26.38
C ASN C 180 43.35 -1.78 27.54
N SER C 181 44.63 -1.48 27.27
CA SER C 181 45.53 -1.10 28.36
C SER C 181 45.68 0.42 28.51
N HIS C 182 45.55 1.19 27.43
CA HIS C 182 45.78 2.62 27.52
C HIS C 182 44.74 3.48 26.83
N SER C 183 43.72 2.88 26.21
CA SER C 183 42.64 3.62 25.55
C SER C 183 43.17 4.59 24.50
N GLN C 184 44.16 4.14 23.74
CA GLN C 184 44.63 4.89 22.58
C GLN C 184 45.15 3.89 21.56
N CYS C 185 44.90 4.16 20.28
CA CYS C 185 45.22 3.20 19.24
C CYS C 185 46.05 3.85 18.14
N TYR C 186 46.76 3.00 17.40
CA TYR C 186 47.78 3.46 16.46
C TYR C 186 47.14 4.00 15.19
N SER C 187 47.98 4.59 14.34
CA SER C 187 47.51 5.21 13.10
C SER C 187 48.25 4.66 11.89
N SER C 188 48.46 3.34 11.85
CA SER C 188 49.18 2.73 10.75
C SER C 188 48.75 1.27 10.65
N TYR C 189 47.99 0.95 9.61
CA TYR C 189 47.53 -0.41 9.39
C TYR C 189 48.47 -1.11 8.42
N SER C 190 48.77 -2.38 8.69
CA SER C 190 49.92 -3.05 8.09
C SER C 190 49.52 -4.43 7.56
N ARG C 191 48.44 -4.48 6.78
CA ARG C 191 48.00 -5.74 6.20
C ARG C 191 48.97 -6.22 5.13
N VAL C 192 48.85 -7.50 4.81
CA VAL C 192 49.62 -8.14 3.74
C VAL C 192 48.63 -8.77 2.76
N ILE C 193 48.86 -8.56 1.47
CA ILE C 193 47.99 -9.19 0.49
C ILE C 193 48.79 -10.16 -0.37
N ALA C 194 48.91 -11.39 0.13
CA ALA C 194 49.30 -12.59 -0.61
C ALA C 194 50.71 -12.57 -1.19
N GLY C 195 51.38 -11.41 -1.20
CA GLY C 195 52.77 -11.42 -1.61
C GLY C 195 53.69 -10.37 -1.02
N THR C 196 53.13 -9.46 -0.24
CA THR C 196 53.89 -8.31 0.28
C THR C 196 52.96 -7.46 1.13
N VAL C 197 53.56 -6.58 1.92
CA VAL C 197 52.82 -5.73 2.85
C VAL C 197 52.67 -4.34 2.26
N PHE C 198 51.54 -3.70 2.53
CA PHE C 198 51.26 -2.33 2.13
C PHE C 198 50.93 -1.55 3.39
N VAL C 199 51.90 -0.82 3.92
CA VAL C 199 51.71 -0.05 5.15
C VAL C 199 50.91 1.21 4.85
N ALA C 200 49.61 1.18 5.15
CA ALA C 200 48.77 2.35 5.01
C ALA C 200 49.11 3.37 6.09
N TYR C 201 48.63 4.60 5.91
CA TYR C 201 48.87 5.65 6.89
C TYR C 201 47.66 6.55 6.97
N HIS C 202 47.49 7.18 8.13
CA HIS C 202 46.26 7.92 8.40
C HIS C 202 46.09 9.10 7.45
N ARG C 203 47.19 9.82 7.19
CA ARG C 203 47.10 11.04 6.39
C ARG C 203 48.27 11.15 5.42
N ASP C 204 48.82 10.01 5.01
CA ASP C 204 50.04 9.95 4.21
C ASP C 204 51.19 10.71 4.86
N SER C 205 51.18 10.81 6.19
CA SER C 205 52.24 11.47 6.93
C SER C 205 53.42 10.55 7.21
N TYR C 206 53.25 9.24 7.00
CA TYR C 206 54.32 8.26 7.18
C TYR C 206 54.90 8.32 8.59
N GLU C 207 54.03 8.15 9.57
CA GLU C 207 54.43 8.12 10.97
C GLU C 207 53.64 7.07 11.72
N ASN C 208 54.17 6.66 12.86
CA ASN C 208 53.59 5.60 13.69
C ASN C 208 53.01 6.17 14.97
N LYS C 209 52.34 7.33 14.87
CA LYS C 209 51.84 8.02 16.04
C LYS C 209 50.69 7.24 16.69
N THR C 210 50.22 7.78 17.82
CA THR C 210 49.09 7.22 18.54
C THR C 210 47.98 8.26 18.60
N MET C 211 46.73 7.81 18.55
CA MET C 211 45.58 8.70 18.63
C MET C 211 44.69 8.28 19.78
N GLN C 212 44.12 9.27 20.47
CA GLN C 212 43.22 9.03 21.58
C GLN C 212 41.84 8.63 21.06
N LEU C 213 40.97 8.26 21.98
CA LEU C 213 39.59 7.95 21.67
C LEU C 213 38.68 8.96 22.36
N MET C 214 37.66 9.40 21.64
CA MET C 214 36.75 10.43 22.14
C MET C 214 35.33 10.04 21.75
N PRO C 215 34.33 10.49 22.52
CA PRO C 215 32.98 9.98 22.31
C PRO C 215 32.39 10.40 20.97
N ASP C 216 31.45 9.59 20.48
CA ASP C 216 30.78 9.81 19.22
C ASP C 216 29.38 10.36 19.46
N ASP C 217 28.76 10.82 18.36
CA ASP C 217 27.49 11.54 18.43
C ASP C 217 26.28 10.63 18.24
N TYR C 218 26.39 9.34 18.56
CA TYR C 218 25.26 8.41 18.52
C TYR C 218 25.30 7.59 19.80
N SER C 219 24.65 8.09 20.84
CA SER C 219 24.64 7.43 22.14
C SER C 219 23.26 6.85 22.42
N ASN C 220 23.18 6.13 23.53
CA ASN C 220 21.96 5.42 23.92
C ASN C 220 22.10 5.03 25.38
N THR C 221 21.13 4.25 25.87
CA THR C 221 21.29 3.56 27.14
C THR C 221 21.94 2.20 26.95
N HIS C 222 21.98 1.69 25.72
CA HIS C 222 22.50 0.36 25.42
C HIS C 222 23.46 0.42 24.23
N SER C 223 24.23 1.49 24.12
CA SER C 223 25.19 1.64 23.04
C SER C 223 26.11 2.81 23.37
N THR C 224 27.27 2.82 22.74
CA THR C 224 28.27 3.88 22.87
C THR C 224 29.31 3.63 21.79
N ARG C 225 30.05 4.68 21.44
CA ARG C 225 31.17 4.55 20.52
C ARG C 225 32.29 5.46 20.97
N TYR C 226 33.50 5.12 20.56
CA TYR C 226 34.70 5.88 20.94
C TYR C 226 35.58 6.09 19.73
N VAL C 227 34.97 6.53 18.62
CA VAL C 227 35.68 6.78 17.39
C VAL C 227 36.81 7.79 17.62
N THR C 228 37.88 7.68 16.82
CA THR C 228 39.05 8.51 17.00
C THR C 228 39.21 9.59 15.92
N VAL C 229 38.49 9.50 14.82
CA VAL C 229 38.52 10.55 13.80
C VAL C 229 37.08 10.88 13.41
N LYS C 230 36.50 11.90 14.05
CA LYS C 230 35.09 12.21 13.83
C LYS C 230 34.83 12.92 12.52
N ASP C 231 35.74 13.79 12.09
CA ASP C 231 35.51 14.62 10.92
C ASP C 231 35.88 13.87 9.64
N GLN C 232 35.81 14.56 8.52
CA GLN C 232 36.27 14.08 7.23
C GLN C 232 37.27 15.09 6.68
N TRP C 233 38.20 14.61 5.86
CA TRP C 233 39.30 15.44 5.39
C TRP C 233 39.04 15.84 3.94
N HIS C 234 38.86 17.15 3.74
CA HIS C 234 38.59 17.71 2.42
C HIS C 234 39.75 18.55 1.92
N SER C 235 40.98 18.13 2.23
CA SER C 235 42.17 18.89 1.86
C SER C 235 42.23 19.11 0.36
N ARG C 236 42.19 20.37 -0.05
CA ARG C 236 42.14 20.70 -1.48
C ARG C 236 43.43 20.27 -2.19
N GLY C 237 44.58 20.62 -1.61
CA GLY C 237 45.85 20.27 -2.22
C GLY C 237 46.19 21.17 -3.40
N SER C 238 47.33 20.87 -4.01
CA SER C 238 47.80 21.66 -5.14
C SER C 238 46.91 21.45 -6.35
N THR C 239 46.77 22.51 -7.15
CA THR C 239 45.96 22.45 -8.36
C THR C 239 46.62 21.58 -9.41
N TRP C 240 45.78 20.84 -10.16
CA TRP C 240 46.24 19.97 -11.24
C TRP C 240 47.19 18.89 -10.73
N LEU C 241 46.70 18.14 -9.73
CA LEU C 241 47.48 17.04 -9.16
C LEU C 241 46.49 16.00 -8.63
N TYR C 242 46.26 14.96 -9.40
CA TYR C 242 45.38 13.87 -9.00
C TYR C 242 46.01 13.12 -7.82
N ARG C 243 45.29 13.05 -6.69
CA ARG C 243 45.87 12.45 -5.50
C ARG C 243 44.81 11.72 -4.70
N GLU C 244 45.24 10.71 -3.96
CA GLU C 244 44.36 9.87 -3.14
C GLU C 244 44.82 9.91 -1.69
N THR C 245 43.85 9.80 -0.79
CA THR C 245 44.11 9.91 0.65
C THR C 245 43.36 8.80 1.38
N CYS C 246 43.87 8.46 2.56
CA CYS C 246 43.28 7.48 3.45
C CYS C 246 42.77 8.15 4.72
N ASN C 247 41.84 7.50 5.41
CA ASN C 247 41.17 8.08 6.57
C ASN C 247 40.95 7.05 7.68
N LEU C 248 42.00 6.31 8.04
CA LEU C 248 41.91 5.29 9.10
C LEU C 248 41.17 5.83 10.31
N ASN C 249 40.16 5.09 10.77
CA ASN C 249 39.17 5.59 11.72
C ASN C 249 38.90 4.56 12.81
N CYS C 250 39.96 4.12 13.48
CA CYS C 250 39.91 3.21 14.62
C CYS C 250 38.71 3.46 15.53
N MET C 251 37.95 2.39 15.81
CA MET C 251 36.75 2.55 16.64
C MET C 251 36.54 1.35 17.55
N VAL C 252 35.94 1.62 18.71
CA VAL C 252 35.52 0.64 19.69
C VAL C 252 34.07 0.94 20.06
N THR C 253 33.28 -0.11 20.24
CA THR C 253 31.89 0.07 20.64
C THR C 253 31.55 -0.91 21.74
N ILE C 254 30.56 -0.53 22.56
CA ILE C 254 30.17 -1.28 23.76
C ILE C 254 28.66 -1.44 23.72
N THR C 255 28.19 -2.58 23.24
CA THR C 255 26.76 -2.85 23.14
C THR C 255 26.32 -3.80 24.25
N THR C 256 25.07 -4.23 24.20
CA THR C 256 24.54 -5.20 25.16
C THR C 256 23.80 -6.29 24.40
N ALA C 257 24.21 -7.54 24.61
CA ALA C 257 23.61 -8.66 23.91
C ALA C 257 22.55 -9.33 24.77
N ARG C 258 21.75 -10.18 24.13
CA ARG C 258 20.69 -10.90 24.84
C ARG C 258 20.55 -12.29 24.23
N SER C 259 20.63 -13.32 25.07
CA SER C 259 20.49 -14.70 24.63
C SER C 259 19.36 -15.37 25.42
N LYS C 260 18.75 -16.38 24.81
CA LYS C 260 17.62 -17.07 25.40
C LYS C 260 17.87 -18.58 25.39
N TYR C 261 17.02 -19.29 26.14
CA TYR C 261 17.17 -20.73 26.30
C TYR C 261 17.16 -21.42 24.94
N PRO C 262 17.98 -22.46 24.73
CA PRO C 262 18.90 -23.04 25.70
C PRO C 262 20.31 -22.45 25.67
N TYR C 263 20.41 -21.15 25.41
CA TYR C 263 21.68 -20.42 25.51
C TYR C 263 22.76 -21.02 24.61
N HIS C 264 22.52 -20.96 23.30
CA HIS C 264 23.58 -21.38 22.40
C HIS C 264 23.77 -20.44 21.21
N PHE C 265 23.25 -19.22 21.29
CA PHE C 265 23.66 -18.14 20.39
C PHE C 265 23.13 -16.82 20.94
N PHE C 266 23.98 -15.80 21.03
CA PHE C 266 23.57 -14.51 21.54
C PHE C 266 23.76 -13.44 20.48
N ALA C 267 22.75 -12.60 20.30
CA ALA C 267 22.75 -11.54 19.30
C ALA C 267 22.92 -10.20 19.99
N THR C 268 23.86 -9.41 19.49
CA THR C 268 24.15 -8.13 20.11
C THR C 268 23.17 -7.06 19.62
N SER C 269 23.32 -5.86 20.16
CA SER C 269 22.39 -4.79 19.83
C SER C 269 22.55 -4.30 18.39
N THR C 270 23.79 -4.16 17.93
CA THR C 270 24.01 -3.67 16.56
C THR C 270 23.47 -4.65 15.53
N GLY C 271 23.61 -5.96 15.77
CA GLY C 271 23.10 -6.94 14.84
C GLY C 271 23.99 -8.14 14.67
N ASP C 272 25.19 -8.09 15.27
CA ASP C 272 26.10 -9.23 15.17
C ASP C 272 25.55 -10.43 15.90
N VAL C 273 25.71 -11.61 15.29
CA VAL C 273 25.23 -12.86 15.85
C VAL C 273 26.37 -13.87 15.83
N VAL C 274 26.62 -14.52 16.96
CA VAL C 274 27.66 -15.52 17.06
C VAL C 274 27.09 -16.77 17.71
N ASP C 275 27.52 -17.93 17.25
CA ASP C 275 26.99 -19.21 17.72
C ASP C 275 27.90 -19.80 18.79
N ILE C 276 27.95 -19.13 19.93
CA ILE C 276 28.70 -19.60 21.09
C ILE C 276 27.88 -19.33 22.34
N SER C 277 27.84 -20.30 23.24
CA SER C 277 27.14 -20.09 24.49
C SER C 277 27.91 -19.11 25.37
N PRO C 278 27.23 -18.15 26.00
CA PRO C 278 27.93 -17.19 26.85
C PRO C 278 28.61 -17.82 28.05
N PHE C 279 28.21 -19.03 28.44
CA PHE C 279 28.79 -19.71 29.59
C PHE C 279 29.96 -20.61 29.22
N TYR C 280 30.36 -20.64 27.96
CA TYR C 280 31.43 -21.54 27.51
C TYR C 280 32.77 -20.96 27.94
N ASN C 281 33.34 -21.52 28.99
CA ASN C 281 34.77 -21.31 29.27
C ASN C 281 35.54 -22.45 28.62
N GLY C 282 36.80 -22.65 29.00
CA GLY C 282 37.64 -23.59 28.29
C GLY C 282 37.15 -25.02 28.30
N THR C 283 36.52 -25.47 29.38
CA THR C 283 36.28 -26.89 29.62
C THR C 283 34.79 -27.17 29.86
N ASN C 284 33.93 -26.68 28.97
CA ASN C 284 32.50 -26.96 29.04
C ASN C 284 31.96 -27.33 27.66
N ARG C 285 32.71 -28.13 26.91
CA ARG C 285 32.30 -28.43 25.54
C ARG C 285 31.01 -29.23 25.49
N ASN C 286 30.88 -30.25 26.34
CA ASN C 286 29.68 -31.07 26.31
C ASN C 286 28.50 -30.39 26.98
N ALA C 287 28.74 -29.68 28.08
CA ALA C 287 27.66 -29.04 28.82
C ALA C 287 27.11 -27.82 28.11
N SER C 288 27.96 -27.02 27.47
CA SER C 288 27.54 -25.81 26.78
C SER C 288 28.02 -25.84 25.34
N TYR C 289 27.19 -25.28 24.46
CA TYR C 289 27.42 -25.34 23.02
C TYR C 289 28.64 -24.55 22.61
N PHE C 290 29.25 -24.95 21.49
CA PHE C 290 30.36 -24.21 20.89
C PHE C 290 30.50 -24.67 19.44
N GLY C 291 30.28 -23.77 18.50
CA GLY C 291 30.36 -24.14 17.10
C GLY C 291 30.96 -23.12 16.15
N GLU C 292 31.90 -22.30 16.59
CA GLU C 292 32.42 -21.23 15.74
C GLU C 292 33.68 -21.63 14.98
N ASN C 293 34.77 -21.94 15.67
CA ASN C 293 36.03 -22.28 15.03
C ASN C 293 37.04 -22.63 16.11
N ALA C 294 38.21 -23.10 15.68
CA ALA C 294 39.26 -23.52 16.61
C ALA C 294 40.26 -22.40 16.88
N ASP C 295 40.97 -21.95 15.85
CA ASP C 295 41.97 -20.89 16.03
C ASP C 295 41.37 -19.51 15.73
N LYS C 296 40.22 -19.25 16.32
CA LYS C 296 39.58 -17.93 16.29
C LYS C 296 38.99 -17.62 17.65
N PHE C 297 39.64 -18.09 18.70
CA PHE C 297 39.09 -18.01 20.05
C PHE C 297 40.24 -17.85 21.03
N PHE C 298 40.11 -16.91 21.95
CA PHE C 298 41.14 -16.69 22.95
C PHE C 298 40.48 -16.40 24.29
N ILE C 299 40.89 -17.13 25.32
CA ILE C 299 40.41 -16.93 26.68
C ILE C 299 41.59 -16.41 27.51
N PHE C 300 41.41 -15.26 28.14
CA PHE C 300 42.44 -14.63 28.93
C PHE C 300 41.98 -14.53 30.38
N PRO C 301 42.76 -15.01 31.34
CA PRO C 301 42.46 -14.80 32.75
C PRO C 301 43.17 -13.58 33.32
N ASN C 302 42.48 -12.86 34.20
CA ASN C 302 42.99 -11.65 34.83
C ASN C 302 43.48 -10.65 33.77
N TYR C 303 42.53 -10.21 32.94
CA TYR C 303 42.84 -9.28 31.86
C TYR C 303 42.61 -7.85 32.34
N THR C 304 43.69 -7.09 32.46
CA THR C 304 43.63 -5.71 32.97
C THR C 304 42.98 -4.84 31.91
N ILE C 305 41.72 -4.49 32.14
CA ILE C 305 40.92 -3.71 31.20
C ILE C 305 40.63 -2.35 31.80
N VAL C 306 40.78 -1.30 30.98
CA VAL C 306 40.50 0.07 31.42
C VAL C 306 39.01 0.22 31.67
N SER C 307 38.66 1.05 32.65
CA SER C 307 37.26 1.13 33.08
C SER C 307 36.40 1.90 32.08
N ASP C 308 36.91 2.99 31.54
CA ASP C 308 36.11 3.82 30.64
C ASP C 308 37.02 4.50 29.63
N PHE C 309 36.76 4.26 28.36
CA PHE C 309 37.55 4.88 27.30
C PHE C 309 37.18 6.36 27.15
N GLY C 310 38.13 7.12 26.62
CA GLY C 310 37.92 8.54 26.42
C GLY C 310 38.75 9.36 27.38
N ARG C 311 38.78 8.95 28.64
CA ARG C 311 39.64 9.61 29.61
C ARG C 311 41.07 9.17 29.39
N PRO C 312 42.03 10.10 29.30
CA PRO C 312 43.41 9.70 28.97
C PRO C 312 44.00 8.67 29.91
N ASN C 313 43.73 8.78 31.21
CA ASN C 313 44.23 7.84 32.20
C ASN C 313 43.08 7.52 33.16
N SER C 314 42.43 6.39 32.95
CA SER C 314 41.37 5.93 33.83
C SER C 314 41.93 4.94 34.84
N ALA C 315 41.06 4.29 35.60
CA ALA C 315 41.43 3.32 36.61
C ALA C 315 41.16 1.91 36.09
N LEU C 316 42.18 1.06 36.14
CA LEU C 316 42.05 -0.29 35.60
C LEU C 316 41.19 -1.16 36.52
N GLU C 317 40.81 -2.33 36.02
CA GLU C 317 40.03 -3.29 36.80
C GLU C 317 40.17 -4.66 36.16
N THR C 318 40.64 -5.64 36.93
CA THR C 318 40.98 -6.95 36.39
C THR C 318 39.74 -7.85 36.46
N HIS C 319 39.24 -8.26 35.30
CA HIS C 319 38.12 -9.19 35.24
C HIS C 319 38.62 -10.63 35.39
N ARG C 320 37.68 -11.55 35.57
CA ARG C 320 38.03 -12.95 35.79
C ARG C 320 38.47 -13.62 34.50
N LEU C 321 37.57 -13.69 33.52
CA LEU C 321 37.87 -14.28 32.23
C LEU C 321 37.32 -13.39 31.13
N VAL C 322 38.09 -13.23 30.06
CA VAL C 322 37.66 -12.47 28.90
C VAL C 322 37.87 -13.32 27.65
N ALA C 323 36.92 -13.23 26.72
CA ALA C 323 36.97 -14.04 25.51
C ALA C 323 36.95 -13.17 24.27
N PHE C 324 37.83 -13.50 23.33
CA PHE C 324 37.92 -12.87 22.02
C PHE C 324 37.62 -13.88 20.93
N LEU C 325 36.95 -13.42 19.88
CA LEU C 325 36.36 -14.25 18.83
C LEU C 325 36.65 -13.68 17.45
N GLU C 326 37.93 -13.49 17.13
CA GLU C 326 38.38 -12.88 15.89
C GLU C 326 37.58 -13.34 14.68
N ARG C 327 36.91 -12.41 14.03
CA ARG C 327 36.21 -12.65 12.79
C ARG C 327 37.02 -12.06 11.64
N ALA C 328 36.43 -12.09 10.44
CA ALA C 328 37.14 -11.58 9.26
C ALA C 328 37.18 -10.07 9.19
N ASP C 329 36.28 -9.37 9.89
CA ASP C 329 36.21 -7.92 9.79
C ASP C 329 35.97 -7.21 11.12
N SER C 330 35.93 -7.93 12.23
CA SER C 330 35.67 -7.33 13.54
C SER C 330 36.35 -8.17 14.59
N VAL C 331 36.32 -7.70 15.84
CA VAL C 331 36.74 -8.51 16.98
C VAL C 331 35.68 -8.37 18.06
N ILE C 332 35.09 -9.47 18.48
CA ILE C 332 34.08 -9.46 19.54
C ILE C 332 34.71 -9.98 20.82
N SER C 333 34.34 -9.36 21.94
CA SER C 333 34.89 -9.75 23.22
C SER C 333 33.77 -9.71 24.25
N TRP C 334 33.89 -10.58 25.26
CA TRP C 334 32.90 -10.56 26.34
C TRP C 334 33.48 -11.20 27.59
N ASP C 335 32.81 -10.93 28.71
CA ASP C 335 33.16 -11.56 29.97
C ASP C 335 32.49 -12.93 30.07
N ILE C 336 33.25 -13.93 30.50
CA ILE C 336 32.70 -15.28 30.66
C ILE C 336 31.74 -15.25 31.84
N GLN C 337 30.45 -15.42 31.55
CA GLN C 337 29.42 -15.28 32.58
C GLN C 337 29.51 -16.42 33.59
N ASP C 338 28.75 -16.27 34.67
CA ASP C 338 28.71 -17.23 35.76
C ASP C 338 27.45 -18.08 35.65
N GLU C 339 27.43 -19.18 36.41
CA GLU C 339 26.35 -20.15 36.31
C GLU C 339 25.00 -19.53 36.67
N LYS C 340 23.97 -19.94 35.94
CA LYS C 340 22.66 -19.33 36.06
C LYS C 340 21.95 -19.77 37.33
N ASN C 341 21.14 -18.86 37.87
CA ASN C 341 20.18 -19.17 38.91
C ASN C 341 18.91 -19.76 38.32
N VAL C 342 18.29 -20.66 39.09
CA VAL C 342 17.03 -21.29 38.71
C VAL C 342 16.08 -21.22 39.90
N THR C 343 14.88 -20.66 39.69
CA THR C 343 13.84 -20.68 40.70
C THR C 343 12.64 -21.50 40.25
N CYS C 344 11.99 -21.10 39.15
CA CYS C 344 10.88 -21.82 38.51
C CYS C 344 10.43 -20.99 37.32
N GLN C 345 9.48 -21.52 36.57
CA GLN C 345 8.92 -20.86 35.39
C GLN C 345 7.43 -20.63 35.63
N LEU C 346 7.10 -19.43 36.13
CA LEU C 346 5.72 -19.02 36.36
C LEU C 346 5.50 -17.64 35.76
N THR C 347 4.24 -17.35 35.43
CA THR C 347 3.93 -16.09 34.75
C THR C 347 2.78 -15.33 35.40
N PHE C 348 1.88 -16.06 36.06
CA PHE C 348 0.63 -15.51 36.59
C PHE C 348 -0.15 -14.79 35.49
N TRP C 349 -0.62 -15.59 34.53
CA TRP C 349 -1.35 -15.06 33.38
C TRP C 349 -2.56 -14.24 33.82
N GLU C 350 -3.42 -14.82 34.66
CA GLU C 350 -4.68 -14.21 35.04
C GLU C 350 -5.34 -15.09 36.09
N ALA C 351 -6.28 -14.49 36.82
CA ALA C 351 -7.05 -15.20 37.84
C ALA C 351 -8.54 -14.95 37.58
N SER C 352 -9.24 -15.96 37.09
CA SER C 352 -10.65 -15.84 36.79
C SER C 352 -11.48 -16.05 38.06
N GLU C 353 -12.80 -15.97 37.90
CA GLU C 353 -13.71 -16.16 39.02
C GLU C 353 -14.86 -17.11 38.73
N ARG C 354 -15.19 -17.36 37.46
CA ARG C 354 -16.26 -18.28 37.10
C ARG C 354 -15.79 -19.11 35.91
N THR C 355 -15.77 -20.44 36.09
CA THR C 355 -15.40 -21.34 35.02
C THR C 355 -16.51 -22.35 34.79
N ILE C 356 -16.47 -22.98 33.62
CA ILE C 356 -17.45 -23.98 33.23
C ILE C 356 -16.70 -25.20 32.70
N ARG C 357 -17.06 -26.37 33.20
CA ARG C 357 -16.35 -27.61 32.87
C ARG C 357 -17.29 -28.59 32.19
N SER C 358 -16.94 -29.02 30.99
CA SER C 358 -17.74 -29.98 30.23
C SER C 358 -16.90 -31.23 29.99
N GLU C 359 -16.97 -32.17 30.92
CA GLU C 359 -16.21 -33.41 30.85
C GLU C 359 -16.81 -34.33 29.80
N ALA C 360 -16.10 -34.52 28.68
CA ALA C 360 -16.66 -35.37 27.63
C ALA C 360 -16.34 -36.85 27.87
N GLU C 361 -15.07 -37.25 27.72
CA GLU C 361 -14.65 -38.56 28.19
C GLU C 361 -13.31 -38.51 28.92
N ASP C 362 -12.36 -37.72 28.38
CA ASP C 362 -11.08 -37.55 29.03
C ASP C 362 -10.51 -36.15 28.86
N SER C 363 -11.30 -35.19 28.39
CA SER C 363 -10.81 -33.92 27.87
C SER C 363 -11.50 -32.76 28.55
N TYR C 364 -11.47 -32.74 29.88
CA TYR C 364 -12.06 -31.68 30.69
C TYR C 364 -11.83 -30.32 30.07
N HIS C 365 -12.92 -29.62 29.76
CA HIS C 365 -12.88 -28.34 29.07
C HIS C 365 -13.14 -27.23 30.07
N PHE C 366 -12.20 -26.30 30.20
CA PHE C 366 -12.36 -25.16 31.09
C PHE C 366 -12.90 -23.99 30.30
N SER C 367 -14.20 -24.05 30.01
CA SER C 367 -14.89 -23.01 29.25
C SER C 367 -15.05 -21.77 30.14
N SER C 368 -13.95 -21.04 30.29
CA SER C 368 -13.92 -19.91 31.19
C SER C 368 -14.89 -18.82 30.70
N ALA C 369 -15.36 -18.03 31.66
CA ALA C 369 -16.32 -16.96 31.38
C ALA C 369 -15.65 -15.64 31.05
N LYS C 370 -14.32 -15.62 30.95
CA LYS C 370 -13.59 -14.45 30.48
C LYS C 370 -13.77 -14.22 28.99
N MET C 371 -14.40 -15.14 28.27
CA MET C 371 -14.64 -15.07 26.84
C MET C 371 -13.36 -15.03 26.03
N THR C 372 -12.23 -15.39 26.62
CA THR C 372 -10.96 -15.42 25.90
C THR C 372 -10.15 -16.66 26.30
N ALA C 373 -10.68 -17.49 27.19
CA ALA C 373 -9.98 -18.66 27.68
C ALA C 373 -10.80 -19.91 27.37
N THR C 374 -10.19 -20.84 26.63
CA THR C 374 -10.83 -22.10 26.23
C THR C 374 -9.72 -23.14 26.12
N PHE C 375 -9.57 -23.95 27.17
CA PHE C 375 -8.44 -24.86 27.29
C PHE C 375 -8.90 -26.31 27.10
N LEU C 376 -7.97 -27.25 27.30
CA LEU C 376 -8.23 -28.68 27.23
C LEU C 376 -7.08 -29.39 27.94
N SER C 377 -7.41 -30.48 28.63
CA SER C 377 -6.41 -31.26 29.35
C SER C 377 -6.82 -32.72 29.35
N LYS C 378 -5.94 -33.57 29.84
CA LYS C 378 -6.18 -35.00 29.95
C LYS C 378 -6.56 -35.33 31.39
N LYS C 379 -7.46 -36.31 31.55
CA LYS C 379 -8.06 -36.57 32.85
C LYS C 379 -7.08 -37.23 33.80
N GLN C 380 -6.04 -36.51 34.18
CA GLN C 380 -5.07 -37.01 35.14
C GLN C 380 -4.47 -35.84 35.91
N GLU C 381 -4.59 -35.87 37.22
CA GLU C 381 -3.91 -34.91 38.07
C GLU C 381 -2.40 -35.01 37.87
N VAL C 382 -1.73 -33.87 37.94
CA VAL C 382 -0.31 -33.78 37.62
C VAL C 382 0.56 -33.94 38.87
N ASN C 383 0.00 -34.46 39.96
CA ASN C 383 0.75 -34.77 41.18
C ASN C 383 1.39 -33.51 41.77
N MET C 384 0.52 -32.67 42.34
CA MET C 384 0.87 -31.40 42.97
C MET C 384 2.22 -31.43 43.66
N SER C 385 2.54 -32.55 44.31
CA SER C 385 3.89 -32.74 44.83
C SER C 385 4.84 -33.19 43.72
N ASP C 386 4.89 -32.42 42.63
CA ASP C 386 5.77 -32.70 41.50
C ASP C 386 7.04 -31.89 41.62
N SER C 387 8.13 -32.44 41.11
CA SER C 387 9.44 -31.80 41.23
C SER C 387 9.71 -30.84 40.06
N ALA C 388 8.73 -30.00 39.73
CA ALA C 388 8.97 -28.92 38.78
C ALA C 388 8.24 -27.63 39.12
N LEU C 389 7.50 -27.57 40.22
CA LEU C 389 6.69 -26.39 40.51
C LEU C 389 6.62 -26.06 41.99
N ASP C 390 7.59 -26.51 42.79
CA ASP C 390 7.49 -26.39 44.24
C ASP C 390 7.58 -24.95 44.73
N CYS C 391 7.94 -23.99 43.89
CA CYS C 391 7.97 -22.59 44.34
C CYS C 391 6.55 -22.08 44.57
N VAL C 392 5.65 -22.34 43.61
CA VAL C 392 4.27 -21.87 43.70
C VAL C 392 3.38 -22.87 44.43
N ARG C 393 3.97 -23.93 45.00
CA ARG C 393 3.18 -24.99 45.63
C ARG C 393 2.29 -24.44 46.73
N ASP C 394 2.87 -23.69 47.67
CA ASP C 394 2.06 -23.05 48.70
C ASP C 394 1.23 -21.91 48.12
N GLU C 395 1.87 -21.06 47.31
CA GLU C 395 1.18 -19.91 46.72
C GLU C 395 0.02 -20.34 45.84
N ALA C 396 -0.02 -21.62 45.44
CA ALA C 396 -1.14 -22.11 44.67
C ALA C 396 -2.45 -22.00 45.44
N ILE C 397 -2.43 -22.33 46.73
CA ILE C 397 -3.70 -22.47 47.44
C ILE C 397 -4.28 -21.12 47.82
N ASN C 398 -3.46 -20.25 48.42
CA ASN C 398 -4.00 -19.11 49.17
C ASN C 398 -4.90 -18.23 48.30
N LYS C 399 -4.44 -17.89 47.10
CA LYS C 399 -5.23 -17.01 46.23
C LYS C 399 -6.62 -17.58 46.00
N LEU C 400 -6.72 -18.87 45.69
CA LEU C 400 -8.05 -19.46 45.51
C LEU C 400 -8.90 -19.18 46.74
N GLN C 401 -8.35 -19.47 47.92
CA GLN C 401 -9.08 -19.21 49.17
C GLN C 401 -9.59 -17.78 49.21
N GLN C 402 -8.72 -16.80 48.93
CA GLN C 402 -9.14 -15.41 49.08
C GLN C 402 -10.28 -15.11 48.11
N ILE C 403 -10.18 -15.61 46.87
CA ILE C 403 -11.24 -15.32 45.91
C ILE C 403 -12.54 -15.94 46.39
N PHE C 404 -12.46 -17.10 47.06
CA PHE C 404 -13.64 -17.64 47.73
C PHE C 404 -14.20 -16.63 48.70
N ASN C 405 -13.37 -16.18 49.65
CA ASN C 405 -13.81 -15.16 50.59
C ASN C 405 -14.11 -13.84 49.89
N THR C 406 -13.66 -13.69 48.64
CA THR C 406 -14.05 -12.49 47.88
C THR C 406 -15.55 -12.46 47.64
N SER C 407 -16.13 -13.60 47.24
CA SER C 407 -17.54 -13.60 46.87
C SER C 407 -18.35 -14.75 47.45
N TYR C 408 -17.73 -15.86 47.83
CA TYR C 408 -18.46 -17.04 48.31
C TYR C 408 -18.26 -17.12 49.82
N ASN C 409 -19.13 -16.42 50.55
CA ASN C 409 -18.98 -16.34 52.00
C ASN C 409 -19.55 -17.57 52.69
N GLN C 410 -20.87 -17.78 52.58
CA GLN C 410 -21.50 -18.97 53.13
C GLN C 410 -22.53 -19.61 52.21
N THR C 411 -23.02 -18.91 51.19
CA THR C 411 -23.98 -19.51 50.27
C THR C 411 -23.34 -20.61 49.43
N TYR C 412 -22.11 -20.39 48.99
CA TYR C 412 -21.39 -21.33 48.14
C TYR C 412 -20.40 -22.11 49.00
N GLU C 413 -20.49 -23.43 48.95
CA GLU C 413 -19.63 -24.32 49.73
C GLU C 413 -18.62 -24.99 48.81
N LYS C 414 -17.40 -25.18 49.35
CA LYS C 414 -16.33 -25.81 48.59
C LYS C 414 -16.63 -27.29 48.36
N TYR C 415 -15.98 -27.84 47.33
CA TYR C 415 -16.21 -29.21 46.90
C TYR C 415 -14.86 -29.87 46.70
N GLY C 416 -14.43 -30.65 47.68
CA GLY C 416 -13.19 -31.39 47.55
C GLY C 416 -11.96 -30.51 47.67
N ASN C 417 -10.82 -31.14 47.36
CA ASN C 417 -9.53 -30.48 47.44
C ASN C 417 -9.21 -29.76 46.13
N VAL C 418 -8.10 -29.03 46.12
CA VAL C 418 -7.64 -28.36 44.92
C VAL C 418 -7.14 -29.40 43.92
N SER C 419 -7.29 -29.09 42.63
CA SER C 419 -6.85 -29.98 41.56
C SER C 419 -6.01 -29.20 40.56
N VAL C 420 -5.08 -29.92 39.94
CA VAL C 420 -4.08 -29.34 39.04
C VAL C 420 -4.14 -30.08 37.71
N PHE C 421 -4.32 -29.33 36.61
CA PHE C 421 -4.43 -29.88 35.27
C PHE C 421 -3.37 -29.25 34.38
N GLU C 422 -2.70 -30.08 33.59
CA GLU C 422 -1.75 -29.60 32.59
C GLU C 422 -2.45 -29.59 31.23
N THR C 423 -2.48 -28.43 30.59
CA THR C 423 -3.23 -28.28 29.34
C THR C 423 -2.40 -28.82 28.17
N THR C 424 -2.96 -28.71 26.97
CA THR C 424 -2.24 -29.14 25.77
C THR C 424 -1.17 -28.12 25.36
N GLY C 425 -1.41 -26.84 25.64
CA GLY C 425 -0.41 -25.83 25.27
C GLY C 425 0.88 -25.98 26.03
N GLY C 426 0.80 -26.23 27.33
CA GLY C 426 1.98 -26.38 28.15
C GLY C 426 1.90 -25.59 29.45
N LEU C 427 0.75 -24.99 29.71
CA LEU C 427 0.54 -24.16 30.88
C LEU C 427 -0.26 -24.93 31.93
N VAL C 428 0.17 -24.84 33.18
CA VAL C 428 -0.49 -25.54 34.27
C VAL C 428 -1.57 -24.64 34.86
N VAL C 429 -2.77 -25.19 35.03
CA VAL C 429 -3.91 -24.44 35.55
C VAL C 429 -4.54 -25.27 36.68
N PHE C 430 -4.82 -24.63 37.80
CA PHE C 430 -5.37 -25.33 38.95
C PHE C 430 -6.59 -24.62 39.51
N TRP C 431 -7.49 -25.42 40.07
CA TRP C 431 -8.85 -25.00 40.38
C TRP C 431 -9.34 -25.65 41.66
N GLN C 432 -10.35 -25.02 42.26
CA GLN C 432 -11.07 -25.54 43.41
C GLN C 432 -12.55 -25.59 43.05
N GLY C 433 -13.18 -26.73 43.30
CA GLY C 433 -14.58 -26.88 42.96
C GLY C 433 -15.50 -26.22 43.97
N ILE C 434 -16.64 -25.73 43.47
CA ILE C 434 -17.59 -25.05 44.33
C ILE C 434 -18.99 -25.49 43.94
N LYS C 435 -19.90 -25.48 44.91
CA LYS C 435 -21.30 -25.82 44.70
C LYS C 435 -22.14 -24.99 45.67
N GLN C 436 -23.45 -25.17 45.62
CA GLN C 436 -24.33 -24.47 46.54
C GLN C 436 -24.84 -25.42 47.62
N GLN C 483 -38.63 -30.79 46.27
CA GLN C 483 -39.38 -30.91 45.02
C GLN C 483 -38.92 -29.87 44.00
N LEU C 484 -39.02 -28.59 44.39
CA LEU C 484 -38.59 -27.51 43.51
C LEU C 484 -37.07 -27.44 43.37
N GLN C 485 -36.33 -28.17 44.20
CA GLN C 485 -34.88 -28.23 44.06
C GLN C 485 -34.49 -28.78 42.70
N PHE C 486 -35.22 -29.79 42.22
CA PHE C 486 -34.97 -30.34 40.89
C PHE C 486 -35.21 -29.29 39.82
N THR C 487 -36.27 -28.50 39.96
CA THR C 487 -36.53 -27.42 39.00
C THR C 487 -35.40 -26.41 38.99
N TYR C 488 -34.93 -26.01 40.17
CA TYR C 488 -33.81 -25.07 40.23
C TYR C 488 -32.57 -25.64 39.56
N ASP C 489 -32.29 -26.93 39.80
CA ASP C 489 -31.14 -27.56 39.17
C ASP C 489 -31.27 -27.57 37.66
N THR C 490 -32.46 -27.87 37.15
CA THR C 490 -32.66 -27.87 35.70
C THR C 490 -32.45 -26.48 35.11
N LEU C 491 -32.98 -25.44 35.79
CA LEU C 491 -32.78 -24.08 35.31
C LEU C 491 -31.30 -23.73 35.27
N ARG C 492 -30.57 -24.04 36.36
CA ARG C 492 -29.16 -23.71 36.39
C ARG C 492 -28.38 -24.45 35.31
N GLY C 493 -28.70 -25.72 35.10
CA GLY C 493 -28.03 -26.48 34.05
C GLY C 493 -28.30 -25.93 32.67
N TYR C 494 -29.54 -25.56 32.39
CA TYR C 494 -29.88 -25.00 31.09
C TYR C 494 -29.14 -23.69 30.85
N ILE C 495 -29.09 -22.81 31.86
CA ILE C 495 -28.38 -21.55 31.71
C ILE C 495 -26.89 -21.80 31.47
N ASN C 496 -26.30 -22.72 32.23
CA ASN C 496 -24.88 -23.03 32.06
C ASN C 496 -24.60 -23.55 30.65
N ARG C 497 -25.47 -24.43 30.14
CA ARG C 497 -25.29 -24.94 28.79
C ARG C 497 -25.36 -23.81 27.77
N ALA C 498 -26.31 -22.90 27.94
CA ALA C 498 -26.43 -21.77 27.01
C ALA C 498 -25.16 -20.93 27.00
N LEU C 499 -24.65 -20.58 28.19
CA LEU C 499 -23.46 -19.74 28.25
C LEU C 499 -22.25 -20.46 27.66
N ALA C 500 -22.10 -21.74 27.94
CA ALA C 500 -20.98 -22.50 27.37
C ALA C 500 -21.06 -22.51 25.86
N GLN C 501 -22.25 -22.70 25.30
CA GLN C 501 -22.38 -22.71 23.85
C GLN C 501 -22.09 -21.34 23.25
N ILE C 502 -22.50 -20.28 23.93
CA ILE C 502 -22.19 -18.93 23.44
C ILE C 502 -20.68 -18.71 23.40
N ALA C 503 -19.96 -19.10 24.45
CA ALA C 503 -18.51 -18.96 24.44
C ALA C 503 -17.87 -19.81 23.34
N GLU C 504 -18.39 -21.02 23.15
CA GLU C 504 -17.89 -21.91 22.11
C GLU C 504 -18.03 -21.26 20.73
N ALA C 505 -19.17 -20.63 20.48
CA ALA C 505 -19.34 -19.92 19.21
C ALA C 505 -18.48 -18.67 19.14
N TRP C 506 -18.19 -18.05 20.29
CA TRP C 506 -17.34 -16.86 20.30
C TRP C 506 -15.90 -17.19 19.96
N CYS C 507 -15.47 -18.43 20.21
CA CYS C 507 -14.08 -18.83 19.99
C CYS C 507 -13.52 -18.43 18.62
N VAL C 508 -14.35 -18.27 17.61
CA VAL C 508 -13.86 -18.11 16.23
C VAL C 508 -13.37 -16.69 15.93
N ASP C 509 -13.96 -15.68 16.56
CA ASP C 509 -13.58 -14.30 16.24
C ASP C 509 -12.13 -14.01 16.60
N GLN C 510 -11.57 -14.75 17.57
CA GLN C 510 -10.14 -14.59 17.86
C GLN C 510 -9.29 -15.04 16.67
N ARG C 511 -9.63 -16.19 16.08
CA ARG C 511 -8.97 -16.60 14.85
C ARG C 511 -9.11 -15.55 13.76
N ARG C 512 -10.32 -15.00 13.62
CA ARG C 512 -10.54 -13.99 12.59
C ARG C 512 -9.69 -12.75 12.83
N THR C 513 -9.60 -12.31 14.09
CA THR C 513 -8.82 -11.13 14.42
C THR C 513 -7.33 -11.36 14.17
N LEU C 514 -6.82 -12.55 14.51
CA LEU C 514 -5.42 -12.85 14.20
C LEU C 514 -5.19 -12.83 12.69
N GLU C 515 -6.13 -13.38 11.92
CA GLU C 515 -5.99 -13.34 10.47
C GLU C 515 -5.95 -11.89 9.96
N VAL C 516 -6.81 -11.04 10.51
CA VAL C 516 -6.84 -9.63 10.07
C VAL C 516 -5.53 -8.93 10.42
N PHE C 517 -5.05 -9.13 11.65
CA PHE C 517 -3.80 -8.49 12.05
C PHE C 517 -2.62 -8.99 11.25
N LYS C 518 -2.64 -10.25 10.80
CA LYS C 518 -1.52 -10.74 10.01
C LYS C 518 -1.36 -9.95 8.72
N GLU C 519 -2.42 -9.32 8.23
CA GLU C 519 -2.31 -8.49 7.03
C GLU C 519 -2.17 -7.01 7.36
N LEU C 520 -2.78 -6.54 8.45
CA LEU C 520 -2.54 -5.16 8.86
C LEU C 520 -1.09 -4.93 9.27
N SER C 521 -0.41 -5.95 9.77
CA SER C 521 0.98 -5.76 10.17
C SER C 521 1.88 -5.46 8.99
N LYS C 522 1.40 -5.66 7.76
CA LYS C 522 2.15 -5.33 6.57
C LYS C 522 2.06 -3.86 6.20
N ILE C 523 1.16 -3.11 6.82
CA ILE C 523 1.04 -1.68 6.59
C ILE C 523 1.90 -0.87 7.55
N ASN C 524 1.77 -1.12 8.85
CA ASN C 524 2.57 -0.42 9.84
C ASN C 524 2.76 -1.30 11.06
N PRO C 525 3.85 -2.09 11.13
CA PRO C 525 4.01 -3.00 12.27
C PRO C 525 4.07 -2.29 13.60
N SER C 526 4.70 -1.11 13.66
CA SER C 526 4.88 -0.41 14.92
C SER C 526 3.53 -0.07 15.54
N ALA C 527 2.61 0.49 14.75
CA ALA C 527 1.32 0.89 15.28
C ALA C 527 0.54 -0.30 15.79
N ILE C 528 0.52 -1.39 15.02
CA ILE C 528 -0.25 -2.57 15.40
C ILE C 528 0.29 -3.17 16.69
N LEU C 529 1.62 -3.34 16.77
CA LEU C 529 2.20 -3.95 17.96
C LEU C 529 2.05 -3.05 19.18
N SER C 530 2.23 -1.74 19.00
CA SER C 530 2.04 -0.82 20.12
C SER C 530 0.58 -0.78 20.56
N ALA C 531 -0.36 -1.00 19.66
CA ALA C 531 -1.76 -1.03 20.04
C ALA C 531 -2.09 -2.30 20.82
N ILE C 532 -1.58 -3.45 20.37
CA ILE C 532 -1.94 -4.70 21.03
C ILE C 532 -1.04 -5.04 22.20
N TYR C 533 0.00 -4.24 22.48
CA TYR C 533 0.82 -4.41 23.66
C TYR C 533 0.70 -3.28 24.67
N ASN C 534 0.09 -2.16 24.28
CA ASN C 534 -0.06 -0.99 25.15
C ASN C 534 1.28 -0.45 25.63
N LYS C 535 2.29 -0.56 24.77
CA LYS C 535 3.61 0.01 25.01
C LYS C 535 4.12 0.62 23.72
N PRO C 536 4.96 1.67 23.80
CA PRO C 536 5.56 2.24 22.59
C PRO C 536 6.68 1.36 22.08
N ILE C 537 6.43 0.68 20.95
CA ILE C 537 7.33 -0.34 20.44
C ILE C 537 7.63 -0.07 18.98
N ALA C 538 8.92 -0.18 18.62
CA ALA C 538 9.38 -0.06 17.25
C ALA C 538 9.75 -1.45 16.74
N ALA C 539 9.11 -1.86 15.66
CA ALA C 539 9.31 -3.19 15.10
C ALA C 539 9.61 -3.09 13.61
N ARG C 540 10.32 -4.09 13.10
CA ARG C 540 10.72 -4.07 11.70
C ARG C 540 10.77 -5.50 11.16
N PHE C 541 10.29 -5.67 9.93
CA PHE C 541 10.30 -6.98 9.31
C PHE C 541 11.73 -7.45 9.05
N MET C 542 11.93 -8.76 9.14
CA MET C 542 13.22 -9.40 8.92
C MET C 542 13.07 -10.58 7.99
N GLY C 543 12.40 -10.35 6.87
CA GLY C 543 12.06 -11.41 5.94
C GLY C 543 10.70 -11.98 6.22
N ASP C 544 10.56 -12.74 7.30
CA ASP C 544 9.29 -13.34 7.65
C ASP C 544 8.94 -13.25 9.13
N VAL C 545 9.82 -12.72 9.97
CA VAL C 545 9.61 -12.64 11.40
C VAL C 545 9.93 -11.22 11.86
N LEU C 546 9.13 -10.69 12.77
CA LEU C 546 9.30 -9.32 13.21
C LEU C 546 10.42 -9.20 14.24
N GLY C 547 11.11 -8.08 14.22
CA GLY C 547 12.11 -7.75 15.21
C GLY C 547 11.69 -6.55 16.04
N LEU C 548 11.78 -6.66 17.36
CA LEU C 548 11.26 -5.68 18.30
C LEU C 548 12.38 -4.84 18.91
N ALA C 549 12.01 -3.64 19.36
CA ALA C 549 12.91 -2.79 20.15
C ALA C 549 12.10 -1.64 20.72
N SER C 550 12.64 -1.00 21.75
CA SER C 550 12.02 0.18 22.30
C SER C 550 12.41 1.40 21.48
N CYS C 551 12.11 2.60 22.00
CA CYS C 551 12.37 3.83 21.28
C CYS C 551 13.54 4.58 21.91
N VAL C 552 14.47 5.01 21.05
CA VAL C 552 15.52 5.92 21.48
C VAL C 552 14.91 7.23 21.95
N THR C 553 15.54 7.85 22.93
CA THR C 553 15.06 9.12 23.49
C THR C 553 16.09 10.22 23.24
N ILE C 554 15.62 11.31 22.63
CA ILE C 554 16.44 12.45 22.27
C ILE C 554 16.57 13.34 23.50
N ASN C 555 17.49 14.32 23.47
CA ASN C 555 17.78 15.21 24.59
C ASN C 555 16.53 15.78 25.26
N GLN C 556 15.42 15.85 24.54
CA GLN C 556 14.11 16.29 25.02
C GLN C 556 14.05 17.77 25.33
N THR C 557 15.15 18.50 25.21
CA THR C 557 15.17 19.91 25.58
C THR C 557 15.35 20.85 24.40
N SER C 558 16.29 20.55 23.51
CA SER C 558 16.57 21.40 22.35
C SER C 558 16.05 20.68 21.11
N VAL C 559 14.77 20.82 20.83
CA VAL C 559 14.18 20.34 19.59
C VAL C 559 13.30 21.44 19.01
N LYS C 560 13.86 22.23 18.11
CA LYS C 560 13.14 23.35 17.50
C LYS C 560 12.42 22.87 16.27
N VAL C 561 11.10 23.07 16.23
CA VAL C 561 10.29 22.71 15.08
C VAL C 561 10.18 23.97 14.23
N LEU C 562 10.81 23.94 13.05
CA LEU C 562 10.84 25.12 12.20
C LEU C 562 9.44 25.48 11.73
N ARG C 563 9.14 26.77 11.76
CA ARG C 563 7.84 27.27 11.29
C ARG C 563 7.88 27.59 9.81
N ASP C 564 8.35 26.62 9.03
CA ASP C 564 8.43 26.76 7.58
C ASP C 564 8.24 25.40 6.95
N MET C 565 7.75 25.42 5.71
CA MET C 565 7.61 24.17 4.97
C MET C 565 8.09 24.28 3.53
N ASN C 566 8.44 25.47 3.04
CA ASN C 566 8.89 25.65 1.68
C ASN C 566 10.37 25.29 1.56
N VAL C 567 10.70 24.49 0.54
CA VAL C 567 12.10 24.18 0.28
C VAL C 567 12.77 25.44 -0.21
N LYS C 568 13.84 25.86 0.48
CA LYS C 568 14.44 27.16 0.22
C LYS C 568 15.04 27.25 -1.17
N GLU C 569 15.75 26.20 -1.60
CA GLU C 569 16.43 26.26 -2.89
C GLU C 569 15.45 26.11 -4.05
N SER C 570 14.49 25.20 -3.94
CA SER C 570 13.65 24.85 -5.08
C SER C 570 12.32 25.59 -5.00
N PRO C 571 12.00 26.46 -5.97
CA PRO C 571 10.69 27.11 -5.97
C PRO C 571 9.63 26.18 -6.55
N GLY C 572 8.50 26.10 -5.86
CA GLY C 572 7.41 25.22 -6.28
C GLY C 572 7.39 23.86 -5.61
N ARG C 573 8.20 23.65 -4.58
CA ARG C 573 8.22 22.39 -3.84
C ARG C 573 8.32 22.71 -2.37
N CYS C 574 7.48 22.09 -1.55
CA CYS C 574 7.47 22.35 -0.12
C CYS C 574 7.28 21.05 0.65
N TYR C 575 7.83 20.99 1.85
CA TYR C 575 7.86 19.76 2.65
C TYR C 575 6.46 19.23 2.92
N SER C 576 6.36 17.95 3.28
CA SER C 576 5.08 17.35 3.61
C SER C 576 4.79 17.31 5.10
N ARG C 577 5.83 17.18 5.93
CA ARG C 577 5.72 17.22 7.37
C ARG C 577 6.77 18.18 7.90
N PRO C 578 6.49 18.88 9.00
CA PRO C 578 7.41 19.93 9.45
C PRO C 578 8.79 19.37 9.78
N VAL C 579 9.81 20.14 9.48
CA VAL C 579 11.19 19.71 9.66
C VAL C 579 11.63 20.03 11.08
N VAL C 580 12.41 19.12 11.68
CA VAL C 580 12.81 19.20 13.07
C VAL C 580 14.32 19.14 13.15
N ILE C 581 14.89 19.79 14.17
CA ILE C 581 16.33 19.77 14.42
C ILE C 581 16.54 19.31 15.86
N PHE C 582 16.73 18.00 16.04
CA PHE C 582 16.93 17.44 17.37
C PHE C 582 18.43 17.35 17.65
N ASN C 583 18.79 16.63 18.71
CA ASN C 583 20.19 16.50 19.11
C ASN C 583 20.34 15.24 19.93
N PHE C 584 21.13 14.29 19.44
CA PHE C 584 21.29 13.02 20.15
C PHE C 584 22.01 13.23 21.48
N ALA C 585 21.70 12.37 22.43
CA ALA C 585 22.14 12.57 23.81
C ALA C 585 23.65 12.58 23.91
N ASN C 586 24.16 13.41 24.83
CA ASN C 586 25.59 13.56 25.11
C ASN C 586 26.40 13.93 23.88
N SER C 587 25.87 14.79 23.01
CA SER C 587 26.57 15.23 21.82
C SER C 587 26.36 16.74 21.63
N SER C 588 27.02 17.28 20.60
CA SER C 588 26.90 18.70 20.27
C SER C 588 26.82 18.90 18.76
N TYR C 589 26.22 17.96 18.04
CA TYR C 589 26.15 17.98 16.59
C TYR C 589 24.70 17.89 16.18
N VAL C 590 24.20 18.94 15.51
CA VAL C 590 22.79 18.99 15.15
C VAL C 590 22.49 18.00 14.03
N GLN C 591 21.20 17.67 13.90
CA GLN C 591 20.74 16.75 12.87
C GLN C 591 19.48 17.33 12.25
N TYR C 592 18.81 16.53 11.41
CA TYR C 592 17.61 16.99 10.73
C TYR C 592 16.65 15.81 10.57
N GLY C 593 15.47 15.93 11.17
CA GLY C 593 14.43 14.93 11.02
C GLY C 593 13.09 15.61 10.85
N GLN C 594 12.06 14.80 10.64
CA GLN C 594 10.73 15.33 10.41
C GLN C 594 9.74 14.77 11.41
N LEU C 595 8.79 15.61 11.82
CA LEU C 595 7.83 15.22 12.84
C LEU C 595 6.86 14.18 12.30
N GLY C 596 6.47 13.25 13.18
CA GLY C 596 5.49 12.25 12.83
C GLY C 596 4.25 12.36 13.70
N GLU C 597 3.49 11.29 13.80
CA GLU C 597 2.29 11.26 14.64
C GLU C 597 2.66 10.94 16.08
N ASP C 598 1.87 11.47 17.01
CA ASP C 598 2.05 11.25 18.44
C ASP C 598 3.42 11.73 18.91
N ASN C 599 3.94 12.78 18.27
CA ASN C 599 5.17 13.44 18.69
C ASN C 599 6.34 12.46 18.75
N GLU C 600 6.63 11.85 17.60
CA GLU C 600 7.82 11.01 17.46
C GLU C 600 8.54 11.39 16.18
N ILE C 601 9.84 11.59 16.27
CA ILE C 601 10.63 12.08 15.15
C ILE C 601 11.02 10.93 14.25
N LEU C 602 10.88 11.12 12.94
CA LEU C 602 11.32 10.15 11.96
C LEU C 602 12.47 10.74 11.15
N LEU C 603 13.50 9.94 10.95
CA LEU C 603 14.75 10.45 10.40
C LEU C 603 14.59 10.84 8.93
N GLY C 604 15.50 11.68 8.47
CA GLY C 604 15.54 12.09 7.09
C GLY C 604 14.99 13.50 6.88
N ASN C 605 15.29 14.06 5.72
CA ASN C 605 14.84 15.39 5.33
C ASN C 605 14.41 15.39 3.87
N HIS C 606 13.68 14.35 3.47
CA HIS C 606 13.45 14.10 2.06
C HIS C 606 12.00 13.74 1.75
N ARG C 607 11.06 14.22 2.56
CA ARG C 607 9.65 13.94 2.32
C ARG C 607 8.96 15.06 1.56
N THR C 608 9.69 15.73 0.66
CA THR C 608 9.16 16.87 -0.04
C THR C 608 7.99 16.46 -0.92
N GLU C 609 7.31 17.48 -1.45
CA GLU C 609 6.17 17.29 -2.34
C GLU C 609 5.92 18.61 -3.06
N GLU C 610 5.49 18.53 -4.31
CA GLU C 610 4.91 19.71 -4.92
C GLU C 610 3.65 20.06 -4.17
N CYS C 611 3.34 21.35 -4.09
CA CYS C 611 2.21 21.73 -3.24
C CYS C 611 1.42 22.85 -3.88
N GLN C 612 0.16 22.92 -3.45
CA GLN C 612 -0.91 23.59 -4.21
C GLN C 612 -1.77 24.37 -3.22
N LEU C 613 -1.63 25.69 -3.22
CA LEU C 613 -2.38 26.52 -2.32
C LEU C 613 -3.86 26.50 -2.68
N PRO C 614 -4.75 26.69 -1.71
CA PRO C 614 -4.54 26.81 -0.27
C PRO C 614 -4.45 25.47 0.45
N SER C 615 -3.89 25.47 1.66
CA SER C 615 -3.73 24.26 2.45
C SER C 615 -4.06 24.54 3.90
N LEU C 616 -4.52 23.51 4.61
CA LEU C 616 -4.93 23.64 6.01
C LEU C 616 -4.35 22.49 6.81
N LYS C 617 -3.05 22.26 6.69
CA LYS C 617 -2.47 21.08 7.30
C LYS C 617 -2.54 21.17 8.82
N ILE C 618 -2.90 20.06 9.46
CA ILE C 618 -2.98 19.97 10.92
C ILE C 618 -2.24 18.71 11.36
N PHE C 619 -1.26 18.89 12.24
CA PHE C 619 -0.42 17.80 12.70
C PHE C 619 -0.63 17.56 14.18
N ILE C 620 -0.75 16.29 14.55
CA ILE C 620 -1.10 15.89 15.91
C ILE C 620 0.17 15.68 16.72
N ALA C 621 0.23 16.31 17.88
CA ALA C 621 1.28 16.13 18.89
C ALA C 621 0.64 15.99 20.26
N GLY C 622 -0.33 15.08 20.36
CA GLY C 622 -1.26 14.97 21.46
C GLY C 622 -0.73 15.24 22.86
N ASN C 623 -1.48 16.02 23.64
CA ASN C 623 -2.75 16.56 23.19
C ASN C 623 -2.72 18.03 22.75
N SER C 624 -2.11 18.26 21.58
CA SER C 624 -2.06 19.59 20.99
C SER C 624 -1.64 19.48 19.53
N ALA C 625 -2.30 20.23 18.65
CA ALA C 625 -2.10 20.09 17.22
C ALA C 625 -1.59 21.40 16.62
N TYR C 626 -0.56 21.27 15.78
CA TYR C 626 -0.06 22.39 15.00
C TYR C 626 -0.96 22.61 13.79
N GLU C 627 -1.18 23.87 13.45
CA GLU C 627 -2.01 24.24 12.31
C GLU C 627 -1.20 25.10 11.35
N TYR C 628 -0.80 24.52 10.23
CA TYR C 628 -0.11 25.25 9.17
C TYR C 628 -1.12 25.65 8.10
N VAL C 629 -1.25 26.95 7.88
CA VAL C 629 -2.13 27.50 6.85
C VAL C 629 -1.27 28.17 5.80
N ASP C 630 -1.38 27.71 4.55
CA ASP C 630 -0.51 28.13 3.45
C ASP C 630 0.96 27.91 3.77
N TYR C 631 1.26 26.93 4.64
CA TYR C 631 2.60 26.49 4.96
C TYR C 631 3.38 27.49 5.82
N LEU C 632 2.69 28.34 6.59
CA LEU C 632 3.38 29.16 7.59
C LEU C 632 2.58 29.18 8.90
N PHE C 633 2.72 28.10 9.68
CA PHE C 633 2.52 28.07 11.13
C PHE C 633 1.47 29.06 11.66
N LYS C 634 0.21 28.92 11.26
CA LYS C 634 -0.81 29.87 11.68
C LYS C 634 -0.80 30.07 13.20
N ARG C 635 -1.09 29.02 13.95
CA ARG C 635 -1.13 29.10 15.41
C ARG C 635 -1.34 27.70 15.97
N MET C 636 -1.04 27.56 17.27
CA MET C 636 -1.34 26.34 17.99
C MET C 636 -2.83 26.28 18.30
N ILE C 637 -3.39 25.07 18.26
CA ILE C 637 -4.80 24.85 18.60
C ILE C 637 -4.88 23.69 19.58
N ASP C 638 -5.65 23.88 20.64
CA ASP C 638 -5.92 22.77 21.56
C ASP C 638 -6.83 21.76 20.88
N LEU C 639 -6.66 20.49 21.25
CA LEU C 639 -7.36 19.41 20.58
C LEU C 639 -8.74 19.26 21.20
N SER C 640 -9.62 20.17 20.82
CA SER C 640 -11.03 20.10 21.21
C SER C 640 -12.00 20.42 20.07
N SER C 641 -11.57 21.13 19.04
CA SER C 641 -12.45 21.54 17.96
C SER C 641 -12.45 20.56 16.79
N ILE C 642 -12.03 19.32 17.04
CA ILE C 642 -12.03 18.27 16.02
C ILE C 642 -12.81 17.10 16.61
N SER C 643 -14.05 16.93 16.19
CA SER C 643 -14.91 15.91 16.76
C SER C 643 -14.49 14.52 16.31
N THR C 644 -14.38 13.59 17.26
CA THR C 644 -14.01 12.23 16.93
C THR C 644 -15.13 11.53 16.19
N VAL C 645 -14.76 10.62 15.28
CA VAL C 645 -15.76 9.84 14.57
C VAL C 645 -16.49 8.91 15.53
N ASP C 646 -15.80 8.47 16.59
CA ASP C 646 -16.41 7.57 17.57
C ASP C 646 -17.58 8.26 18.26
N SER C 647 -17.42 9.54 18.58
CA SER C 647 -18.48 10.33 19.21
C SER C 647 -19.46 10.89 18.19
N MET C 648 -19.27 10.60 16.91
CA MET C 648 -20.13 11.12 15.85
C MET C 648 -20.81 10.00 15.07
N ILE C 649 -21.19 8.91 15.76
CA ILE C 649 -21.93 7.84 15.10
C ILE C 649 -23.26 8.34 14.57
N ALA C 650 -23.82 9.36 15.22
CA ALA C 650 -25.12 9.90 14.80
C ALA C 650 -24.93 10.76 13.55
N LEU C 651 -25.99 11.46 13.17
CA LEU C 651 -26.02 12.20 11.91
C LEU C 651 -25.34 13.54 12.08
N ASP C 652 -24.18 13.71 11.44
CA ASP C 652 -23.61 15.04 11.28
C ASP C 652 -24.51 15.86 10.36
N ILE C 653 -24.52 17.18 10.58
CA ILE C 653 -25.55 18.04 10.02
C ILE C 653 -25.63 17.89 8.50
N ASP C 654 -24.57 18.30 7.80
CA ASP C 654 -24.49 18.10 6.36
C ASP C 654 -23.11 18.45 5.86
N PRO C 655 -22.49 17.59 5.05
CA PRO C 655 -21.23 17.96 4.40
C PRO C 655 -21.47 19.04 3.35
N LEU C 656 -20.44 19.87 3.16
CA LEU C 656 -20.59 21.15 2.47
C LEU C 656 -20.36 21.09 0.97
N GLU C 657 -19.76 20.02 0.45
CA GLU C 657 -19.48 19.85 -0.98
C GLU C 657 -18.58 20.98 -1.50
N ASN C 658 -17.35 20.97 -1.01
CA ASN C 658 -16.37 21.97 -1.41
C ASN C 658 -15.71 21.57 -2.74
N THR C 659 -14.81 22.42 -3.21
CA THR C 659 -14.14 22.21 -4.49
C THR C 659 -12.78 22.89 -4.47
N ASP C 660 -11.96 22.54 -5.45
CA ASP C 660 -10.64 23.12 -5.61
C ASP C 660 -10.42 23.44 -7.08
N PHE C 661 -10.03 24.69 -7.37
CA PHE C 661 -9.96 25.13 -8.75
C PHE C 661 -8.58 25.00 -9.38
N ARG C 662 -7.51 25.08 -8.60
CA ARG C 662 -6.18 24.92 -9.18
C ARG C 662 -6.01 23.53 -9.78
N VAL C 663 -6.40 22.50 -9.04
CA VAL C 663 -6.25 21.13 -9.52
C VAL C 663 -7.11 20.91 -10.76
N LEU C 664 -8.34 21.44 -10.76
CA LEU C 664 -9.22 21.26 -11.89
C LEU C 664 -8.67 21.94 -13.13
N GLU C 665 -8.16 23.17 -12.98
CA GLU C 665 -7.59 23.87 -14.12
C GLU C 665 -6.32 23.18 -14.61
N LEU C 666 -5.60 22.51 -13.71
CA LEU C 666 -4.40 21.79 -14.13
C LEU C 666 -4.76 20.53 -14.89
N TYR C 667 -5.77 19.80 -14.42
CA TYR C 667 -6.25 18.62 -15.15
C TYR C 667 -6.77 18.99 -16.52
N SER C 668 -7.65 19.98 -16.60
CA SER C 668 -8.27 20.26 -17.89
C SER C 668 -7.43 21.21 -18.74
N GLN C 669 -6.13 20.93 -18.83
CA GLN C 669 -5.31 21.45 -19.90
C GLN C 669 -4.26 20.43 -20.36
N LYS C 670 -4.30 19.22 -19.81
CA LYS C 670 -3.48 18.09 -20.25
C LYS C 670 -1.99 18.34 -20.09
N GLU C 671 -1.59 18.67 -18.86
CA GLU C 671 -0.19 18.59 -18.45
C GLU C 671 -0.13 17.91 -17.08
N LEU C 672 -0.95 16.89 -16.90
CA LEU C 672 -1.09 16.17 -15.62
C LEU C 672 0.09 15.21 -15.46
N ARG C 673 1.23 15.77 -15.06
CA ARG C 673 2.44 14.98 -14.90
C ARG C 673 2.98 14.97 -13.48
N SER C 674 3.20 16.14 -12.88
CA SER C 674 3.82 16.23 -11.57
C SER C 674 2.86 16.76 -10.50
N SER C 675 2.28 17.93 -10.73
CA SER C 675 1.35 18.52 -9.78
C SER C 675 -0.08 18.02 -9.97
N ASN C 676 -0.29 17.08 -10.90
CA ASN C 676 -1.63 16.58 -11.16
C ASN C 676 -2.27 16.05 -9.89
N VAL C 677 -1.55 15.21 -9.16
CA VAL C 677 -2.05 14.61 -7.93
C VAL C 677 -0.85 14.29 -7.08
N PHE C 678 -1.04 14.33 -5.77
CA PHE C 678 0.00 13.93 -4.84
C PHE C 678 -0.36 12.62 -4.17
N ASP C 679 -1.36 11.92 -4.68
CA ASP C 679 -1.83 10.67 -4.09
C ASP C 679 -2.21 10.88 -2.63
N LEU C 680 -2.98 11.93 -2.34
CA LEU C 680 -3.24 12.29 -0.96
C LEU C 680 -3.94 11.16 -0.21
N GLU C 681 -4.92 10.49 -0.83
CA GLU C 681 -5.47 9.25 -0.30
C GLU C 681 -4.60 8.11 -0.82
N GLU C 682 -3.45 7.94 -0.18
CA GLU C 682 -2.30 7.32 -0.82
C GLU C 682 -2.55 5.90 -1.32
N ILE C 683 -2.74 4.95 -0.41
CA ILE C 683 -2.53 3.55 -0.77
C ILE C 683 -3.53 3.07 -1.82
N MET C 684 -4.60 3.83 -2.06
CA MET C 684 -5.54 3.54 -3.14
C MET C 684 -5.13 4.23 -4.45
N ARG C 685 -5.06 5.56 -4.44
CA ARG C 685 -4.69 6.29 -5.64
C ARG C 685 -3.26 6.01 -6.08
N GLU C 686 -2.44 5.43 -5.20
CA GLU C 686 -1.04 5.18 -5.53
C GLU C 686 -0.83 3.99 -6.44
N PHE C 687 -1.61 2.92 -6.31
CA PHE C 687 -1.33 1.75 -7.13
C PHE C 687 -2.02 1.80 -8.48
N ASN C 688 -2.89 2.78 -8.71
CA ASN C 688 -3.44 2.99 -10.05
C ASN C 688 -2.47 3.71 -10.97
N SER C 689 -1.41 4.31 -10.42
CA SER C 689 -0.45 5.08 -11.20
C SER C 689 0.90 4.40 -11.36
N TYR C 690 1.17 3.33 -10.61
CA TYR C 690 2.51 2.77 -10.58
C TYR C 690 2.91 2.19 -11.93
N LYS C 691 1.98 1.51 -12.60
CA LYS C 691 2.27 0.94 -13.90
C LYS C 691 2.59 2.00 -14.94
N GLN C 692 2.20 3.25 -14.68
CA GLN C 692 2.53 4.35 -15.58
C GLN C 692 3.93 4.89 -15.29
N ARG C 693 4.30 4.96 -14.02
CA ARG C 693 5.66 5.34 -13.67
C ARG C 693 6.66 4.32 -14.17
N VAL C 694 6.27 3.04 -14.20
CA VAL C 694 7.16 2.01 -14.75
C VAL C 694 7.47 2.31 -16.21
N LYS C 695 6.46 2.68 -17.00
CA LYS C 695 6.71 3.03 -18.40
C LYS C 695 7.53 4.30 -18.52
N TYR C 696 7.25 5.30 -17.68
CA TYR C 696 8.10 6.48 -17.65
C TYR C 696 9.56 6.09 -17.50
N VAL C 697 9.84 5.25 -16.49
CA VAL C 697 11.22 4.88 -16.19
C VAL C 697 11.83 4.11 -17.34
N GLU C 698 11.08 3.17 -17.92
CA GLU C 698 11.65 2.36 -18.99
C GLU C 698 11.98 3.21 -20.22
N ASP C 699 11.02 4.00 -20.70
CA ASP C 699 11.26 4.82 -21.88
C ASP C 699 12.37 5.83 -21.62
N LYS C 700 12.34 6.41 -20.43
CA LYS C 700 13.36 7.39 -20.04
C LYS C 700 14.75 6.79 -20.00
N VAL C 701 14.86 5.57 -19.49
CA VAL C 701 16.15 4.90 -19.41
C VAL C 701 16.67 4.52 -20.79
N VAL C 702 15.79 4.06 -21.68
CA VAL C 702 16.26 3.50 -22.95
C VAL C 702 17.08 4.52 -23.73
N ASP C 703 16.67 5.78 -23.73
CA ASP C 703 17.35 6.71 -24.61
C ASP C 703 18.80 6.97 -24.15
N PRO C 704 19.10 7.56 -22.90
CA PRO C 704 20.49 7.61 -22.43
C PRO C 704 21.04 6.28 -21.93
N LEU C 705 20.76 5.20 -22.66
CA LEU C 705 21.33 3.89 -22.38
C LEU C 705 22.04 3.41 -23.64
N PRO C 706 23.20 2.76 -23.52
CA PRO C 706 24.11 2.61 -24.67
C PRO C 706 23.39 2.11 -25.90
N PRO C 707 23.26 2.96 -26.92
CA PRO C 707 22.55 2.55 -28.14
C PRO C 707 23.42 1.72 -29.06
N TYR C 708 22.92 1.42 -30.25
CA TYR C 708 23.66 0.63 -31.22
C TYR C 708 24.48 1.60 -32.08
N LEU C 709 25.41 2.29 -31.43
CA LEU C 709 26.38 3.16 -32.11
C LEU C 709 25.66 4.18 -32.99
N LYS C 710 25.09 5.18 -32.30
CA LYS C 710 24.07 6.10 -32.79
C LYS C 710 24.23 6.47 -34.26
N GLY C 711 25.47 6.61 -34.73
CA GLY C 711 25.69 6.78 -36.16
C GLY C 711 25.00 5.72 -37.00
N LEU C 712 24.91 4.49 -36.48
CA LEU C 712 24.24 3.41 -37.20
C LEU C 712 22.73 3.60 -37.25
N ASP C 713 22.16 4.36 -36.30
CA ASP C 713 20.72 4.45 -36.18
C ASP C 713 20.08 5.00 -37.45
N ASP C 714 20.84 5.71 -38.28
CA ASP C 714 20.28 6.26 -39.50
C ASP C 714 19.98 5.17 -40.51
N LEU C 715 20.82 4.13 -40.57
CA LEU C 715 20.67 3.09 -41.60
C LEU C 715 19.28 2.49 -41.59
N MET C 716 18.74 2.23 -40.39
CA MET C 716 17.38 1.71 -40.29
C MET C 716 16.40 2.61 -41.04
N SER C 717 16.45 3.92 -40.75
CA SER C 717 15.59 4.86 -41.47
C SER C 717 15.90 4.83 -42.96
N GLY C 718 17.18 4.66 -43.31
CA GLY C 718 17.54 4.51 -44.71
C GLY C 718 16.83 3.35 -45.36
N LEU C 719 16.68 2.24 -44.63
CA LEU C 719 15.87 1.13 -45.13
C LEU C 719 14.41 1.27 -44.74
N GLY C 720 14.10 2.16 -43.80
CA GLY C 720 12.73 2.32 -43.37
C GLY C 720 11.82 2.84 -44.45
N ALA C 721 12.29 3.80 -45.23
CA ALA C 721 11.46 4.40 -46.27
C ALA C 721 11.22 3.43 -47.42
N ALA C 722 12.29 3.02 -48.09
CA ALA C 722 12.19 2.16 -49.27
C ALA C 722 13.59 1.61 -49.55
N GLY C 723 13.74 0.95 -50.68
CA GLY C 723 14.99 0.33 -51.09
C GLY C 723 14.85 -1.18 -51.02
N LYS C 724 15.38 -1.86 -52.04
CA LYS C 724 15.27 -3.31 -52.14
C LYS C 724 16.62 -3.99 -52.02
N ALA C 725 17.60 -3.63 -52.85
CA ALA C 725 18.92 -4.23 -52.80
C ALA C 725 20.06 -3.23 -52.73
N VAL C 726 19.81 -1.94 -52.95
CA VAL C 726 20.84 -0.94 -52.72
C VAL C 726 21.19 -0.85 -51.25
N GLY C 727 20.28 -1.30 -50.37
CA GLY C 727 20.55 -1.26 -48.95
C GLY C 727 21.77 -2.05 -48.55
N VAL C 728 22.01 -3.18 -49.20
CA VAL C 728 23.16 -4.02 -48.85
C VAL C 728 24.46 -3.29 -49.15
N ALA C 729 24.60 -2.76 -50.37
CA ALA C 729 25.83 -2.06 -50.73
C ALA C 729 26.01 -0.81 -49.88
N ILE C 730 24.93 -0.08 -49.64
CA ILE C 730 25.00 1.10 -48.78
C ILE C 730 25.46 0.71 -47.39
N GLY C 731 24.95 -0.41 -46.87
CA GLY C 731 25.37 -0.88 -45.57
C GLY C 731 26.84 -1.24 -45.51
N ALA C 732 27.34 -1.89 -46.56
CA ALA C 732 28.77 -2.25 -46.58
C ALA C 732 29.66 -1.01 -46.60
N VAL C 733 29.33 -0.06 -47.48
CA VAL C 733 30.11 1.17 -47.56
C VAL C 733 30.04 1.93 -46.24
N GLY C 734 28.85 2.02 -45.66
CA GLY C 734 28.71 2.65 -44.36
C GLY C 734 29.49 1.94 -43.28
N GLY C 735 29.59 0.62 -43.37
CA GLY C 735 30.37 -0.12 -42.38
C GLY C 735 31.83 0.27 -42.43
N ALA C 736 32.40 0.31 -43.64
CA ALA C 736 33.80 0.72 -43.77
C ALA C 736 34.01 2.16 -43.29
N VAL C 737 33.12 3.06 -43.73
CA VAL C 737 33.28 4.47 -43.38
C VAL C 737 33.16 4.66 -41.88
N ALA C 738 32.19 3.99 -41.25
CA ALA C 738 32.02 4.11 -39.81
C ALA C 738 33.20 3.50 -39.07
N SER C 739 33.77 2.42 -39.59
CA SER C 739 34.94 1.83 -38.96
C SER C 739 36.09 2.83 -38.91
N VAL C 740 36.30 3.57 -40.00
CA VAL C 740 37.36 4.59 -39.99
C VAL C 740 36.99 5.77 -39.08
N VAL C 741 35.74 6.25 -39.20
CA VAL C 741 35.35 7.48 -38.52
C VAL C 741 35.29 7.29 -37.01
N GLU C 742 34.95 6.08 -36.54
CA GLU C 742 34.94 5.85 -35.10
C GLU C 742 36.34 5.96 -34.51
N GLY C 743 37.34 5.41 -35.21
CA GLY C 743 38.72 5.59 -34.76
C GLY C 743 39.13 7.06 -34.78
N VAL C 744 38.73 7.78 -35.83
CA VAL C 744 39.05 9.21 -35.90
C VAL C 744 38.45 9.95 -34.70
N ALA C 745 37.18 9.67 -34.39
CA ALA C 745 36.53 10.35 -33.28
C ALA C 745 37.15 9.96 -31.94
N THR C 746 37.53 8.69 -31.79
CA THR C 746 38.19 8.26 -30.56
C THR C 746 39.50 8.99 -30.36
N PHE C 747 40.26 9.18 -31.44
CA PHE C 747 41.46 10.01 -31.35
C PHE C 747 41.11 11.45 -30.98
N LEU C 748 40.03 11.98 -31.57
CA LEU C 748 39.66 13.36 -31.33
C LEU C 748 39.22 13.62 -29.90
N LYS C 749 38.65 12.62 -29.22
CA LYS C 749 38.12 12.84 -27.88
C LYS C 749 39.18 13.10 -26.83
N ASN C 750 40.41 12.62 -27.03
CA ASN C 750 41.45 12.91 -26.04
C ASN C 750 41.86 14.38 -26.13
N PRO C 751 42.13 15.01 -24.98
CA PRO C 751 42.49 16.44 -25.02
C PRO C 751 43.72 16.73 -25.86
N PHE C 752 44.71 15.84 -25.84
CA PHE C 752 45.93 16.07 -26.61
C PHE C 752 45.65 16.08 -28.10
N GLY C 753 44.80 15.17 -28.57
CA GLY C 753 44.42 15.17 -29.97
C GLY C 753 43.66 16.42 -30.37
N ALA C 754 42.75 16.88 -29.50
CA ALA C 754 42.02 18.11 -29.78
C ALA C 754 42.98 19.29 -29.87
N PHE C 755 43.95 19.36 -28.96
CA PHE C 755 44.94 20.43 -29.02
C PHE C 755 45.77 20.34 -30.29
N THR C 756 46.11 19.13 -30.73
CA THR C 756 46.86 18.96 -31.97
C THR C 756 46.04 19.45 -33.16
N ILE C 757 44.74 19.13 -33.20
CA ILE C 757 43.90 19.59 -34.29
C ILE C 757 43.82 21.12 -34.30
N ILE C 758 43.63 21.71 -33.12
CA ILE C 758 43.59 23.17 -33.03
C ILE C 758 44.89 23.77 -33.54
N LEU C 759 46.02 23.19 -33.12
CA LEU C 759 47.33 23.70 -33.52
C LEU C 759 47.51 23.63 -35.02
N VAL C 760 47.17 22.51 -35.64
CA VAL C 760 47.40 22.38 -37.07
C VAL C 760 46.47 23.30 -37.85
N ALA C 761 45.23 23.47 -37.39
CA ALA C 761 44.32 24.39 -38.06
C ALA C 761 44.84 25.83 -38.00
N ILE C 762 45.28 26.25 -36.81
CA ILE C 762 45.82 27.60 -36.66
C ILE C 762 47.08 27.77 -37.51
N ALA C 763 47.94 26.75 -37.55
CA ALA C 763 49.15 26.83 -38.34
C ALA C 763 48.84 26.96 -39.82
N VAL C 764 47.85 26.21 -40.31
CA VAL C 764 47.46 26.32 -41.72
C VAL C 764 46.94 27.72 -42.02
N VAL C 765 46.06 28.23 -41.15
CA VAL C 765 45.51 29.56 -41.38
C VAL C 765 46.61 30.61 -41.40
N ILE C 766 47.60 30.48 -40.52
CA ILE C 766 48.73 31.40 -40.51
C ILE C 766 49.55 31.24 -41.80
N ILE C 767 49.75 30.00 -42.25
CA ILE C 767 50.49 29.72 -43.47
C ILE C 767 49.83 30.37 -44.68
N ILE C 768 48.49 30.52 -44.64
CA ILE C 768 47.81 31.24 -45.72
C ILE C 768 48.40 32.62 -45.92
N TYR C 769 48.64 33.33 -44.83
CA TYR C 769 49.32 34.63 -44.89
C TYR C 769 50.74 34.49 -45.42
#